data_6BEB
#
_entry.id   6BEB
#
_cell.length_a   188.190
_cell.length_b   188.190
_cell.length_c   260.170
_cell.angle_alpha   90.000
_cell.angle_beta   90.000
_cell.angle_gamma   120.000
#
_symmetry.space_group_name_H-M   'P 61 2 2'
#
loop_
_entity.id
_entity.type
_entity.pdbx_description
1 polymer 'Scaffold protein D13'
2 non-polymer 'rifamycin SV'
3 non-polymer 'FORMIC ACID'
4 non-polymer 1,2-ETHANEDIOL
5 water water
#
_entity_poly.entity_id   1
_entity_poly.type   'polypeptide(L)'
_entity_poly.pdbx_seq_one_letter_code
;MSYYHHHHHHDYDIPTTENLYFQGAMNNTIINSLIGGDDSIKRSNVFAVDSQIPTLYMPQYISLSGVMTNDGPDNQAIAS
FEIRDQYITALNHLVLSLELPEVKGMGRFGYVPYVGYKCINHVSISSCNGVIWEIEGEELYNNCINNTIALKHSGYSSEL
NDISIGLTPNDTIKEPSTVYVYIKTPFDVEDTFSSLKLSDSKITVTVTFNPVSDIVIRDSSFDFETFNKEFVYVPELSFI
GYMVKNVQIKPSFIEKPRRVIGQINQPTATVTEVHAATSLSVYTKPYYGNTDNKFISYPGYSQDEKDYIDAYVSRLLDDL
VIVSDGPPTGYPESAEIVEVPEDGIVSIQDADVYVKIDNVPDNMSVYLHTNLLMFGTRKNSFIYNISKKFSAITGTYSDA
TKRTIFAHISHSINIIDTSIPVSLWTSQRNVYNGDNRSAESKAKDLFINDPFIKGIDFKNKTDIISRLEVRFGNDVLYSE
NGPISRIYNELLTKSNNGTRTLTFNFTPKIFFRPTTITANVSRGKDKLSVRVVYSTMGVNHPIYYVQKQLVVVCNDLYKV
SYDQGVSITKIMGDNN
;
_entity_poly.pdbx_strand_id   A,B,C
#
loop_
_chem_comp.id
_chem_comp.type
_chem_comp.name
_chem_comp.formula
EDO non-polymer 1,2-ETHANEDIOL 'C2 H6 O2'
FMT non-polymer 'FORMIC ACID' 'C H2 O2'
RFV non-polymer 'rifamycin SV' 'C37 H49 N O12'
#
# COMPACT_ATOMS: atom_id res chain seq x y z
N MET A 26 -36.46 -15.05 3.69
CA MET A 26 -36.70 -13.61 3.56
C MET A 26 -36.74 -12.88 4.91
N ASN A 27 -37.26 -13.56 5.97
CA ASN A 27 -37.40 -13.05 7.34
C ASN A 27 -38.29 -11.81 7.45
N ILE A 41 -47.32 9.36 -1.68
CA ILE A 41 -46.08 10.12 -1.77
C ILE A 41 -45.31 9.83 -3.05
N LYS A 42 -44.78 10.88 -3.69
CA LYS A 42 -44.00 10.79 -4.93
C LYS A 42 -42.59 10.26 -4.59
N ARG A 43 -42.24 9.08 -5.12
CA ARG A 43 -40.97 8.42 -4.84
C ARG A 43 -40.07 8.32 -6.06
N SER A 44 -38.77 8.61 -5.88
CA SER A 44 -37.76 8.49 -6.93
C SER A 44 -37.33 7.03 -7.02
N ASN A 45 -37.31 6.48 -8.24
CA ASN A 45 -36.95 5.09 -8.48
C ASN A 45 -35.45 4.85 -8.27
N VAL A 46 -35.12 4.00 -7.27
CA VAL A 46 -33.72 3.67 -6.97
C VAL A 46 -33.38 2.24 -7.41
N PHE A 47 -34.35 1.53 -8.00
CA PHE A 47 -34.14 0.17 -8.49
C PHE A 47 -34.17 0.08 -10.01
N ALA A 48 -34.40 1.21 -10.69
CA ALA A 48 -34.42 1.26 -12.14
C ALA A 48 -34.16 2.67 -12.65
N VAL A 49 -33.64 2.75 -13.85
CA VAL A 49 -33.34 4.01 -14.53
C VAL A 49 -33.61 3.84 -16.02
N ASP A 50 -34.00 4.94 -16.68
CA ASP A 50 -34.19 4.94 -18.13
C ASP A 50 -32.79 5.08 -18.71
N SER A 51 -32.31 4.02 -19.41
CA SER A 51 -30.98 3.99 -20.03
C SER A 51 -30.96 4.98 -21.20
N GLN A 52 -30.45 6.20 -20.92
CA GLN A 52 -30.33 7.30 -21.88
C GLN A 52 -29.45 6.90 -23.05
N ILE A 53 -29.82 7.32 -24.27
CA ILE A 53 -29.00 7.03 -25.45
C ILE A 53 -27.97 8.15 -25.52
N PRO A 54 -26.66 7.84 -25.48
CA PRO A 54 -25.67 8.92 -25.51
C PRO A 54 -25.39 9.40 -26.92
N THR A 55 -24.60 10.48 -27.03
CA THR A 55 -24.09 11.04 -28.28
C THR A 55 -23.39 9.86 -28.99
N LEU A 56 -23.56 9.73 -30.31
CA LEU A 56 -22.90 8.66 -31.04
C LEU A 56 -21.41 9.00 -31.21
N TYR A 57 -20.56 8.12 -30.70
CA TYR A 57 -19.12 8.30 -30.78
C TYR A 57 -18.39 6.96 -30.85
N MET A 58 -17.09 7.04 -31.15
CA MET A 58 -16.18 5.91 -31.20
C MET A 58 -14.81 6.34 -30.65
N PRO A 59 -14.31 5.70 -29.58
CA PRO A 59 -12.99 6.06 -29.07
C PRO A 59 -11.87 5.31 -29.78
N GLN A 60 -10.65 5.84 -29.70
CA GLN A 60 -9.48 5.21 -30.30
C GLN A 60 -8.23 5.65 -29.55
N TYR A 61 -7.33 4.69 -29.23
CA TYR A 61 -6.05 5.03 -28.63
C TYR A 61 -5.15 5.38 -29.80
N ILE A 62 -4.73 6.66 -29.89
CA ILE A 62 -3.89 7.16 -30.97
C ILE A 62 -2.51 7.49 -30.43
N SER A 63 -1.46 7.00 -31.12
CA SER A 63 -0.06 7.23 -30.79
C SER A 63 0.61 8.00 -31.93
N LEU A 64 1.39 9.05 -31.57
CA LEU A 64 2.07 9.95 -32.50
C LEU A 64 3.53 10.15 -32.18
N SER A 65 4.36 10.11 -33.23
CA SER A 65 5.76 10.44 -33.13
C SER A 65 5.83 11.97 -33.26
N GLY A 66 6.79 12.58 -32.58
CA GLY A 66 6.93 14.02 -32.62
C GLY A 66 8.03 14.54 -33.52
N VAL A 67 8.31 15.83 -33.38
CA VAL A 67 9.37 16.53 -34.09
C VAL A 67 10.29 17.07 -33.01
N MET A 68 11.55 16.63 -33.02
CA MET A 68 12.53 17.06 -32.02
C MET A 68 13.27 18.31 -32.45
N THR A 69 13.39 19.26 -31.51
CA THR A 69 14.06 20.55 -31.67
C THR A 69 15.02 20.76 -30.48
N ASN A 70 15.99 21.70 -30.61
CA ASN A 70 16.97 22.05 -29.58
C ASN A 70 17.19 23.58 -29.54
N ASP A 74 19.94 27.60 -25.62
CA ASP A 74 20.30 26.72 -24.51
C ASP A 74 20.40 25.25 -24.95
N ASN A 75 19.92 24.94 -26.17
CA ASN A 75 19.88 23.61 -26.81
C ASN A 75 19.05 22.59 -25.99
N GLN A 76 17.92 23.09 -25.42
CA GLN A 76 16.96 22.30 -24.63
C GLN A 76 16.05 21.52 -25.59
N ALA A 77 15.91 20.19 -25.35
CA ALA A 77 15.08 19.31 -26.18
C ALA A 77 13.59 19.64 -26.10
N ILE A 78 12.94 19.80 -27.27
CA ILE A 78 11.52 20.11 -27.39
C ILE A 78 10.90 19.15 -28.40
N ALA A 79 9.81 18.47 -28.00
CA ALA A 79 9.04 17.56 -28.84
C ALA A 79 7.70 18.23 -29.16
N SER A 80 7.33 18.26 -30.43
CA SER A 80 6.07 18.85 -30.89
C SER A 80 5.20 17.79 -31.53
N PHE A 81 3.92 17.73 -31.12
CA PHE A 81 2.96 16.77 -31.62
C PHE A 81 1.74 17.51 -32.15
N GLU A 82 1.47 17.39 -33.45
CA GLU A 82 0.35 18.05 -34.12
C GLU A 82 -0.83 17.10 -34.27
N ILE A 83 -1.98 17.49 -33.72
CA ILE A 83 -3.22 16.70 -33.74
C ILE A 83 -4.26 17.45 -34.58
N ARG A 84 -4.65 16.83 -35.68
CA ARG A 84 -5.65 17.33 -36.61
C ARG A 84 -6.13 16.17 -37.48
N ASP A 85 -7.41 15.85 -37.41
CA ASP A 85 -8.05 14.81 -38.21
C ASP A 85 -9.52 15.12 -38.27
N GLN A 86 -10.13 15.03 -39.46
CA GLN A 86 -11.55 15.35 -39.63
C GLN A 86 -12.45 14.44 -38.80
N TYR A 87 -11.91 13.29 -38.37
CA TYR A 87 -12.62 12.32 -37.56
C TYR A 87 -12.26 12.40 -36.08
N ILE A 88 -11.12 13.03 -35.66
CA ILE A 88 -10.84 13.21 -34.22
C ILE A 88 -11.57 14.49 -33.80
N THR A 89 -12.70 14.34 -33.11
CA THR A 89 -13.56 15.46 -32.69
C THR A 89 -13.18 15.97 -31.30
N ALA A 90 -12.77 15.05 -30.43
CA ALA A 90 -12.44 15.32 -29.04
C ALA A 90 -11.31 14.39 -28.60
N LEU A 91 -10.60 14.79 -27.55
CA LEU A 91 -9.51 14.00 -26.98
C LEU A 91 -9.34 14.27 -25.50
N ASN A 92 -8.66 13.34 -24.81
CA ASN A 92 -8.26 13.41 -23.41
C ASN A 92 -7.26 12.29 -23.09
N HIS A 93 -6.87 12.14 -21.81
CA HIS A 93 -5.96 11.12 -21.29
C HIS A 93 -4.67 11.03 -22.09
N LEU A 94 -3.85 12.09 -22.00
CA LEU A 94 -2.56 12.16 -22.68
C LEU A 94 -1.56 11.33 -21.89
N VAL A 95 -0.80 10.48 -22.61
CA VAL A 95 0.25 9.63 -22.07
C VAL A 95 1.47 9.79 -22.96
N LEU A 96 2.60 10.19 -22.38
CA LEU A 96 3.86 10.33 -23.12
C LEU A 96 4.75 9.12 -22.82
N SER A 97 5.22 8.43 -23.87
CA SER A 97 6.15 7.30 -23.80
C SER A 97 7.56 7.82 -23.98
N LEU A 98 8.51 7.22 -23.28
CA LEU A 98 9.92 7.55 -23.42
C LEU A 98 10.74 6.30 -23.47
N GLU A 99 11.52 6.17 -24.54
CA GLU A 99 12.41 5.04 -24.75
C GLU A 99 13.76 5.37 -24.10
N LEU A 100 14.04 4.74 -22.94
CA LEU A 100 15.31 4.92 -22.24
C LEU A 100 16.34 3.97 -22.88
N PRO A 101 17.51 4.48 -23.31
CA PRO A 101 18.48 3.61 -24.01
C PRO A 101 19.26 2.67 -23.11
N GLU A 102 20.03 1.78 -23.74
CA GLU A 102 20.93 0.88 -23.03
C GLU A 102 22.08 1.76 -22.54
N VAL A 103 22.50 1.56 -21.28
CA VAL A 103 23.59 2.32 -20.71
C VAL A 103 24.74 1.33 -20.53
N LYS A 104 25.87 1.61 -21.20
CA LYS A 104 27.07 0.78 -21.17
C LYS A 104 28.28 1.55 -20.66
N GLY A 105 29.25 0.81 -20.13
CA GLY A 105 30.50 1.39 -19.67
C GLY A 105 30.82 1.10 -18.22
N MET A 106 31.76 1.88 -17.68
CA MET A 106 32.21 1.75 -16.31
C MET A 106 31.60 2.82 -15.42
N GLY A 107 31.51 2.50 -14.14
CA GLY A 107 31.00 3.44 -13.16
C GLY A 107 29.64 3.09 -12.61
N ARG A 108 29.21 3.88 -11.60
N ARG A 108 29.20 3.89 -11.61
CA ARG A 108 27.92 3.75 -10.92
CA ARG A 108 27.92 3.75 -10.94
C ARG A 108 26.88 4.67 -11.57
C ARG A 108 26.88 4.67 -11.57
N PHE A 109 25.69 4.12 -11.88
CA PHE A 109 24.59 4.83 -12.55
C PHE A 109 23.23 4.27 -12.20
N GLY A 110 22.29 5.20 -12.04
CA GLY A 110 20.88 4.90 -11.79
C GLY A 110 20.03 6.08 -12.19
N TYR A 111 18.72 5.84 -12.36
CA TYR A 111 17.74 6.88 -12.70
C TYR A 111 17.03 7.32 -11.45
N VAL A 112 16.60 8.59 -11.41
CA VAL A 112 15.84 9.14 -10.29
C VAL A 112 14.48 8.39 -10.20
N PRO A 113 13.83 8.25 -9.03
CA PRO A 113 12.50 7.61 -8.99
C PRO A 113 11.53 8.42 -9.81
N TYR A 114 10.58 7.76 -10.50
CA TYR A 114 9.56 8.41 -11.35
C TYR A 114 10.23 9.21 -12.46
N VAL A 115 11.29 8.62 -13.06
CA VAL A 115 12.16 9.18 -14.10
C VAL A 115 11.37 9.95 -15.19
N GLY A 116 10.28 9.35 -15.67
CA GLY A 116 9.40 9.94 -16.69
C GLY A 116 8.89 11.32 -16.35
N TYR A 117 8.41 11.51 -15.11
CA TYR A 117 7.92 12.81 -14.67
C TYR A 117 9.07 13.83 -14.55
N LYS A 118 10.23 13.40 -14.04
CA LYS A 118 11.42 14.24 -13.85
C LYS A 118 12.05 14.74 -15.16
N CYS A 119 11.77 14.03 -16.28
N CYS A 119 11.80 14.06 -16.28
CA CYS A 119 12.19 14.33 -17.65
CA CYS A 119 12.35 14.52 -17.56
C CYS A 119 11.51 15.60 -18.15
C CYS A 119 11.53 15.66 -18.16
N ILE A 120 10.28 15.86 -17.67
CA ILE A 120 9.40 16.93 -18.12
C ILE A 120 9.74 18.27 -17.49
N ASN A 121 10.04 19.26 -18.34
CA ASN A 121 10.29 20.63 -17.90
C ASN A 121 8.98 21.42 -18.00
N HIS A 122 8.27 21.28 -19.13
CA HIS A 122 7.04 22.00 -19.42
C HIS A 122 6.22 21.25 -20.46
N VAL A 123 4.88 21.28 -20.32
CA VAL A 123 3.92 20.72 -21.27
C VAL A 123 3.00 21.86 -21.67
N SER A 124 2.82 22.05 -22.97
CA SER A 124 1.96 23.10 -23.52
C SER A 124 0.95 22.48 -24.51
N ILE A 125 -0.32 22.88 -24.41
CA ILE A 125 -1.40 22.47 -25.33
C ILE A 125 -1.92 23.77 -25.95
N SER A 126 -1.70 23.94 -27.26
CA SER A 126 -2.11 25.16 -27.96
C SER A 126 -2.81 24.92 -29.29
N SER A 127 -3.61 25.91 -29.71
CA SER A 127 -4.31 25.92 -31.00
C SER A 127 -3.77 27.13 -31.79
N CYS A 128 -4.44 27.50 -32.91
CA CYS A 128 -4.10 28.64 -33.77
CA CYS A 128 -4.04 28.64 -33.73
C CYS A 128 -4.30 29.98 -33.03
N ASN A 129 -5.20 29.98 -32.00
CA ASN A 129 -5.53 31.15 -31.19
C ASN A 129 -4.63 31.33 -29.95
N GLY A 130 -3.67 30.43 -29.78
CA GLY A 130 -2.73 30.44 -28.66
C GLY A 130 -2.86 29.24 -27.73
N VAL A 131 -2.19 29.34 -26.57
CA VAL A 131 -2.18 28.32 -25.53
C VAL A 131 -3.59 28.12 -24.95
N ILE A 132 -4.03 26.86 -24.87
CA ILE A 132 -5.32 26.47 -24.31
C ILE A 132 -5.05 26.09 -22.85
N TRP A 133 -4.00 25.29 -22.62
CA TRP A 133 -3.59 24.84 -21.30
C TRP A 133 -2.11 24.50 -21.33
N GLU A 134 -1.41 24.83 -20.24
CA GLU A 134 0.01 24.55 -20.07
C GLU A 134 0.35 24.34 -18.60
N ILE A 135 1.48 23.65 -18.33
CA ILE A 135 1.91 23.33 -16.97
C ILE A 135 3.44 23.16 -16.91
N GLU A 136 4.02 23.49 -15.75
CA GLU A 136 5.44 23.26 -15.47
C GLU A 136 5.54 21.80 -15.04
N GLY A 137 6.64 21.15 -15.38
CA GLY A 137 6.90 19.75 -15.07
C GLY A 137 6.67 19.35 -13.62
N GLU A 138 7.12 20.20 -12.67
CA GLU A 138 6.94 19.95 -11.24
C GLU A 138 5.49 19.97 -10.83
N GLU A 139 4.68 20.85 -11.46
CA GLU A 139 3.25 20.95 -11.14
C GLU A 139 2.48 19.74 -11.65
N LEU A 140 2.86 19.23 -12.83
CA LEU A 140 2.27 18.01 -13.40
C LEU A 140 2.53 16.84 -12.42
N TYR A 141 3.79 16.70 -11.97
CA TYR A 141 4.24 15.68 -11.01
C TYR A 141 3.49 15.82 -9.68
N ASN A 142 3.33 17.07 -9.18
CA ASN A 142 2.60 17.38 -7.95
C ASN A 142 1.14 16.96 -8.09
N ASN A 143 0.56 17.14 -9.28
CA ASN A 143 -0.83 16.76 -9.57
C ASN A 143 -1.05 15.24 -9.65
N CYS A 144 0.01 14.46 -9.94
CA CYS A 144 -0.04 13.00 -10.08
C CYS A 144 0.56 12.24 -8.92
N ILE A 145 1.14 12.96 -7.93
CA ILE A 145 1.85 12.38 -6.77
C ILE A 145 0.96 11.44 -5.92
N ASN A 146 -0.37 11.59 -5.97
CA ASN A 146 -1.31 10.76 -5.23
C ASN A 146 -1.78 9.54 -6.06
N ASN A 147 -1.35 9.47 -7.34
CA ASN A 147 -1.69 8.40 -8.27
C ASN A 147 -0.52 7.41 -8.38
N THR A 148 -0.60 6.33 -7.60
CA THR A 148 0.40 5.27 -7.50
C THR A 148 0.68 4.59 -8.85
N ILE A 149 -0.39 4.30 -9.62
CA ILE A 149 -0.31 3.65 -10.94
C ILE A 149 0.48 4.51 -11.92
N ALA A 150 0.14 5.83 -12.02
CA ALA A 150 0.81 6.78 -12.90
C ALA A 150 2.30 6.91 -12.51
N LEU A 151 2.60 6.95 -11.20
CA LEU A 151 3.97 7.03 -10.70
C LEU A 151 4.76 5.77 -11.06
N LYS A 152 4.15 4.58 -10.91
CA LYS A 152 4.80 3.31 -11.26
C LYS A 152 5.14 3.24 -12.75
N HIS A 153 4.19 3.64 -13.62
CA HIS A 153 4.37 3.65 -15.08
C HIS A 153 5.50 4.55 -15.52
N SER A 154 5.73 5.68 -14.82
CA SER A 154 6.76 6.67 -15.16
C SER A 154 8.18 6.18 -14.95
N GLY A 155 8.34 5.09 -14.21
CA GLY A 155 9.66 4.51 -13.94
C GLY A 155 10.00 4.46 -12.47
N TYR A 156 9.54 3.42 -11.80
CA TYR A 156 9.82 3.20 -10.39
C TYR A 156 10.00 1.70 -10.17
N SER A 157 11.25 1.24 -10.22
CA SER A 157 11.63 -0.16 -10.08
C SER A 157 13.08 -0.25 -9.64
N SER A 158 13.49 -1.42 -9.12
CA SER A 158 14.87 -1.67 -8.73
C SER A 158 15.76 -1.65 -9.97
N GLU A 159 15.24 -2.16 -11.11
CA GLU A 159 15.93 -2.18 -12.41
C GLU A 159 16.36 -0.78 -12.84
N LEU A 160 15.50 0.23 -12.64
CA LEU A 160 15.79 1.61 -13.03
C LEU A 160 16.45 2.46 -11.95
N ASN A 161 15.96 2.38 -10.70
CA ASN A 161 16.32 3.30 -9.63
C ASN A 161 17.44 2.84 -8.69
N ASP A 162 17.83 1.57 -8.70
CA ASP A 162 18.98 1.16 -7.90
C ASP A 162 20.23 1.63 -8.62
N ILE A 163 21.29 1.96 -7.87
CA ILE A 163 22.52 2.42 -8.50
C ILE A 163 23.32 1.21 -8.96
N SER A 164 23.33 0.97 -10.27
CA SER A 164 24.03 -0.14 -10.90
C SER A 164 25.48 0.20 -11.17
N ILE A 165 26.35 -0.82 -11.22
CA ILE A 165 27.78 -0.63 -11.46
C ILE A 165 28.23 -1.34 -12.75
N GLY A 166 29.02 -0.63 -13.54
CA GLY A 166 29.65 -1.14 -14.75
C GLY A 166 31.12 -1.41 -14.45
N LEU A 167 31.57 -2.66 -14.70
CA LEU A 167 32.95 -3.07 -14.39
C LEU A 167 33.92 -2.97 -15.58
N THR A 168 33.42 -3.13 -16.81
CA THR A 168 34.22 -3.05 -18.04
C THR A 168 33.63 -2.01 -19.00
N PRO A 169 34.39 -1.46 -19.99
CA PRO A 169 33.80 -0.45 -20.91
C PRO A 169 32.65 -0.96 -21.79
N ASN A 170 32.45 -2.29 -21.86
CA ASN A 170 31.40 -2.93 -22.65
C ASN A 170 30.29 -3.56 -21.78
N ASP A 171 30.43 -3.45 -20.44
CA ASP A 171 29.47 -3.96 -19.46
C ASP A 171 28.17 -3.12 -19.53
N THR A 172 27.01 -3.80 -19.48
CA THR A 172 25.71 -3.13 -19.49
C THR A 172 25.35 -2.73 -18.07
N ILE A 173 25.20 -1.41 -17.83
CA ILE A 173 24.81 -0.84 -16.54
C ILE A 173 23.28 -0.94 -16.43
N LYS A 174 22.55 -0.39 -17.45
CA LYS A 174 21.09 -0.41 -17.54
C LYS A 174 20.62 -0.93 -18.89
N GLU A 175 19.66 -1.84 -18.87
CA GLU A 175 19.04 -2.40 -20.08
C GLU A 175 18.07 -1.37 -20.67
N PRO A 176 17.77 -1.40 -22.00
CA PRO A 176 16.78 -0.45 -22.53
C PRO A 176 15.41 -0.66 -21.90
N SER A 177 14.64 0.42 -21.75
CA SER A 177 13.34 0.36 -21.08
C SER A 177 12.40 1.42 -21.64
N THR A 178 11.09 1.22 -21.47
CA THR A 178 10.08 2.19 -21.88
C THR A 178 9.30 2.64 -20.67
N VAL A 179 9.21 3.96 -20.48
CA VAL A 179 8.47 4.56 -19.37
C VAL A 179 7.26 5.32 -19.92
N TYR A 180 6.20 5.44 -19.11
CA TYR A 180 4.96 6.08 -19.53
C TYR A 180 4.56 7.16 -18.55
N VAL A 181 4.37 8.37 -19.05
CA VAL A 181 4.03 9.53 -18.25
C VAL A 181 2.60 9.97 -18.52
N TYR A 182 1.73 9.85 -17.51
CA TYR A 182 0.36 10.29 -17.64
C TYR A 182 0.31 11.82 -17.48
N ILE A 183 0.07 12.53 -18.60
CA ILE A 183 -0.03 13.98 -18.63
C ILE A 183 -1.46 14.34 -18.19
N LYS A 184 -1.70 14.40 -16.87
CA LYS A 184 -3.00 14.75 -16.31
C LYS A 184 -3.38 16.17 -16.75
N THR A 185 -4.58 16.32 -17.31
CA THR A 185 -5.09 17.60 -17.80
C THR A 185 -6.52 17.81 -17.26
N PRO A 186 -7.08 19.05 -17.30
CA PRO A 186 -8.47 19.25 -16.84
C PRO A 186 -9.50 18.49 -17.69
N PHE A 187 -9.11 17.97 -18.86
CA PHE A 187 -9.98 17.25 -19.78
C PHE A 187 -10.32 15.81 -19.35
N ASP A 188 -9.65 15.32 -18.30
CA ASP A 188 -9.83 13.96 -17.78
C ASP A 188 -10.82 13.83 -16.63
N VAL A 189 -11.09 14.94 -15.91
CA VAL A 189 -11.98 15.04 -14.74
C VAL A 189 -13.28 14.24 -14.90
N GLU A 190 -14.08 14.57 -15.94
CA GLU A 190 -15.36 13.92 -16.16
C GLU A 190 -15.44 13.20 -17.51
N ASP A 191 -14.35 12.52 -17.86
CA ASP A 191 -14.17 11.72 -19.07
C ASP A 191 -14.59 12.44 -20.36
N THR A 192 -15.64 11.97 -21.07
CA THR A 192 -16.11 12.56 -22.32
C THR A 192 -16.67 13.97 -22.15
N PHE A 193 -17.32 14.25 -20.99
CA PHE A 193 -17.92 15.55 -20.67
C PHE A 193 -16.90 16.69 -20.61
N SER A 194 -15.71 16.39 -20.07
CA SER A 194 -14.61 17.33 -19.88
C SER A 194 -13.59 17.35 -21.02
N SER A 195 -13.62 16.34 -21.91
CA SER A 195 -12.70 16.20 -23.05
C SER A 195 -12.45 17.48 -23.84
N LEU A 196 -11.24 17.60 -24.42
CA LEU A 196 -10.91 18.76 -25.25
C LEU A 196 -11.58 18.58 -26.60
N LYS A 197 -12.41 19.54 -26.98
CA LYS A 197 -13.08 19.51 -28.28
C LYS A 197 -12.25 20.28 -29.29
N LEU A 198 -12.04 19.67 -30.47
CA LEU A 198 -11.28 20.27 -31.57
C LEU A 198 -12.32 20.82 -32.54
N SER A 199 -12.36 22.14 -32.73
CA SER A 199 -13.33 22.76 -33.62
C SER A 199 -12.69 22.97 -34.99
N ASP A 200 -12.37 21.85 -35.68
CA ASP A 200 -11.70 21.85 -36.99
C ASP A 200 -10.31 22.55 -36.94
N SER A 201 -9.77 22.70 -35.71
CA SER A 201 -8.49 23.34 -35.42
C SER A 201 -7.39 22.34 -35.14
N LYS A 202 -6.15 22.75 -35.44
CA LYS A 202 -4.94 21.97 -35.25
C LYS A 202 -4.47 22.17 -33.81
N ILE A 203 -4.41 21.08 -33.04
CA ILE A 203 -3.95 21.12 -31.66
C ILE A 203 -2.49 20.73 -31.63
N THR A 204 -1.66 21.51 -30.93
CA THR A 204 -0.24 21.21 -30.82
C THR A 204 0.11 20.97 -29.37
N VAL A 205 0.71 19.79 -29.11
CA VAL A 205 1.18 19.42 -27.77
C VAL A 205 2.71 19.55 -27.83
N THR A 206 3.23 20.49 -27.04
CA THR A 206 4.66 20.78 -26.98
C THR A 206 5.21 20.33 -25.63
N VAL A 207 6.19 19.41 -25.65
CA VAL A 207 6.84 18.91 -24.44
C VAL A 207 8.30 19.38 -24.43
N THR A 208 8.66 20.15 -23.42
CA THR A 208 10.02 20.64 -23.22
C THR A 208 10.65 19.71 -22.19
N PHE A 209 11.85 19.22 -22.51
CA PHE A 209 12.55 18.28 -21.63
C PHE A 209 13.65 18.92 -20.80
N ASN A 210 13.85 18.37 -19.61
CA ASN A 210 14.91 18.80 -18.71
C ASN A 210 16.22 18.17 -19.22
N PRO A 211 17.43 18.73 -18.95
CA PRO A 211 18.66 18.05 -19.40
C PRO A 211 18.76 16.68 -18.73
N VAL A 212 19.33 15.68 -19.41
CA VAL A 212 19.43 14.30 -18.90
C VAL A 212 20.16 14.23 -17.53
N SER A 213 20.97 15.25 -17.20
CA SER A 213 21.69 15.38 -15.94
C SER A 213 20.74 15.34 -14.74
N ASP A 214 19.53 15.92 -14.88
CA ASP A 214 18.47 16.00 -13.86
C ASP A 214 17.87 14.64 -13.48
N ILE A 215 17.77 13.72 -14.45
CA ILE A 215 17.11 12.41 -14.27
C ILE A 215 18.07 11.27 -13.91
N VAL A 216 19.37 11.56 -13.85
CA VAL A 216 20.41 10.57 -13.62
C VAL A 216 21.22 10.81 -12.32
N ILE A 217 21.53 9.72 -11.60
CA ILE A 217 22.35 9.67 -10.40
C ILE A 217 23.59 8.85 -10.80
N ARG A 218 24.78 9.46 -10.69
CA ARG A 218 26.04 8.83 -11.11
CA ARG A 218 26.03 8.81 -11.10
C ARG A 218 27.25 9.26 -10.30
N ASP A 219 28.32 8.45 -10.30
CA ASP A 219 29.59 8.76 -9.63
C ASP A 219 30.53 9.38 -10.69
N SER A 220 31.73 9.84 -10.27
CA SER A 220 32.73 10.45 -11.15
C SER A 220 33.31 9.46 -12.19
N SER A 221 33.35 8.16 -11.86
CA SER A 221 33.86 7.10 -12.74
C SER A 221 33.00 6.91 -13.99
N PHE A 222 31.69 7.25 -13.89
CA PHE A 222 30.78 7.14 -15.02
C PHE A 222 31.09 8.25 -16.00
N ASP A 223 31.23 7.89 -17.28
CA ASP A 223 31.52 8.87 -18.33
C ASP A 223 30.24 9.60 -18.73
N PHE A 224 29.88 10.63 -17.93
CA PHE A 224 28.69 11.43 -18.18
C PHE A 224 28.82 12.29 -19.42
N GLU A 225 30.02 12.83 -19.68
CA GLU A 225 30.33 13.69 -20.84
C GLU A 225 29.88 13.03 -22.15
N THR A 226 30.22 11.73 -22.33
CA THR A 226 29.86 10.96 -23.51
C THR A 226 28.35 10.64 -23.50
N PHE A 227 27.82 10.18 -22.33
CA PHE A 227 26.41 9.86 -22.14
C PHE A 227 25.51 11.04 -22.51
N ASN A 228 25.86 12.25 -22.04
CA ASN A 228 25.13 13.48 -22.32
C ASN A 228 25.12 13.83 -23.82
N LYS A 229 26.22 13.54 -24.54
CA LYS A 229 26.36 13.79 -25.98
C LYS A 229 25.57 12.77 -26.79
N GLU A 230 25.58 11.49 -26.36
CA GLU A 230 24.91 10.39 -27.04
C GLU A 230 23.42 10.21 -26.68
N PHE A 231 22.97 10.74 -25.53
CA PHE A 231 21.57 10.62 -25.10
C PHE A 231 20.63 11.49 -25.91
N VAL A 232 19.55 10.88 -26.37
CA VAL A 232 18.48 11.57 -27.09
C VAL A 232 17.15 11.17 -26.50
N TYR A 233 16.27 12.15 -26.30
CA TYR A 233 14.93 11.88 -25.81
C TYR A 233 14.12 11.33 -26.98
N VAL A 234 13.59 10.10 -26.82
CA VAL A 234 12.78 9.45 -27.85
C VAL A 234 11.32 9.37 -27.36
N PRO A 235 10.51 10.43 -27.61
CA PRO A 235 9.14 10.44 -27.10
C PRO A 235 8.07 10.03 -28.12
N GLU A 236 6.91 9.62 -27.59
CA GLU A 236 5.74 9.27 -28.37
C GLU A 236 4.52 9.67 -27.55
N LEU A 237 3.60 10.43 -28.16
CA LEU A 237 2.41 10.85 -27.46
C LEU A 237 1.22 9.99 -27.82
N SER A 238 0.53 9.47 -26.80
CA SER A 238 -0.70 8.72 -26.94
C SER A 238 -1.81 9.54 -26.30
N PHE A 239 -3.03 9.37 -26.78
CA PHE A 239 -4.24 10.02 -26.25
C PHE A 239 -5.45 9.20 -26.64
N ILE A 240 -6.55 9.39 -25.92
CA ILE A 240 -7.80 8.73 -26.25
C ILE A 240 -8.56 9.74 -27.13
N GLY A 241 -8.67 9.43 -28.42
CA GLY A 241 -9.38 10.24 -29.40
C GLY A 241 -10.81 9.79 -29.51
N TYR A 242 -11.72 10.72 -29.80
CA TYR A 242 -13.14 10.41 -29.93
C TYR A 242 -13.68 10.93 -31.25
N MET A 243 -14.23 10.03 -32.06
CA MET A 243 -14.90 10.39 -33.31
C MET A 243 -16.33 10.56 -32.91
N VAL A 244 -16.82 11.79 -32.94
CA VAL A 244 -18.17 12.12 -32.50
C VAL A 244 -19.05 12.54 -33.69
N LYS A 245 -20.26 11.95 -33.78
CA LYS A 245 -21.24 12.28 -34.81
C LYS A 245 -22.16 13.37 -34.25
N ASN A 246 -22.25 14.52 -34.95
CA ASN A 246 -23.08 15.69 -34.62
C ASN A 246 -22.85 16.16 -33.18
N VAL A 247 -21.61 16.56 -32.88
CA VAL A 247 -21.19 17.04 -31.57
C VAL A 247 -21.87 18.38 -31.26
N GLN A 248 -22.38 18.52 -30.03
CA GLN A 248 -23.03 19.74 -29.57
C GLN A 248 -22.10 20.37 -28.55
N ILE A 249 -21.22 21.25 -29.04
CA ILE A 249 -20.23 21.91 -28.20
C ILE A 249 -20.89 23.06 -27.43
N LYS A 250 -20.52 23.20 -26.15
CA LYS A 250 -21.03 24.24 -25.25
C LYS A 250 -19.84 25.00 -24.63
N PRO A 251 -20.00 26.28 -24.20
CA PRO A 251 -18.86 26.96 -23.56
C PRO A 251 -18.53 26.33 -22.20
N SER A 252 -17.25 26.30 -21.86
CA SER A 252 -16.77 25.70 -20.61
C SER A 252 -15.73 26.57 -19.90
N PHE A 253 -15.21 26.08 -18.77
CA PHE A 253 -14.21 26.75 -17.97
C PHE A 253 -13.01 25.85 -17.74
N ILE A 254 -11.83 26.46 -17.69
CA ILE A 254 -10.58 25.77 -17.44
C ILE A 254 -9.74 26.52 -16.40
N GLU A 255 -9.10 25.77 -15.49
CA GLU A 255 -8.19 26.32 -14.48
C GLU A 255 -6.79 26.12 -15.05
N LYS A 256 -6.05 27.21 -15.24
CA LYS A 256 -4.70 27.14 -15.79
C LYS A 256 -3.69 27.52 -14.69
N PRO A 257 -2.75 26.60 -14.34
CA PRO A 257 -1.76 26.92 -13.29
C PRO A 257 -0.69 27.90 -13.78
N ARG A 258 -0.35 28.85 -12.91
CA ARG A 258 0.64 29.92 -13.10
C ARG A 258 1.61 29.79 -11.92
N ARG A 259 2.91 29.70 -12.21
CA ARG A 259 3.95 29.54 -11.20
CA ARG A 259 3.95 29.54 -11.19
C ARG A 259 4.88 30.76 -11.14
N VAL A 260 5.20 31.20 -9.92
CA VAL A 260 6.10 32.31 -9.63
C VAL A 260 7.17 31.78 -8.66
N ILE A 261 8.45 31.91 -9.02
CA ILE A 261 9.56 31.48 -8.19
C ILE A 261 10.26 32.71 -7.66
N GLY A 262 10.29 32.83 -6.34
CA GLY A 262 10.93 33.94 -5.65
C GLY A 262 12.43 33.97 -5.86
N GLN A 263 13.04 35.14 -5.61
CA GLN A 263 14.49 35.33 -5.72
C GLN A 263 15.16 34.44 -4.68
N ILE A 264 16.28 33.81 -5.02
CA ILE A 264 16.98 32.89 -4.14
C ILE A 264 17.13 33.44 -2.69
N ASN A 265 16.64 32.67 -1.70
CA ASN A 265 16.59 32.93 -0.26
C ASN A 265 15.62 34.03 0.15
N GLN A 266 14.92 34.65 -0.83
CA GLN A 266 13.94 35.69 -0.54
C GLN A 266 12.64 35.06 -0.04
N PRO A 267 12.22 35.43 1.20
CA PRO A 267 10.99 34.85 1.77
C PRO A 267 9.69 35.52 1.31
N THR A 268 9.69 36.15 0.13
CA THR A 268 8.51 36.81 -0.47
C THR A 268 8.43 36.51 -1.96
N ALA A 269 7.20 36.47 -2.49
CA ALA A 269 6.88 36.26 -3.91
C ALA A 269 5.50 36.86 -4.17
N THR A 270 5.28 37.38 -5.37
CA THR A 270 4.01 38.01 -5.74
C THR A 270 3.52 37.50 -7.07
N VAL A 271 2.20 37.25 -7.14
CA VAL A 271 1.51 36.85 -8.36
C VAL A 271 0.64 38.06 -8.70
N THR A 272 0.93 38.69 -9.84
CA THR A 272 0.19 39.87 -10.30
C THR A 272 -1.03 39.45 -11.12
N GLU A 273 -1.93 40.41 -11.40
CA GLU A 273 -3.12 40.23 -12.23
C GLU A 273 -3.96 38.99 -11.82
N VAL A 274 -4.26 38.90 -10.53
CA VAL A 274 -5.10 37.84 -9.98
C VAL A 274 -6.51 38.41 -10.00
N HIS A 275 -7.37 37.89 -10.89
CA HIS A 275 -8.75 38.37 -11.05
C HIS A 275 -9.79 37.34 -10.64
N ALA A 276 -9.54 36.06 -10.96
CA ALA A 276 -10.41 34.94 -10.64
C ALA A 276 -9.56 33.69 -10.43
N ALA A 277 -9.14 33.47 -9.18
CA ALA A 277 -8.30 32.32 -8.85
C ALA A 277 -9.07 31.28 -8.03
N THR A 278 -8.90 29.99 -8.39
CA THR A 278 -9.56 28.86 -7.72
C THR A 278 -8.75 28.33 -6.54
N SER A 279 -7.41 28.52 -6.57
CA SER A 279 -6.50 28.06 -5.51
C SER A 279 -5.14 28.74 -5.56
N LEU A 280 -4.40 28.63 -4.45
CA LEU A 280 -3.04 29.17 -4.29
C LEU A 280 -2.22 28.20 -3.45
N SER A 281 -1.08 27.74 -3.99
CA SER A 281 -0.17 26.81 -3.31
C SER A 281 1.17 27.48 -3.07
N VAL A 282 1.75 27.20 -1.89
CA VAL A 282 3.04 27.77 -1.48
C VAL A 282 3.93 26.63 -0.98
N TYR A 283 5.16 26.53 -1.50
CA TYR A 283 6.14 25.56 -1.03
C TYR A 283 7.58 26.07 -1.25
N THR A 284 8.56 25.35 -0.70
CA THR A 284 9.98 25.71 -0.80
C THR A 284 10.76 24.61 -1.51
N LYS A 285 11.77 25.01 -2.27
CA LYS A 285 12.65 24.12 -2.98
C LYS A 285 14.08 24.44 -2.58
N PRO A 286 14.99 23.44 -2.49
CA PRO A 286 16.39 23.79 -2.27
C PRO A 286 17.04 24.20 -3.59
N TYR A 287 18.11 24.99 -3.51
CA TYR A 287 18.89 25.41 -4.67
C TYR A 287 20.33 24.99 -4.38
N TYR A 288 20.89 24.16 -5.24
CA TYR A 288 22.24 23.62 -5.06
C TYR A 288 23.31 24.19 -6.02
N GLY A 289 23.05 25.36 -6.59
CA GLY A 289 23.97 26.05 -7.50
C GLY A 289 25.32 26.39 -6.91
N ASN A 290 25.37 26.60 -5.58
CA ASN A 290 26.59 26.89 -4.79
C ASN A 290 27.39 25.59 -4.46
N THR A 291 26.96 24.43 -5.01
CA THR A 291 27.58 23.11 -4.78
C THR A 291 27.88 22.42 -6.13
N ASP A 292 28.62 21.30 -6.08
CA ASP A 292 28.91 20.48 -7.26
C ASP A 292 27.82 19.40 -7.44
N ASN A 293 26.74 19.47 -6.61
CA ASN A 293 25.57 18.57 -6.58
C ASN A 293 25.94 17.12 -6.21
N LYS A 294 27.01 16.96 -5.42
CA LYS A 294 27.48 15.67 -4.97
C LYS A 294 27.02 15.42 -3.55
N PHE A 295 26.60 14.17 -3.28
CA PHE A 295 26.11 13.68 -2.00
C PHE A 295 26.86 12.39 -1.70
N ILE A 296 27.07 12.11 -0.41
CA ILE A 296 27.80 10.91 0.03
C ILE A 296 27.07 9.62 -0.38
N SER A 297 25.77 9.55 -0.09
CA SER A 297 24.96 8.34 -0.30
C SER A 297 23.62 8.58 -0.98
N TYR A 298 23.03 7.46 -1.45
CA TYR A 298 21.71 7.41 -2.06
C TYR A 298 21.14 5.98 -1.92
N PRO A 299 19.89 5.82 -1.44
CA PRO A 299 19.37 4.47 -1.17
C PRO A 299 18.93 3.65 -2.39
N GLY A 300 18.73 4.30 -3.52
CA GLY A 300 18.27 3.65 -4.74
C GLY A 300 16.76 3.59 -4.85
N TYR A 301 16.23 2.40 -5.15
CA TYR A 301 14.79 2.14 -5.30
C TYR A 301 14.03 2.28 -3.97
N SER A 302 14.65 1.83 -2.86
CA SER A 302 14.10 1.91 -1.51
C SER A 302 14.09 3.41 -1.12
N GLN A 303 12.89 3.99 -0.97
CA GLN A 303 12.75 5.44 -0.76
C GLN A 303 12.22 5.90 0.60
N ASP A 304 12.15 5.02 1.61
CA ASP A 304 11.67 5.48 2.93
C ASP A 304 12.76 6.30 3.60
N GLU A 305 12.37 7.13 4.59
CA GLU A 305 13.28 7.95 5.38
C GLU A 305 14.40 7.07 5.98
N LYS A 306 14.02 5.89 6.52
CA LYS A 306 14.93 4.91 7.11
C LYS A 306 15.93 4.40 6.08
N ASP A 307 15.50 4.22 4.81
CA ASP A 307 16.34 3.73 3.72
C ASP A 307 17.46 4.72 3.38
N TYR A 308 17.13 6.02 3.40
CA TYR A 308 18.06 7.10 3.17
C TYR A 308 19.11 7.15 4.28
N ILE A 309 18.66 7.03 5.54
CA ILE A 309 19.49 7.02 6.75
C ILE A 309 20.41 5.81 6.76
N ASP A 310 19.87 4.60 6.49
CA ASP A 310 20.63 3.35 6.46
C ASP A 310 21.72 3.35 5.41
N ALA A 311 21.43 3.92 4.22
CA ALA A 311 22.37 3.99 3.11
C ALA A 311 23.55 4.90 3.48
N TYR A 312 23.25 6.01 4.20
CA TYR A 312 24.24 6.98 4.67
C TYR A 312 25.15 6.38 5.74
N VAL A 313 24.55 5.74 6.77
CA VAL A 313 25.24 5.09 7.87
C VAL A 313 26.21 4.04 7.32
N SER A 314 25.74 3.21 6.38
CA SER A 314 26.50 2.17 5.70
C SER A 314 27.72 2.71 4.96
N ARG A 315 27.57 3.89 4.32
CA ARG A 315 28.65 4.54 3.58
C ARG A 315 29.75 5.10 4.52
N LEU A 316 29.37 5.54 5.72
CA LEU A 316 30.28 6.08 6.74
C LEU A 316 31.01 5.01 7.56
N LEU A 317 30.32 3.90 7.88
CA LEU A 317 30.83 2.81 8.73
C LEU A 317 32.20 2.24 8.37
N ASP A 318 32.54 2.18 7.07
CA ASP A 318 33.83 1.66 6.62
C ASP A 318 35.02 2.52 7.08
N ASP A 319 34.80 3.84 7.18
CA ASP A 319 35.82 4.80 7.62
C ASP A 319 35.67 5.15 9.11
N LEU A 320 34.48 4.89 9.68
CA LEU A 320 34.18 5.21 11.08
C LEU A 320 34.87 4.24 12.05
N VAL A 321 34.72 2.92 11.81
CA VAL A 321 35.33 1.87 12.64
C VAL A 321 36.30 1.10 11.76
N ILE A 322 37.59 1.15 12.11
CA ILE A 322 38.68 0.52 11.35
C ILE A 322 39.44 -0.52 12.18
N VAL A 323 39.60 -1.72 11.61
CA VAL A 323 40.40 -2.80 12.21
C VAL A 323 41.73 -2.73 11.45
N SER A 324 42.80 -2.28 12.12
CA SER A 324 44.10 -2.11 11.49
C SER A 324 45.27 -2.60 12.34
N ASP A 325 46.38 -2.94 11.67
CA ASP A 325 47.64 -3.31 12.30
C ASP A 325 48.38 -1.97 12.44
N GLY A 326 48.30 -1.39 13.64
CA GLY A 326 48.86 -0.08 13.93
C GLY A 326 47.94 1.04 13.49
N PRO A 327 48.31 2.33 13.68
CA PRO A 327 47.41 3.43 13.26
C PRO A 327 46.97 3.37 11.80
N PRO A 328 45.65 3.50 11.51
CA PRO A 328 45.18 3.39 10.12
C PRO A 328 45.77 4.42 9.16
N THR A 329 46.07 3.97 7.94
CA THR A 329 46.66 4.77 6.87
C THR A 329 45.63 5.12 5.80
N GLY A 330 45.95 6.13 4.99
CA GLY A 330 45.09 6.58 3.89
C GLY A 330 44.07 7.65 4.22
N TYR A 331 44.18 8.24 5.41
CA TYR A 331 43.26 9.29 5.86
C TYR A 331 43.97 10.64 5.92
N PRO A 332 43.25 11.78 5.72
CA PRO A 332 43.92 13.10 5.80
C PRO A 332 44.58 13.35 7.15
N GLU A 333 45.52 14.32 7.20
CA GLU A 333 46.24 14.66 8.44
C GLU A 333 45.30 15.14 9.54
N SER A 334 44.23 15.86 9.16
CA SER A 334 43.19 16.41 10.04
C SER A 334 42.31 15.34 10.71
N ALA A 335 42.38 14.08 10.24
CA ALA A 335 41.64 12.96 10.81
C ALA A 335 42.16 12.62 12.21
N GLU A 336 41.24 12.45 13.17
CA GLU A 336 41.57 12.10 14.55
C GLU A 336 41.07 10.68 14.84
N ILE A 337 41.82 9.69 14.36
CA ILE A 337 41.54 8.26 14.52
C ILE A 337 42.19 7.74 15.83
N VAL A 338 41.34 7.47 16.83
CA VAL A 338 41.70 7.05 18.19
C VAL A 338 41.48 5.54 18.37
N GLU A 339 42.46 4.86 19.02
CA GLU A 339 42.35 3.43 19.35
C GLU A 339 41.28 3.25 20.42
N VAL A 340 40.37 2.30 20.21
CA VAL A 340 39.27 2.01 21.12
C VAL A 340 39.84 1.33 22.41
N PRO A 341 39.56 1.89 23.61
CA PRO A 341 40.05 1.26 24.86
C PRO A 341 39.36 -0.09 25.17
N GLU A 342 39.89 -0.81 26.19
CA GLU A 342 39.39 -2.10 26.64
C GLU A 342 37.92 -2.10 27.07
N ASP A 343 37.43 -0.98 27.64
CA ASP A 343 36.02 -0.87 28.04
C ASP A 343 35.07 -0.60 26.85
N GLY A 344 35.66 -0.37 25.67
CA GLY A 344 34.94 -0.11 24.43
C GLY A 344 34.46 1.33 24.22
N ILE A 345 34.55 2.18 25.26
CA ILE A 345 34.06 3.56 25.21
C ILE A 345 35.15 4.58 24.78
N VAL A 346 34.84 5.33 23.71
CA VAL A 346 35.66 6.42 23.18
C VAL A 346 34.86 7.71 23.42
N SER A 347 35.48 8.71 24.05
CA SER A 347 34.83 9.98 24.34
C SER A 347 35.26 11.06 23.35
N ILE A 348 34.26 11.69 22.70
CA ILE A 348 34.44 12.81 21.77
C ILE A 348 33.69 13.91 22.49
N GLN A 349 34.42 14.69 23.33
CA GLN A 349 33.89 15.72 24.21
C GLN A 349 32.87 15.07 25.16
N ASP A 350 31.61 15.53 25.17
CA ASP A 350 30.56 14.97 26.00
C ASP A 350 29.93 13.68 25.43
N ALA A 351 30.17 13.39 24.14
CA ALA A 351 29.63 12.20 23.48
C ALA A 351 30.48 10.94 23.66
N ASP A 352 29.85 9.86 24.17
CA ASP A 352 30.49 8.56 24.37
C ASP A 352 30.04 7.58 23.29
N VAL A 353 31.02 6.95 22.63
CA VAL A 353 30.78 5.98 21.56
C VAL A 353 31.30 4.61 22.02
N TYR A 354 30.41 3.62 22.07
CA TYR A 354 30.73 2.25 22.46
C TYR A 354 31.03 1.43 21.21
N VAL A 355 32.28 0.97 21.06
CA VAL A 355 32.71 0.19 19.90
C VAL A 355 33.22 -1.19 20.35
N LYS A 356 32.59 -2.27 19.84
CA LYS A 356 32.97 -3.66 20.16
C LYS A 356 32.90 -4.55 18.93
N ILE A 357 34.07 -4.97 18.43
CA ILE A 357 34.20 -5.84 17.25
C ILE A 357 34.74 -7.20 17.65
N ASP A 358 34.04 -8.27 17.25
CA ASP A 358 34.44 -9.65 17.52
C ASP A 358 35.43 -10.14 16.44
N ASN A 359 36.18 -11.21 16.76
CA ASN A 359 37.18 -11.89 15.92
C ASN A 359 38.25 -10.95 15.34
N VAL A 360 38.72 -10.00 16.16
CA VAL A 360 39.78 -9.07 15.76
C VAL A 360 41.13 -9.82 15.87
N PRO A 361 41.96 -9.87 14.80
CA PRO A 361 43.26 -10.58 14.90
C PRO A 361 44.16 -9.98 15.98
N ASP A 362 44.96 -10.85 16.63
CA ASP A 362 45.87 -10.48 17.73
C ASP A 362 46.85 -9.37 17.39
N ASN A 363 47.33 -9.32 16.13
CA ASN A 363 48.25 -8.31 15.62
C ASN A 363 47.56 -6.99 15.25
N MET A 364 46.20 -6.97 15.29
CA MET A 364 45.38 -5.82 14.94
C MET A 364 44.61 -5.23 16.12
N SER A 365 44.17 -3.97 15.95
CA SER A 365 43.40 -3.21 16.96
C SER A 365 42.18 -2.53 16.30
N VAL A 366 41.21 -2.12 17.14
CA VAL A 366 40.00 -1.42 16.73
C VAL A 366 40.23 0.08 16.92
N TYR A 367 39.96 0.85 15.86
CA TYR A 367 40.11 2.31 15.83
C TYR A 367 38.79 2.99 15.49
N LEU A 368 38.55 4.17 16.07
CA LEU A 368 37.36 4.99 15.81
C LEU A 368 37.76 6.35 15.23
N HIS A 369 37.19 6.71 14.07
CA HIS A 369 37.39 8.02 13.44
C HIS A 369 36.49 8.96 14.23
N THR A 370 37.11 9.85 15.04
CA THR A 370 36.36 10.73 15.92
C THR A 370 35.90 12.05 15.26
N ASN A 371 36.28 12.30 14.00
CA ASN A 371 35.89 13.54 13.30
C ASN A 371 35.74 13.29 11.79
N LEU A 372 34.94 12.28 11.43
CA LEU A 372 34.73 11.84 10.05
C LEU A 372 34.28 12.99 9.14
N LEU A 373 33.31 13.76 9.62
CA LEU A 373 32.81 14.96 8.97
C LEU A 373 32.57 15.96 10.08
N MET A 374 33.19 17.14 9.98
CA MET A 374 33.05 18.17 11.00
C MET A 374 32.85 19.56 10.40
N PHE A 375 32.05 20.38 11.08
CA PHE A 375 31.75 21.71 10.62
C PHE A 375 31.69 22.72 11.76
N GLY A 376 32.28 23.88 11.51
CA GLY A 376 32.31 25.01 12.43
C GLY A 376 32.72 26.27 11.71
N THR A 377 32.05 27.38 12.00
CA THR A 377 32.36 28.67 11.37
C THR A 377 33.46 29.45 12.15
N ARG A 378 33.75 29.04 13.40
CA ARG A 378 34.77 29.63 14.28
C ARG A 378 35.50 28.54 15.06
N LYS A 379 36.83 28.66 15.26
CA LYS A 379 37.62 27.70 16.06
C LYS A 379 37.25 27.86 17.54
N ASN A 380 37.43 26.78 18.34
CA ASN A 380 37.14 26.71 19.79
C ASN A 380 35.66 27.05 20.14
N SER A 381 34.75 26.81 19.19
CA SER A 381 33.32 27.05 19.29
C SER A 381 32.55 25.73 18.99
N PHE A 382 31.22 25.80 18.77
CA PHE A 382 30.40 24.64 18.43
C PHE A 382 30.93 23.94 17.19
N ILE A 383 30.92 22.60 17.21
CA ILE A 383 31.31 21.74 16.10
C ILE A 383 30.15 20.82 15.79
N TYR A 384 29.81 20.67 14.49
CA TYR A 384 28.82 19.73 14.02
C TYR A 384 29.66 18.56 13.54
N ASN A 385 29.73 17.49 14.35
CA ASN A 385 30.57 16.33 14.07
C ASN A 385 29.71 15.08 13.91
N ILE A 386 29.75 14.47 12.72
CA ILE A 386 28.96 13.28 12.38
C ILE A 386 29.34 12.06 13.24
N SER A 387 30.60 11.97 13.68
CA SER A 387 31.07 10.86 14.53
C SER A 387 30.40 10.88 15.89
N LYS A 388 29.99 12.07 16.36
CA LYS A 388 29.29 12.28 17.63
C LYS A 388 27.82 11.84 17.56
N LYS A 389 27.31 11.60 16.33
CA LYS A 389 25.94 11.18 16.07
C LYS A 389 25.77 9.65 16.22
N PHE A 390 26.85 8.94 16.63
CA PHE A 390 26.90 7.49 16.89
C PHE A 390 27.10 7.24 18.39
N SER A 391 26.38 6.25 18.95
CA SER A 391 26.50 5.91 20.37
C SER A 391 26.99 4.48 20.60
N ALA A 392 26.66 3.55 19.68
CA ALA A 392 27.10 2.16 19.76
C ALA A 392 27.28 1.52 18.38
N ILE A 393 28.43 0.87 18.16
CA ILE A 393 28.77 0.16 16.93
C ILE A 393 29.29 -1.22 17.32
N THR A 394 28.62 -2.29 16.85
CA THR A 394 29.00 -3.69 17.09
C THR A 394 29.10 -4.43 15.76
N GLY A 395 29.96 -5.44 15.73
CA GLY A 395 30.18 -6.22 14.54
C GLY A 395 31.21 -7.31 14.72
N THR A 396 31.52 -8.00 13.63
CA THR A 396 32.47 -9.10 13.61
C THR A 396 33.41 -8.91 12.44
N TYR A 397 34.73 -9.02 12.71
CA TYR A 397 35.74 -8.93 11.67
C TYR A 397 35.78 -10.26 10.90
N SER A 398 35.89 -10.17 9.57
CA SER A 398 35.96 -11.32 8.66
C SER A 398 37.41 -11.51 8.22
N ASP A 399 38.00 -12.67 8.56
CA ASP A 399 39.37 -13.00 8.17
C ASP A 399 39.42 -13.29 6.67
N ALA A 400 38.35 -13.88 6.11
CA ALA A 400 38.24 -14.25 4.70
C ALA A 400 38.19 -13.06 3.76
N THR A 401 37.42 -12.00 4.11
CA THR A 401 37.27 -10.81 3.26
C THR A 401 38.05 -9.58 3.77
N LYS A 402 38.72 -9.71 4.94
CA LYS A 402 39.52 -8.64 5.59
C LYS A 402 38.68 -7.35 5.77
N ARG A 403 37.44 -7.53 6.24
CA ARG A 403 36.45 -6.46 6.45
C ARG A 403 35.66 -6.70 7.72
N THR A 404 35.13 -5.61 8.31
CA THR A 404 34.26 -5.69 9.47
C THR A 404 32.83 -5.78 8.96
N ILE A 405 32.06 -6.77 9.47
CA ILE A 405 30.66 -6.94 9.12
C ILE A 405 29.88 -6.43 10.33
N PHE A 406 29.30 -5.24 10.19
CA PHE A 406 28.57 -4.55 11.25
C PHE A 406 27.24 -5.22 11.55
N ALA A 407 26.95 -5.45 12.84
CA ALA A 407 25.74 -6.10 13.32
C ALA A 407 24.68 -5.06 13.69
N HIS A 408 24.84 -4.38 14.82
CA HIS A 408 23.88 -3.37 15.26
C HIS A 408 24.56 -2.01 15.46
N ILE A 409 23.88 -0.95 14.99
CA ILE A 409 24.34 0.43 15.08
C ILE A 409 23.28 1.27 15.80
N SER A 410 23.67 1.90 16.90
CA SER A 410 22.81 2.80 17.65
C SER A 410 23.31 4.21 17.32
N HIS A 411 22.47 5.01 16.63
CA HIS A 411 22.83 6.34 16.17
C HIS A 411 21.65 7.31 16.18
N SER A 412 21.93 8.60 15.91
CA SER A 412 20.94 9.68 15.82
C SER A 412 21.03 10.40 14.47
N ILE A 413 21.47 9.69 13.42
CA ILE A 413 21.55 10.21 12.05
C ILE A 413 20.13 10.47 11.59
N ASN A 414 19.89 11.65 11.02
CA ASN A 414 18.57 12.05 10.52
C ASN A 414 18.59 12.21 8.99
N ILE A 415 17.41 12.52 8.41
CA ILE A 415 17.24 12.71 6.97
C ILE A 415 18.01 13.93 6.44
N ILE A 416 18.19 14.97 7.28
CA ILE A 416 18.93 16.20 6.95
C ILE A 416 20.39 15.86 6.64
N ASP A 417 21.01 15.02 7.50
CA ASP A 417 22.39 14.54 7.37
C ASP A 417 22.68 13.89 6.03
N THR A 418 21.72 13.08 5.53
CA THR A 418 21.80 12.38 4.25
C THR A 418 21.57 13.35 3.08
N SER A 419 21.00 14.53 3.37
CA SER A 419 20.68 15.54 2.36
C SER A 419 21.70 16.69 2.28
N ILE A 420 22.82 16.58 3.03
CA ILE A 420 23.87 17.60 3.01
C ILE A 420 24.75 17.39 1.78
N PRO A 421 24.89 18.39 0.88
CA PRO A 421 25.83 18.23 -0.23
C PRO A 421 27.27 18.22 0.31
N VAL A 422 28.13 17.38 -0.27
CA VAL A 422 29.53 17.22 0.11
C VAL A 422 30.30 18.58 0.13
N SER A 423 29.98 19.48 -0.83
CA SER A 423 30.55 20.82 -0.96
C SER A 423 30.41 21.66 0.30
N LEU A 424 29.30 21.50 1.04
CA LEU A 424 29.05 22.27 2.27
C LEU A 424 29.93 21.83 3.44
N TRP A 425 30.46 20.60 3.39
CA TRP A 425 31.38 20.09 4.42
C TRP A 425 32.78 20.70 4.24
N THR A 426 33.19 20.90 2.98
CA THR A 426 34.50 21.47 2.59
C THR A 426 34.37 22.92 2.09
N SER A 427 33.32 23.65 2.55
CA SER A 427 33.11 25.03 2.12
C SER A 427 34.09 26.00 2.79
N GLN A 428 34.14 27.25 2.28
CA GLN A 428 35.02 28.30 2.80
C GLN A 428 34.64 28.75 4.21
N ARG A 429 33.32 28.70 4.55
CA ARG A 429 32.77 29.07 5.86
C ARG A 429 33.31 28.18 6.96
N ASN A 430 33.71 26.93 6.61
CA ASN A 430 34.21 25.93 7.54
C ASN A 430 35.69 26.10 7.87
N VAL A 431 35.97 26.33 9.16
CA VAL A 431 37.33 26.47 9.70
C VAL A 431 38.11 25.13 9.69
N TYR A 432 37.39 24.00 9.56
CA TYR A 432 37.98 22.67 9.56
C TYR A 432 38.19 22.13 8.17
N ASN A 433 38.91 21.00 8.04
CA ASN A 433 39.10 20.33 6.75
C ASN A 433 37.73 19.81 6.26
N GLY A 434 36.88 19.42 7.23
CA GLY A 434 35.50 19.00 7.00
C GLY A 434 35.28 17.56 6.58
N ASP A 435 35.87 17.16 5.46
CA ASP A 435 35.73 15.81 4.94
C ASP A 435 37.00 15.02 5.19
N ASN A 436 36.98 14.22 6.26
CA ASN A 436 38.10 13.41 6.71
C ASN A 436 37.99 11.93 6.34
N ARG A 437 37.18 11.66 5.31
CA ARG A 437 36.94 10.30 4.79
C ARG A 437 38.13 9.86 3.92
N SER A 438 38.17 8.54 3.60
CA SER A 438 39.18 7.97 2.72
C SER A 438 38.88 8.38 1.28
N ALA A 439 39.90 8.32 0.40
CA ALA A 439 39.77 8.64 -1.02
C ALA A 439 38.79 7.67 -1.70
N GLU A 440 38.74 6.42 -1.19
CA GLU A 440 37.86 5.34 -1.64
C GLU A 440 36.40 5.75 -1.45
N SER A 441 36.04 6.23 -0.24
CA SER A 441 34.70 6.69 0.11
C SER A 441 34.31 7.91 -0.74
N LYS A 442 35.20 8.92 -0.83
CA LYS A 442 34.98 10.14 -1.60
C LYS A 442 34.71 9.85 -3.09
N ALA A 443 35.35 8.80 -3.65
CA ALA A 443 35.18 8.37 -5.03
C ALA A 443 33.78 7.77 -5.28
N LYS A 444 33.15 7.24 -4.21
CA LYS A 444 31.81 6.65 -4.24
C LYS A 444 30.67 7.70 -4.15
N ASP A 445 31.00 9.00 -4.02
CA ASP A 445 30.01 10.08 -3.93
C ASP A 445 29.20 10.18 -5.22
N LEU A 446 27.92 10.54 -5.10
CA LEU A 446 27.02 10.59 -6.25
C LEU A 446 26.47 11.96 -6.56
N PHE A 447 26.37 12.27 -7.87
CA PHE A 447 25.77 13.48 -8.38
C PHE A 447 24.27 13.28 -8.40
N ILE A 448 23.51 14.11 -7.67
CA ILE A 448 22.06 14.05 -7.61
C ILE A 448 21.54 15.43 -8.03
N ASN A 449 20.81 15.47 -9.15
CA ASN A 449 20.30 16.71 -9.73
C ASN A 449 18.79 16.68 -9.94
N ASP A 450 18.06 15.85 -9.16
CA ASP A 450 16.60 15.74 -9.24
C ASP A 450 15.95 17.13 -9.22
N PRO A 451 15.12 17.45 -10.23
CA PRO A 451 14.54 18.81 -10.28
C PRO A 451 13.32 19.06 -9.40
N PHE A 452 12.74 18.00 -8.78
CA PHE A 452 11.51 18.13 -8.01
C PHE A 452 11.68 17.94 -6.50
N ILE A 453 12.88 18.20 -5.96
CA ILE A 453 13.13 18.11 -4.51
C ILE A 453 12.47 19.32 -3.84
N LYS A 454 11.79 19.11 -2.71
CA LYS A 454 11.15 20.15 -1.93
C LYS A 454 11.76 20.19 -0.53
N GLY A 455 11.63 21.34 0.14
CA GLY A 455 12.18 21.56 1.48
C GLY A 455 13.68 21.63 1.47
N ILE A 456 14.33 21.06 2.50
CA ILE A 456 15.81 21.05 2.63
C ILE A 456 16.37 19.63 2.73
N ASP A 457 15.50 18.63 2.59
CA ASP A 457 15.88 17.22 2.62
C ASP A 457 15.19 16.44 1.50
N PHE A 458 15.76 15.27 1.13
CA PHE A 458 15.27 14.41 0.06
C PHE A 458 13.82 13.92 0.23
N LYS A 459 13.31 13.88 1.47
CA LYS A 459 11.94 13.43 1.76
C LYS A 459 10.95 14.58 2.00
N ASN A 460 11.43 15.83 2.07
CA ASN A 460 10.63 17.03 2.40
C ASN A 460 9.98 16.87 3.81
N LYS A 461 10.70 16.16 4.69
CA LYS A 461 10.29 15.87 6.07
C LYS A 461 10.33 17.12 6.91
N THR A 462 11.44 17.86 6.87
CA THR A 462 11.60 19.08 7.65
C THR A 462 10.72 20.20 7.12
N ASP A 463 9.90 20.75 8.01
CA ASP A 463 9.05 21.89 7.68
C ASP A 463 9.87 23.11 8.07
N ILE A 464 10.25 23.92 7.07
CA ILE A 464 11.09 25.11 7.34
C ILE A 464 10.29 26.40 7.36
N ILE A 465 8.97 26.32 7.09
CA ILE A 465 8.08 27.46 7.15
C ILE A 465 7.44 27.52 8.54
N SER A 466 7.74 28.60 9.29
CA SER A 466 7.22 28.84 10.65
C SER A 466 5.93 29.62 10.58
N ARG A 467 5.83 30.51 9.60
CA ARG A 467 4.68 31.37 9.41
C ARG A 467 4.46 31.66 7.94
N LEU A 468 3.19 31.66 7.53
CA LEU A 468 2.77 31.98 6.18
C LEU A 468 1.75 33.10 6.25
N GLU A 469 1.94 34.13 5.42
CA GLU A 469 1.04 35.28 5.29
C GLU A 469 0.74 35.47 3.84
N VAL A 470 -0.56 35.55 3.50
CA VAL A 470 -1.03 35.77 2.14
C VAL A 470 -1.86 37.07 2.15
N ARG A 471 -1.52 37.97 1.22
CA ARG A 471 -2.22 39.23 1.05
C ARG A 471 -2.84 39.35 -0.33
N PHE A 472 -4.11 39.80 -0.39
CA PHE A 472 -4.83 40.08 -1.63
C PHE A 472 -4.89 41.60 -1.66
N GLY A 473 -3.98 42.20 -2.41
CA GLY A 473 -3.79 43.65 -2.43
C GLY A 473 -3.02 44.03 -1.18
N ASN A 474 -3.60 44.92 -0.37
CA ASN A 474 -2.97 45.36 0.89
C ASN A 474 -3.53 44.60 2.08
N ASP A 475 -4.71 43.95 1.91
CA ASP A 475 -5.40 43.20 2.95
C ASP A 475 -4.87 41.79 3.14
N VAL A 476 -4.79 41.36 4.41
CA VAL A 476 -4.37 40.02 4.78
C VAL A 476 -5.53 39.09 4.48
N LEU A 477 -5.34 38.19 3.52
CA LEU A 477 -6.35 37.23 3.12
C LEU A 477 -6.30 36.02 4.06
N TYR A 478 -5.10 35.56 4.37
CA TYR A 478 -4.88 34.39 5.22
C TYR A 478 -3.51 34.43 5.87
N SER A 479 -3.41 33.90 7.09
CA SER A 479 -2.16 33.77 7.82
C SER A 479 -2.19 32.54 8.74
N GLU A 480 -1.06 31.86 8.87
CA GLU A 480 -0.96 30.67 9.72
C GLU A 480 0.43 30.48 10.31
N ASN A 481 0.52 29.80 11.46
CA ASN A 481 1.79 29.44 12.09
C ASN A 481 2.05 27.99 11.67
N GLY A 482 1.26 27.07 12.23
CA GLY A 482 1.29 25.66 11.87
C GLY A 482 0.81 25.40 10.46
N PRO A 483 1.21 24.28 9.83
CA PRO A 483 0.83 24.03 8.42
C PRO A 483 -0.58 23.46 8.20
N ILE A 484 -1.60 24.09 8.84
CA ILE A 484 -3.00 23.65 8.74
C ILE A 484 -3.52 23.64 7.27
N SER A 485 -3.05 24.58 6.42
CA SER A 485 -3.43 24.64 5.01
C SER A 485 -2.91 23.41 4.24
N ARG A 486 -1.73 22.84 4.67
CA ARG A 486 -1.14 21.62 4.09
C ARG A 486 -1.94 20.40 4.57
N ILE A 487 -2.38 20.41 5.84
CA ILE A 487 -3.19 19.35 6.44
C ILE A 487 -4.51 19.24 5.66
N TYR A 488 -5.15 20.39 5.37
CA TYR A 488 -6.40 20.42 4.59
C TYR A 488 -6.18 19.96 3.17
N ASN A 489 -5.08 20.38 2.54
CA ASN A 489 -4.73 19.98 1.19
C ASN A 489 -4.60 18.46 1.12
N GLU A 490 -3.88 17.87 2.08
CA GLU A 490 -3.65 16.43 2.18
C GLU A 490 -4.94 15.65 2.43
N LEU A 491 -5.85 16.19 3.27
CA LEU A 491 -7.13 15.54 3.56
C LEU A 491 -8.07 15.56 2.38
N LEU A 492 -8.26 16.74 1.79
CA LEU A 492 -9.18 16.98 0.68
C LEU A 492 -8.74 16.33 -0.62
N THR A 493 -7.42 16.21 -0.87
CA THR A 493 -6.91 15.60 -2.10
C THR A 493 -6.44 14.15 -1.91
N LYS A 494 -6.58 13.62 -0.67
CA LYS A 494 -6.19 12.27 -0.29
C LYS A 494 -4.77 11.93 -0.79
N SER A 495 -3.82 12.76 -0.36
CA SER A 495 -2.40 12.68 -0.67
C SER A 495 -1.63 12.79 0.64
N ASN A 496 -0.48 12.11 0.74
CA ASN A 496 0.37 12.18 1.93
C ASN A 496 1.54 13.14 1.69
N ASN A 497 1.62 13.71 0.48
CA ASN A 497 2.67 14.65 0.08
C ASN A 497 2.06 15.92 -0.54
N GLY A 498 1.31 16.66 0.26
CA GLY A 498 0.67 17.90 -0.17
C GLY A 498 1.51 19.13 0.10
N THR A 499 0.93 20.33 -0.13
CA THR A 499 1.60 21.62 0.08
C THR A 499 0.64 22.58 0.79
N ARG A 500 1.17 23.71 1.30
CA ARG A 500 0.35 24.74 1.94
C ARG A 500 -0.52 25.34 0.83
N THR A 501 -1.80 24.94 0.78
CA THR A 501 -2.74 25.34 -0.27
C THR A 501 -4.00 25.97 0.29
N LEU A 502 -4.42 27.07 -0.34
CA LEU A 502 -5.66 27.77 -0.05
C LEU A 502 -6.58 27.46 -1.22
N THR A 503 -7.67 26.74 -0.94
CA THR A 503 -8.65 26.35 -1.95
C THR A 503 -9.85 27.30 -1.87
N PHE A 504 -10.21 27.90 -2.99
CA PHE A 504 -11.36 28.81 -3.04
C PHE A 504 -12.57 28.13 -3.66
N ASN A 505 -12.34 27.05 -4.41
CA ASN A 505 -13.39 26.31 -5.09
C ASN A 505 -13.74 24.95 -4.46
N PHE A 506 -14.92 24.86 -3.83
CA PHE A 506 -15.46 23.62 -3.28
C PHE A 506 -16.70 23.18 -4.08
N THR A 507 -16.88 23.79 -5.27
CA THR A 507 -18.01 23.49 -6.18
C THR A 507 -17.60 22.34 -7.10
N PRO A 508 -18.49 21.34 -7.38
CA PRO A 508 -18.10 20.26 -8.30
C PRO A 508 -17.64 20.78 -9.65
N LYS A 509 -16.52 20.26 -10.13
CA LYS A 509 -15.92 20.62 -11.41
C LYS A 509 -16.80 20.19 -12.61
N ILE A 510 -16.61 20.88 -13.75
CA ILE A 510 -17.24 20.64 -15.07
C ILE A 510 -18.73 21.04 -15.09
N PHE A 511 -19.53 20.51 -14.15
CA PHE A 511 -20.97 20.76 -14.08
C PHE A 511 -21.34 22.13 -13.54
N PHE A 512 -20.40 22.78 -12.85
CA PHE A 512 -20.59 24.11 -12.31
C PHE A 512 -19.44 25.03 -12.71
N ARG A 513 -19.72 26.34 -12.77
CA ARG A 513 -18.71 27.35 -13.01
C ARG A 513 -17.90 27.46 -11.68
N PRO A 514 -16.56 27.26 -11.72
CA PRO A 514 -15.78 27.29 -10.47
C PRO A 514 -15.88 28.59 -9.66
N THR A 515 -15.93 28.44 -8.32
CA THR A 515 -15.96 29.54 -7.36
C THR A 515 -14.53 30.08 -7.28
N THR A 516 -14.38 31.42 -7.29
CA THR A 516 -13.07 32.04 -7.28
C THR A 516 -12.97 33.19 -6.31
N ILE A 517 -11.74 33.56 -5.95
CA ILE A 517 -11.44 34.76 -5.19
C ILE A 517 -11.50 35.85 -6.29
N THR A 518 -12.29 36.90 -6.10
CA THR A 518 -12.45 37.88 -7.18
C THR A 518 -11.81 39.21 -6.87
N ALA A 519 -11.14 39.77 -7.89
CA ALA A 519 -10.44 41.05 -7.84
C ALA A 519 -11.35 42.27 -7.69
N ASN A 520 -10.75 43.37 -7.21
CA ASN A 520 -11.32 44.69 -7.06
C ASN A 520 -10.17 45.63 -7.43
N VAL A 521 -10.02 45.88 -8.75
CA VAL A 521 -8.95 46.69 -9.36
C VAL A 521 -8.89 48.11 -8.77
N SER A 522 -10.07 48.75 -8.57
CA SER A 522 -10.18 50.10 -7.99
C SER A 522 -9.59 50.18 -6.58
N ARG A 523 -9.80 49.13 -5.75
CA ARG A 523 -9.30 49.02 -4.38
C ARG A 523 -7.87 48.45 -4.30
N GLY A 524 -7.28 48.10 -5.46
CA GLY A 524 -5.94 47.55 -5.58
C GLY A 524 -5.80 46.06 -5.31
N LYS A 525 -6.94 45.38 -5.04
CA LYS A 525 -6.99 43.94 -4.76
C LYS A 525 -7.02 43.13 -6.06
N ASP A 526 -5.86 43.03 -6.74
CA ASP A 526 -5.71 42.31 -8.01
C ASP A 526 -4.36 41.57 -8.07
N LYS A 527 -3.79 41.28 -6.90
CA LYS A 527 -2.50 40.58 -6.78
C LYS A 527 -2.42 39.78 -5.48
N LEU A 528 -1.70 38.65 -5.52
CA LEU A 528 -1.50 37.83 -4.33
C LEU A 528 -0.04 37.88 -3.91
N SER A 529 0.19 38.44 -2.71
CA SER A 529 1.53 38.56 -2.14
C SER A 529 1.72 37.55 -1.03
N VAL A 530 2.79 36.77 -1.13
CA VAL A 530 3.10 35.75 -0.14
C VAL A 530 4.37 36.16 0.65
N ARG A 531 4.32 35.99 1.98
CA ARG A 531 5.44 36.25 2.88
C ARG A 531 5.61 35.06 3.83
N VAL A 532 6.80 34.47 3.83
CA VAL A 532 7.10 33.35 4.73
C VAL A 532 8.15 33.76 5.76
N VAL A 533 8.08 33.13 6.94
CA VAL A 533 9.05 33.29 8.01
C VAL A 533 9.68 31.91 8.11
N TYR A 534 10.97 31.81 7.78
CA TYR A 534 11.64 30.53 7.85
C TYR A 534 12.19 30.24 9.23
N SER A 535 12.03 28.98 9.70
CA SER A 535 12.63 28.49 10.94
C SER A 535 14.07 28.19 10.55
N THR A 536 15.00 28.33 11.47
CA THR A 536 16.39 28.09 11.09
C THR A 536 17.08 27.06 11.96
N MET A 537 17.96 26.29 11.32
CA MET A 537 18.91 25.38 11.95
C MET A 537 20.07 26.38 12.13
N GLY A 538 20.80 26.31 13.24
CA GLY A 538 21.89 27.24 13.51
C GLY A 538 22.88 27.44 12.38
N VAL A 539 23.70 28.50 12.47
CA VAL A 539 24.71 28.81 11.44
C VAL A 539 25.87 27.79 11.43
N ASN A 540 26.01 26.96 12.49
CA ASN A 540 27.07 25.95 12.57
C ASN A 540 26.60 24.56 12.07
N HIS A 541 25.39 24.51 11.48
CA HIS A 541 24.82 23.33 10.87
C HIS A 541 25.04 23.48 9.36
N PRO A 542 25.74 22.53 8.69
CA PRO A 542 25.97 22.67 7.24
C PRO A 542 24.72 22.94 6.37
N ILE A 543 23.54 22.40 6.77
CA ILE A 543 22.27 22.57 6.04
C ILE A 543 21.77 24.04 5.98
N TYR A 544 22.27 24.92 6.88
CA TYR A 544 21.91 26.35 6.92
C TYR A 544 22.26 27.00 5.58
N TYR A 545 23.32 26.48 4.93
CA TYR A 545 23.95 26.95 3.68
C TYR A 545 23.35 26.35 2.41
N VAL A 546 22.23 25.62 2.58
CA VAL A 546 21.43 25.13 1.47
C VAL A 546 20.47 26.29 1.22
N GLN A 547 20.57 26.84 0.04
CA GLN A 547 19.79 27.97 -0.44
C GLN A 547 18.35 27.55 -0.73
N LYS A 548 17.40 28.43 -0.47
CA LYS A 548 15.97 28.16 -0.58
C LYS A 548 15.26 28.99 -1.65
N GLN A 549 14.39 28.35 -2.44
CA GLN A 549 13.56 29.04 -3.42
C GLN A 549 12.09 28.91 -2.99
N LEU A 550 11.41 30.04 -2.83
CA LEU A 550 9.99 30.09 -2.48
C LEU A 550 9.20 29.95 -3.80
N VAL A 551 8.23 29.01 -3.83
CA VAL A 551 7.41 28.71 -5.01
C VAL A 551 5.95 29.06 -4.72
N VAL A 552 5.34 29.90 -5.56
CA VAL A 552 3.94 30.28 -5.42
C VAL A 552 3.21 29.88 -6.71
N VAL A 553 2.20 29.00 -6.56
CA VAL A 553 1.40 28.49 -7.68
C VAL A 553 -0.03 29.02 -7.53
N CYS A 554 -0.53 29.64 -8.59
CA CYS A 554 -1.85 30.24 -8.66
C CYS A 554 -2.64 29.60 -9.81
N ASN A 555 -3.89 29.19 -9.54
CA ASN A 555 -4.74 28.62 -10.58
C ASN A 555 -5.74 29.69 -11.02
N ASP A 556 -5.57 30.22 -12.23
CA ASP A 556 -6.46 31.25 -12.79
C ASP A 556 -7.58 30.62 -13.58
N LEU A 557 -8.79 31.18 -13.46
CA LEU A 557 -9.95 30.71 -14.20
C LEU A 557 -10.01 31.35 -15.58
N TYR A 558 -10.21 30.53 -16.61
CA TYR A 558 -10.35 30.95 -18.00
C TYR A 558 -11.66 30.39 -18.58
N LYS A 559 -12.23 31.09 -19.55
CA LYS A 559 -13.43 30.66 -20.29
C LYS A 559 -12.93 29.99 -21.56
N VAL A 560 -13.53 28.86 -21.93
CA VAL A 560 -13.21 28.13 -23.17
C VAL A 560 -14.38 28.32 -24.14
N SER A 561 -14.11 28.99 -25.27
CA SER A 561 -15.08 29.24 -26.33
C SER A 561 -14.59 28.57 -27.61
N TYR A 562 -15.52 28.21 -28.50
CA TYR A 562 -15.20 27.50 -29.74
C TYR A 562 -15.65 28.26 -31.01
N ASP A 563 -15.68 29.60 -30.95
CA ASP A 563 -16.07 30.46 -32.07
C ASP A 563 -14.82 30.82 -32.90
N GLN A 564 -14.63 30.08 -34.02
CA GLN A 564 -13.47 30.16 -34.93
C GLN A 564 -12.23 29.59 -34.24
N GLY A 565 -12.19 28.26 -34.16
CA GLY A 565 -11.14 27.50 -33.51
C GLY A 565 -11.36 27.37 -32.02
N VAL A 566 -10.37 26.85 -31.29
CA VAL A 566 -10.46 26.72 -29.82
C VAL A 566 -9.72 27.91 -29.23
N SER A 567 -10.34 28.61 -28.29
CA SER A 567 -9.70 29.76 -27.66
C SER A 567 -10.04 29.87 -26.19
N ILE A 568 -9.13 30.48 -25.41
CA ILE A 568 -9.32 30.69 -23.97
C ILE A 568 -9.27 32.20 -23.67
N THR A 569 -10.12 32.65 -22.75
CA THR A 569 -10.21 34.04 -22.33
C THR A 569 -10.11 34.11 -20.82
N LYS A 570 -9.19 34.93 -20.30
CA LYS A 570 -9.02 35.12 -18.86
C LYS A 570 -10.25 35.82 -18.26
N ILE A 571 -10.81 35.24 -17.19
CA ILE A 571 -11.96 35.80 -16.47
C ILE A 571 -11.47 37.02 -15.70
N MET A 572 -12.12 38.19 -15.91
CA MET A 572 -11.75 39.46 -15.29
C MET A 572 -12.97 40.28 -14.92
N SER B 40 -29.11 39.18 -9.45
CA SER B 40 -29.85 39.22 -10.71
C SER B 40 -29.75 37.90 -11.49
N ILE B 41 -28.58 37.22 -11.42
CA ILE B 41 -28.29 35.96 -12.11
C ILE B 41 -28.93 34.77 -11.39
N LYS B 42 -29.48 33.80 -12.15
CA LYS B 42 -30.09 32.58 -11.61
C LYS B 42 -28.98 31.63 -11.15
N ARG B 43 -28.96 31.30 -9.85
CA ARG B 43 -27.92 30.48 -9.25
C ARG B 43 -28.43 29.13 -8.76
N SER B 44 -27.65 28.06 -9.02
CA SER B 44 -27.95 26.70 -8.55
C SER B 44 -27.47 26.59 -7.10
N ASN B 45 -28.34 26.07 -6.22
CA ASN B 45 -28.05 25.94 -4.80
C ASN B 45 -26.99 24.86 -4.54
N VAL B 46 -25.83 25.29 -3.98
CA VAL B 46 -24.74 24.37 -3.66
C VAL B 46 -24.62 24.16 -2.14
N PHE B 47 -25.49 24.80 -1.36
CA PHE B 47 -25.50 24.68 0.10
C PHE B 47 -26.72 23.94 0.62
N ALA B 48 -27.60 23.49 -0.29
CA ALA B 48 -28.80 22.72 0.07
C ALA B 48 -29.32 21.93 -1.11
N VAL B 49 -30.05 20.87 -0.81
CA VAL B 49 -30.67 19.98 -1.79
C VAL B 49 -32.03 19.50 -1.27
N ASP B 50 -32.96 19.24 -2.19
CA ASP B 50 -34.25 18.68 -1.86
C ASP B 50 -34.04 17.18 -1.69
N SER B 51 -34.20 16.69 -0.45
CA SER B 51 -34.02 15.28 -0.09
C SER B 51 -35.15 14.46 -0.72
N GLN B 52 -34.86 13.85 -1.90
CA GLN B 52 -35.80 13.01 -2.64
C GLN B 52 -36.17 11.77 -1.82
N ILE B 53 -37.44 11.36 -1.87
CA ILE B 53 -37.89 10.17 -1.15
C ILE B 53 -37.62 8.99 -2.09
N PRO B 54 -36.81 7.99 -1.68
CA PRO B 54 -36.55 6.86 -2.57
C PRO B 54 -37.67 5.81 -2.55
N THR B 55 -37.55 4.81 -3.44
CA THR B 55 -38.42 3.65 -3.50
C THR B 55 -38.36 3.01 -2.11
N LEU B 56 -39.50 2.56 -1.59
CA LEU B 56 -39.50 1.91 -0.28
C LEU B 56 -38.96 0.48 -0.41
N TYR B 57 -37.90 0.19 0.33
CA TYR B 57 -37.27 -1.12 0.30
C TYR B 57 -36.64 -1.46 1.64
N MET B 58 -36.23 -2.72 1.78
CA MET B 58 -35.54 -3.25 2.94
C MET B 58 -34.49 -4.28 2.47
N PRO B 59 -33.20 -4.06 2.77
CA PRO B 59 -32.19 -5.06 2.39
C PRO B 59 -32.05 -6.19 3.41
N GLN B 60 -31.49 -7.33 2.98
CA GLN B 60 -31.27 -8.50 3.83
C GLN B 60 -30.11 -9.32 3.29
N TYR B 61 -29.19 -9.73 4.18
CA TYR B 61 -28.08 -10.61 3.80
C TYR B 61 -28.64 -12.02 3.88
N ILE B 62 -28.73 -12.70 2.74
CA ILE B 62 -29.28 -14.05 2.66
C ILE B 62 -28.19 -15.05 2.28
N SER B 63 -28.08 -16.16 3.01
CA SER B 63 -27.12 -17.24 2.79
C SER B 63 -27.86 -18.54 2.47
N LEU B 64 -27.38 -19.27 1.45
CA LEU B 64 -28.00 -20.51 1.00
C LEU B 64 -26.99 -21.62 0.81
N SER B 65 -27.39 -22.84 1.17
CA SER B 65 -26.60 -24.04 0.91
C SER B 65 -26.99 -24.51 -0.48
N GLY B 66 -26.07 -25.16 -1.18
CA GLY B 66 -26.35 -25.62 -2.52
C GLY B 66 -26.66 -27.09 -2.65
N VAL B 67 -26.58 -27.57 -3.89
CA VAL B 67 -26.77 -28.96 -4.24
C VAL B 67 -25.52 -29.33 -5.02
N MET B 68 -24.75 -30.29 -4.51
CA MET B 68 -23.52 -30.74 -5.15
C MET B 68 -23.75 -31.87 -6.14
N THR B 69 -23.08 -31.80 -7.31
CA THR B 69 -23.17 -32.77 -8.41
C THR B 69 -21.73 -33.14 -8.88
N ASN B 70 -21.57 -34.36 -9.47
CA ASN B 70 -20.30 -34.88 -9.97
C ASN B 70 -20.50 -35.57 -11.32
N ASP B 74 -16.71 -36.24 -16.68
CA ASP B 74 -15.41 -35.84 -16.11
C ASP B 74 -15.41 -35.84 -14.57
N ASN B 75 -16.63 -35.92 -13.97
CA ASN B 75 -16.91 -35.92 -12.52
C ASN B 75 -16.42 -34.61 -11.83
N GLN B 76 -16.62 -33.48 -12.54
CA GLN B 76 -16.27 -32.13 -12.08
C GLN B 76 -17.36 -31.63 -11.11
N ALA B 77 -16.95 -31.09 -9.95
CA ALA B 77 -17.85 -30.59 -8.92
C ALA B 77 -18.65 -29.37 -9.36
N ILE B 78 -19.99 -29.44 -9.20
CA ILE B 78 -20.92 -28.38 -9.57
C ILE B 78 -21.87 -28.11 -8.40
N ALA B 79 -21.98 -26.85 -7.98
CA ALA B 79 -22.87 -26.39 -6.91
C ALA B 79 -23.99 -25.57 -7.56
N SER B 80 -25.25 -25.87 -7.20
CA SER B 80 -26.42 -25.16 -7.71
C SER B 80 -27.18 -24.49 -6.58
N PHE B 81 -27.52 -23.21 -6.75
CA PHE B 81 -28.22 -22.41 -5.77
C PHE B 81 -29.47 -21.82 -6.40
N GLU B 82 -30.65 -22.19 -5.88
CA GLU B 82 -31.94 -21.73 -6.39
C GLU B 82 -32.48 -20.62 -5.51
N ILE B 83 -32.77 -19.46 -6.13
CA ILE B 83 -33.29 -18.26 -5.47
C ILE B 83 -34.71 -17.98 -5.98
N ARG B 84 -35.71 -18.17 -5.11
CA ARG B 84 -37.11 -17.93 -5.42
C ARG B 84 -37.85 -17.53 -4.14
N ASP B 85 -38.34 -16.27 -4.13
CA ASP B 85 -39.04 -15.73 -2.97
C ASP B 85 -40.04 -14.67 -3.39
N GLN B 86 -41.14 -14.56 -2.62
CA GLN B 86 -42.19 -13.57 -2.84
C GLN B 86 -41.77 -12.20 -2.30
N TYR B 87 -40.84 -12.18 -1.33
CA TYR B 87 -40.33 -10.95 -0.72
C TYR B 87 -38.99 -10.48 -1.33
N ILE B 88 -38.18 -11.38 -1.95
CA ILE B 88 -36.92 -10.95 -2.60
C ILE B 88 -37.29 -10.41 -3.99
N THR B 89 -37.25 -9.06 -4.15
CA THR B 89 -37.60 -8.39 -5.41
C THR B 89 -36.36 -8.24 -6.32
N ALA B 90 -35.23 -7.86 -5.72
CA ALA B 90 -33.96 -7.68 -6.41
C ALA B 90 -32.81 -8.23 -5.55
N LEU B 91 -31.65 -8.45 -6.18
CA LEU B 91 -30.46 -8.93 -5.50
C LEU B 91 -29.18 -8.46 -6.21
N ASN B 92 -28.07 -8.47 -5.46
CA ASN B 92 -26.73 -8.17 -5.93
C ASN B 92 -25.69 -8.60 -4.88
N HIS B 93 -24.41 -8.29 -5.11
CA HIS B 93 -23.27 -8.59 -4.25
C HIS B 93 -23.22 -10.05 -3.83
N LEU B 94 -22.97 -10.93 -4.79
CA LEU B 94 -22.85 -12.37 -4.56
C LEU B 94 -21.50 -12.67 -3.94
N VAL B 95 -21.50 -13.48 -2.87
CA VAL B 95 -20.30 -13.91 -2.16
C VAL B 95 -20.41 -15.42 -1.93
N LEU B 96 -19.43 -16.18 -2.40
CA LEU B 96 -19.39 -17.62 -2.21
C LEU B 96 -18.40 -17.96 -1.10
N SER B 97 -18.85 -18.73 -0.10
CA SER B 97 -18.05 -19.21 1.03
C SER B 97 -17.56 -20.61 0.70
N LEU B 98 -16.33 -20.94 1.13
CA LEU B 98 -15.76 -22.26 0.94
C LEU B 98 -15.07 -22.70 2.20
N GLU B 99 -15.49 -23.86 2.70
CA GLU B 99 -14.93 -24.48 3.90
C GLU B 99 -13.74 -25.33 3.51
N LEU B 100 -12.52 -24.86 3.78
CA LEU B 100 -11.30 -25.61 3.51
C LEU B 100 -11.05 -26.57 4.69
N PRO B 101 -10.86 -27.88 4.42
CA PRO B 101 -10.72 -28.85 5.52
C PRO B 101 -9.36 -28.85 6.19
N GLU B 102 -9.24 -29.63 7.27
CA GLU B 102 -7.99 -29.84 7.97
C GLU B 102 -7.14 -30.74 7.07
N VAL B 103 -5.87 -30.41 6.92
CA VAL B 103 -4.97 -31.19 6.09
C VAL B 103 -3.96 -31.84 7.04
N LYS B 104 -3.94 -33.18 7.03
CA LYS B 104 -3.07 -33.99 7.88
C LYS B 104 -2.15 -34.90 7.06
N GLY B 105 -1.04 -35.29 7.65
CA GLY B 105 -0.08 -36.21 7.03
C GLY B 105 1.32 -35.67 6.90
N MET B 106 2.11 -36.33 6.05
CA MET B 106 3.50 -35.98 5.80
C MET B 106 3.64 -35.25 4.48
N GLY B 107 4.72 -34.50 4.36
CA GLY B 107 5.04 -33.76 3.15
C GLY B 107 4.76 -32.28 3.24
N ARG B 108 5.18 -31.57 2.19
CA ARG B 108 5.02 -30.13 2.06
C ARG B 108 3.72 -29.84 1.33
N PHE B 109 2.89 -28.96 1.90
CA PHE B 109 1.59 -28.58 1.34
C PHE B 109 1.29 -27.11 1.65
N GLY B 110 0.67 -26.44 0.67
CA GLY B 110 0.24 -25.06 0.75
C GLY B 110 -0.81 -24.76 -0.29
N TYR B 111 -1.60 -23.71 -0.07
CA TYR B 111 -2.62 -23.30 -1.04
C TYR B 111 -2.08 -22.19 -1.90
N VAL B 112 -2.57 -22.10 -3.14
CA VAL B 112 -2.18 -21.03 -4.05
C VAL B 112 -2.71 -19.68 -3.48
N PRO B 113 -2.06 -18.51 -3.75
CA PRO B 113 -2.62 -17.25 -3.24
C PRO B 113 -4.00 -17.04 -3.85
N TYR B 114 -4.93 -16.42 -3.09
CA TYR B 114 -6.30 -16.16 -3.53
C TYR B 114 -7.03 -17.46 -3.91
N VAL B 115 -6.82 -18.50 -3.09
CA VAL B 115 -7.30 -19.88 -3.24
C VAL B 115 -8.77 -19.93 -3.68
N GLY B 116 -9.63 -19.12 -3.07
CA GLY B 116 -11.05 -19.04 -3.38
C GLY B 116 -11.35 -18.76 -4.84
N TYR B 117 -10.64 -17.78 -5.43
CA TYR B 117 -10.83 -17.45 -6.85
C TYR B 117 -10.33 -18.58 -7.76
N LYS B 118 -9.20 -19.21 -7.41
CA LYS B 118 -8.58 -20.29 -8.17
C LYS B 118 -9.42 -21.58 -8.19
N CYS B 119 -10.33 -21.74 -7.21
N CYS B 119 -10.32 -21.79 -7.23
CA CYS B 119 -11.27 -22.85 -7.05
CA CYS B 119 -11.15 -22.98 -7.24
C CYS B 119 -12.33 -22.81 -8.15
C CYS B 119 -12.34 -22.84 -8.21
N ILE B 120 -12.67 -21.60 -8.63
CA ILE B 120 -13.74 -21.33 -9.59
C ILE B 120 -13.33 -21.61 -11.03
N ASN B 121 -14.09 -22.50 -11.68
CA ASN B 121 -13.90 -22.83 -13.09
C ASN B 121 -14.84 -21.97 -13.92
N HIS B 122 -16.11 -21.89 -13.50
CA HIS B 122 -17.16 -21.16 -14.20
C HIS B 122 -18.30 -20.81 -13.23
N VAL B 123 -18.91 -19.63 -13.41
CA VAL B 123 -20.08 -19.15 -12.66
C VAL B 123 -21.15 -18.82 -13.71
N SER B 124 -22.39 -19.24 -13.45
CA SER B 124 -23.53 -19.00 -14.33
C SER B 124 -24.73 -18.53 -13.50
N ILE B 125 -25.42 -17.47 -13.96
CA ILE B 125 -26.63 -16.94 -13.35
C ILE B 125 -27.71 -17.12 -14.42
N SER B 126 -28.66 -18.01 -14.18
CA SER B 126 -29.71 -18.29 -15.16
C SER B 126 -31.13 -18.25 -14.61
N SER B 127 -32.10 -18.13 -15.52
CA SER B 127 -33.54 -18.14 -15.22
C SER B 127 -34.19 -19.22 -16.10
N CYS B 128 -35.54 -19.27 -16.12
CA CYS B 128 -36.35 -20.20 -16.92
CA CYS B 128 -36.28 -20.25 -16.92
C CYS B 128 -36.16 -19.97 -18.43
N ASN B 129 -35.76 -18.74 -18.81
CA ASN B 129 -35.53 -18.32 -20.20
C ASN B 129 -34.07 -18.55 -20.67
N GLY B 130 -33.24 -19.09 -19.78
CA GLY B 130 -31.82 -19.37 -20.04
C GLY B 130 -30.85 -18.55 -19.22
N VAL B 131 -29.59 -18.48 -19.66
CA VAL B 131 -28.50 -17.75 -19.00
C VAL B 131 -28.75 -16.24 -19.06
N ILE B 132 -28.60 -15.54 -17.90
CA ILE B 132 -28.73 -14.08 -17.77
C ILE B 132 -27.32 -13.46 -17.91
N TRP B 133 -26.34 -14.12 -17.28
CA TRP B 133 -24.93 -13.71 -17.21
C TRP B 133 -24.10 -14.92 -16.76
N GLU B 134 -22.90 -15.05 -17.32
CA GLU B 134 -21.96 -16.11 -16.99
C GLU B 134 -20.52 -15.63 -17.18
N ILE B 135 -19.58 -16.31 -16.53
CA ILE B 135 -18.16 -15.95 -16.59
C ILE B 135 -17.27 -17.16 -16.35
N GLU B 136 -16.08 -17.17 -16.96
CA GLU B 136 -15.05 -18.18 -16.73
C GLU B 136 -14.32 -17.72 -15.46
N GLY B 137 -13.87 -18.66 -14.64
CA GLY B 137 -13.17 -18.40 -13.40
C GLY B 137 -12.02 -17.40 -13.47
N GLU B 138 -11.19 -17.50 -14.53
CA GLU B 138 -10.07 -16.59 -14.73
C GLU B 138 -10.54 -15.17 -15.00
N GLU B 139 -11.66 -15.01 -15.72
CA GLU B 139 -12.19 -13.68 -16.01
C GLU B 139 -12.78 -13.01 -14.78
N LEU B 140 -13.42 -13.79 -13.89
CA LEU B 140 -13.94 -13.31 -12.62
C LEU B 140 -12.77 -12.77 -11.79
N TYR B 141 -11.68 -13.57 -11.68
CA TYR B 141 -10.44 -13.22 -10.98
C TYR B 141 -9.80 -11.96 -11.59
N ASN B 142 -9.73 -11.88 -12.93
CA ASN B 142 -9.21 -10.71 -13.65
C ASN B 142 -10.02 -9.46 -13.33
N ASN B 143 -11.35 -9.61 -13.19
CA ASN B 143 -12.25 -8.52 -12.85
C ASN B 143 -12.12 -8.03 -11.41
N CYS B 144 -11.62 -8.88 -10.50
CA CYS B 144 -11.46 -8.56 -9.07
C CYS B 144 -10.02 -8.30 -8.65
N ILE B 145 -9.05 -8.45 -9.59
CA ILE B 145 -7.61 -8.32 -9.34
C ILE B 145 -7.20 -6.94 -8.77
N ASN B 146 -8.00 -5.90 -9.02
CA ASN B 146 -7.76 -4.54 -8.53
C ASN B 146 -8.45 -4.29 -7.18
N ASN B 147 -9.21 -5.28 -6.67
CA ASN B 147 -9.92 -5.21 -5.39
C ASN B 147 -9.16 -6.01 -4.34
N THR B 148 -8.34 -5.30 -3.55
CA THR B 148 -7.47 -5.84 -2.49
C THR B 148 -8.26 -6.59 -1.42
N ILE B 149 -9.41 -6.03 -0.98
CA ILE B 149 -10.28 -6.59 0.06
C ILE B 149 -10.85 -7.93 -0.40
N ALA B 150 -11.42 -8.00 -1.63
CA ALA B 150 -11.96 -9.23 -2.22
C ALA B 150 -10.87 -10.30 -2.33
N LEU B 151 -9.66 -9.92 -2.76
CA LEU B 151 -8.51 -10.83 -2.88
C LEU B 151 -8.11 -11.39 -1.51
N LYS B 152 -8.07 -10.53 -0.47
CA LYS B 152 -7.73 -10.95 0.88
C LYS B 152 -8.75 -11.96 1.43
N HIS B 153 -10.06 -11.68 1.24
CA HIS B 153 -11.14 -12.56 1.71
C HIS B 153 -11.09 -13.95 1.07
N SER B 154 -10.63 -14.04 -0.20
CA SER B 154 -10.56 -15.30 -0.95
C SER B 154 -9.52 -16.28 -0.44
N GLY B 155 -8.62 -15.77 0.40
CA GLY B 155 -7.59 -16.58 1.01
C GLY B 155 -6.21 -16.16 0.60
N TYR B 156 -5.65 -15.21 1.34
CA TYR B 156 -4.31 -14.69 1.15
C TYR B 156 -3.73 -14.38 2.51
N SER B 157 -3.01 -15.34 3.08
CA SER B 157 -2.41 -15.26 4.41
C SER B 157 -1.24 -16.23 4.48
N SER B 158 -0.35 -16.04 5.48
CA SER B 158 0.77 -16.93 5.72
C SER B 158 0.26 -18.30 6.15
N GLU B 159 -0.86 -18.32 6.92
CA GLU B 159 -1.53 -19.55 7.37
C GLU B 159 -1.91 -20.45 6.20
N LEU B 160 -2.44 -19.87 5.11
CA LEU B 160 -2.87 -20.63 3.93
C LEU B 160 -1.83 -20.82 2.85
N ASN B 161 -1.05 -19.77 2.55
CA ASN B 161 -0.18 -19.72 1.38
C ASN B 161 1.31 -20.05 1.62
N ASP B 162 1.76 -20.12 2.88
CA ASP B 162 3.13 -20.57 3.12
C ASP B 162 3.12 -22.09 2.96
N ILE B 163 4.23 -22.66 2.49
CA ILE B 163 4.27 -24.10 2.32
C ILE B 163 4.60 -24.73 3.66
N SER B 164 3.59 -25.36 4.27
CA SER B 164 3.72 -26.02 5.57
C SER B 164 4.23 -27.45 5.40
N ILE B 165 4.91 -27.96 6.45
CA ILE B 165 5.46 -29.31 6.42
C ILE B 165 4.84 -30.20 7.51
N GLY B 166 4.48 -31.41 7.10
CA GLY B 166 3.96 -32.46 7.96
C GLY B 166 5.08 -33.46 8.21
N LEU B 167 5.40 -33.71 9.48
CA LEU B 167 6.50 -34.60 9.88
C LEU B 167 6.06 -36.02 10.17
N THR B 168 4.82 -36.22 10.66
CA THR B 168 4.27 -37.55 10.99
C THR B 168 2.94 -37.76 10.24
N PRO B 169 2.45 -39.02 10.04
CA PRO B 169 1.17 -39.20 9.33
C PRO B 169 -0.08 -38.61 10.02
N ASN B 170 0.05 -38.18 11.29
CA ASN B 170 -1.03 -37.59 12.08
C ASN B 170 -0.81 -36.10 12.36
N ASP B 171 0.31 -35.55 11.87
CA ASP B 171 0.67 -34.14 12.02
C ASP B 171 -0.28 -33.27 11.17
N THR B 172 -0.73 -32.13 11.73
CA THR B 172 -1.62 -31.20 11.03
C THR B 172 -0.76 -30.24 10.21
N ILE B 173 -0.95 -30.27 8.88
CA ILE B 173 -0.23 -29.40 7.94
C ILE B 173 -0.98 -28.05 7.90
N LYS B 174 -2.31 -28.09 7.66
CA LYS B 174 -3.19 -26.91 7.61
C LYS B 174 -4.42 -27.11 8.48
N GLU B 175 -4.75 -26.09 9.28
CA GLU B 175 -5.95 -26.07 10.13
C GLU B 175 -7.17 -25.76 9.26
N PRO B 176 -8.41 -26.17 9.65
CA PRO B 176 -9.59 -25.82 8.84
C PRO B 176 -9.79 -24.30 8.76
N SER B 177 -10.29 -23.82 7.62
CA SER B 177 -10.45 -22.39 7.37
C SER B 177 -11.64 -22.11 6.45
N THR B 178 -12.16 -20.88 6.47
CA THR B 178 -13.26 -20.46 5.60
C THR B 178 -12.80 -19.30 4.76
N VAL B 179 -12.97 -19.41 3.44
CA VAL B 179 -12.60 -18.36 2.49
C VAL B 179 -13.86 -17.80 1.84
N TYR B 180 -13.82 -16.52 1.42
CA TYR B 180 -14.97 -15.82 0.83
C TYR B 180 -14.61 -15.25 -0.51
N VAL B 181 -15.37 -15.62 -1.54
CA VAL B 181 -15.13 -15.20 -2.92
C VAL B 181 -16.21 -14.23 -3.35
N TYR B 182 -15.83 -12.99 -3.62
CA TYR B 182 -16.76 -11.99 -4.12
C TYR B 182 -16.99 -12.24 -5.62
N ILE B 183 -18.18 -12.74 -5.98
CA ILE B 183 -18.54 -13.01 -7.36
C ILE B 183 -19.07 -11.71 -7.95
N LYS B 184 -18.14 -10.86 -8.40
CA LYS B 184 -18.45 -9.55 -9.00
C LYS B 184 -19.31 -9.79 -10.22
N THR B 185 -20.44 -9.06 -10.29
CA THR B 185 -21.39 -9.14 -11.40
C THR B 185 -21.72 -7.72 -11.86
N PRO B 186 -22.31 -7.53 -13.07
CA PRO B 186 -22.70 -6.16 -13.49
C PRO B 186 -23.79 -5.53 -12.62
N PHE B 187 -24.42 -6.32 -11.74
CA PHE B 187 -25.49 -5.86 -10.84
C PHE B 187 -25.00 -5.03 -9.64
N ASP B 188 -23.67 -4.97 -9.44
CA ASP B 188 -23.05 -4.27 -8.31
C ASP B 188 -22.61 -2.85 -8.61
N VAL B 189 -22.40 -2.52 -9.90
CA VAL B 189 -21.92 -1.22 -10.41
C VAL B 189 -22.58 -0.02 -9.70
N GLU B 190 -23.92 0.09 -9.75
CA GLU B 190 -24.65 1.21 -9.18
C GLU B 190 -25.62 0.79 -8.10
N ASP B 191 -25.19 -0.16 -7.27
CA ASP B 191 -25.91 -0.70 -6.12
C ASP B 191 -27.36 -1.14 -6.46
N THR B 192 -28.37 -0.49 -5.88
CA THR B 192 -29.79 -0.83 -6.09
C THR B 192 -30.25 -0.58 -7.53
N PHE B 193 -29.70 0.46 -8.20
CA PHE B 193 -30.04 0.82 -9.57
C PHE B 193 -29.70 -0.28 -10.59
N SER B 194 -28.56 -0.96 -10.36
CA SER B 194 -28.03 -2.00 -11.23
C SER B 194 -28.45 -3.43 -10.84
N SER B 195 -28.97 -3.63 -9.61
CA SER B 195 -29.38 -4.94 -9.06
C SER B 195 -30.19 -5.83 -10.01
N LEU B 196 -30.04 -7.16 -9.87
CA LEU B 196 -30.77 -8.11 -10.66
C LEU B 196 -32.22 -8.17 -10.16
N LYS B 197 -33.19 -7.75 -11.02
CA LYS B 197 -34.62 -7.78 -10.70
C LYS B 197 -35.15 -9.13 -11.06
N LEU B 198 -35.61 -9.91 -10.07
CA LEU B 198 -36.16 -11.22 -10.37
C LEU B 198 -37.68 -11.07 -10.51
N SER B 199 -38.14 -10.84 -11.75
CA SER B 199 -39.56 -10.60 -12.11
C SER B 199 -40.38 -11.89 -11.90
N ASP B 200 -40.70 -12.21 -10.61
CA ASP B 200 -41.45 -13.39 -10.15
C ASP B 200 -40.87 -14.74 -10.69
N SER B 201 -39.58 -14.74 -11.07
CA SER B 201 -38.90 -15.93 -11.62
C SER B 201 -37.95 -16.58 -10.60
N LYS B 202 -37.55 -17.84 -10.91
CA LYS B 202 -36.59 -18.64 -10.14
C LYS B 202 -35.21 -18.39 -10.74
N ILE B 203 -34.30 -17.84 -9.93
CA ILE B 203 -32.92 -17.56 -10.35
C ILE B 203 -32.04 -18.72 -9.91
N THR B 204 -31.20 -19.24 -10.80
CA THR B 204 -30.27 -20.32 -10.46
C THR B 204 -28.82 -19.87 -10.65
N VAL B 205 -28.03 -19.97 -9.57
CA VAL B 205 -26.61 -19.66 -9.59
C VAL B 205 -25.87 -21.00 -9.60
N THR B 206 -25.14 -21.28 -10.69
CA THR B 206 -24.40 -22.51 -10.86
C THR B 206 -22.90 -22.22 -10.80
N VAL B 207 -22.19 -22.86 -9.88
CA VAL B 207 -20.74 -22.72 -9.74
C VAL B 207 -20.06 -24.05 -10.07
N THR B 208 -19.20 -24.04 -11.07
CA THR B 208 -18.40 -25.20 -11.48
C THR B 208 -17.04 -25.01 -10.81
N PHE B 209 -16.50 -26.08 -10.23
CA PHE B 209 -15.22 -26.02 -9.55
C PHE B 209 -14.07 -26.67 -10.31
N ASN B 210 -12.86 -26.13 -10.15
CA ASN B 210 -11.65 -26.67 -10.76
C ASN B 210 -11.21 -27.87 -9.92
N PRO B 211 -10.44 -28.85 -10.46
CA PRO B 211 -9.97 -29.95 -9.58
C PRO B 211 -9.06 -29.38 -8.49
N VAL B 212 -9.09 -29.97 -7.27
CA VAL B 212 -8.32 -29.48 -6.12
C VAL B 212 -6.79 -29.40 -6.42
N SER B 213 -6.30 -30.14 -7.44
CA SER B 213 -4.90 -30.12 -7.89
C SER B 213 -4.42 -28.74 -8.28
N ASP B 214 -5.33 -27.93 -8.87
CA ASP B 214 -5.09 -26.56 -9.33
C ASP B 214 -4.83 -25.57 -8.18
N ILE B 215 -5.49 -25.75 -7.03
CA ILE B 215 -5.42 -24.83 -5.89
C ILE B 215 -4.36 -25.19 -4.84
N VAL B 216 -3.65 -26.29 -5.05
CA VAL B 216 -2.68 -26.82 -4.11
C VAL B 216 -1.23 -26.89 -4.66
N ILE B 217 -0.25 -26.52 -3.81
CA ILE B 217 1.20 -26.59 -4.05
C ILE B 217 1.72 -27.63 -3.06
N ARG B 218 2.37 -28.70 -3.59
CA ARG B 218 2.85 -29.83 -2.78
C ARG B 218 4.09 -30.53 -3.35
N ASP B 219 4.86 -31.21 -2.47
CA ASP B 219 6.01 -32.00 -2.88
C ASP B 219 5.55 -33.45 -3.13
N SER B 220 6.50 -34.34 -3.51
CA SER B 220 6.22 -35.76 -3.78
C SER B 220 5.82 -36.57 -2.54
N SER B 221 6.35 -36.20 -1.36
CA SER B 221 6.08 -36.84 -0.07
C SER B 221 4.61 -36.72 0.34
N PHE B 222 3.96 -35.60 -0.04
CA PHE B 222 2.54 -35.36 0.26
C PHE B 222 1.67 -36.34 -0.50
N ASP B 223 0.82 -37.07 0.24
CA ASP B 223 -0.10 -38.05 -0.33
C ASP B 223 -1.29 -37.34 -0.98
N PHE B 224 -1.06 -36.85 -2.21
CA PHE B 224 -2.08 -36.17 -2.98
C PHE B 224 -3.21 -37.10 -3.43
N GLU B 225 -2.87 -38.34 -3.79
CA GLU B 225 -3.83 -39.36 -4.24
C GLU B 225 -4.99 -39.50 -3.24
N THR B 226 -4.67 -39.60 -1.93
CA THR B 226 -5.66 -39.72 -0.86
C THR B 226 -6.41 -38.40 -0.65
N PHE B 227 -5.66 -37.26 -0.62
CA PHE B 227 -6.20 -35.92 -0.45
C PHE B 227 -7.25 -35.61 -1.52
N ASN B 228 -6.95 -35.94 -2.79
CA ASN B 228 -7.84 -35.73 -3.94
C ASN B 228 -9.14 -36.55 -3.80
N LYS B 229 -9.04 -37.78 -3.25
CA LYS B 229 -10.19 -38.67 -3.04
C LYS B 229 -11.06 -38.20 -1.88
N GLU B 230 -10.42 -37.71 -0.80
CA GLU B 230 -11.10 -37.25 0.41
C GLU B 230 -11.60 -35.80 0.38
N PHE B 231 -11.03 -34.94 -0.51
CA PHE B 231 -11.42 -33.53 -0.60
C PHE B 231 -12.80 -33.34 -1.22
N VAL B 232 -13.60 -32.51 -0.57
CA VAL B 232 -14.93 -32.13 -1.04
C VAL B 232 -15.09 -30.61 -0.97
N TYR B 233 -15.66 -30.01 -2.03
CA TYR B 233 -15.95 -28.58 -2.05
C TYR B 233 -17.22 -28.36 -1.25
N VAL B 234 -17.14 -27.56 -0.18
CA VAL B 234 -18.28 -27.26 0.70
C VAL B 234 -18.63 -25.77 0.53
N PRO B 235 -19.52 -25.44 -0.44
CA PRO B 235 -19.84 -24.03 -0.69
C PRO B 235 -21.15 -23.53 -0.07
N GLU B 236 -21.26 -22.21 0.06
CA GLU B 236 -22.45 -21.51 0.55
C GLU B 236 -22.51 -20.18 -0.18
N LEU B 237 -23.67 -19.85 -0.75
CA LEU B 237 -23.84 -18.58 -1.46
C LEU B 237 -24.58 -17.56 -0.62
N SER B 238 -24.00 -16.36 -0.52
CA SER B 238 -24.62 -15.23 0.15
C SER B 238 -24.85 -14.14 -0.90
N PHE B 239 -25.86 -13.29 -0.67
CA PHE B 239 -26.20 -12.17 -1.52
C PHE B 239 -26.98 -11.13 -0.72
N ILE B 240 -27.00 -9.89 -1.21
CA ILE B 240 -27.80 -8.84 -0.58
C ILE B 240 -29.13 -8.83 -1.33
N GLY B 241 -30.19 -9.26 -0.65
CA GLY B 241 -31.54 -9.29 -1.20
C GLY B 241 -32.27 -8.00 -0.84
N TYR B 242 -33.19 -7.56 -1.72
CA TYR B 242 -33.97 -6.34 -1.48
C TYR B 242 -35.45 -6.61 -1.57
N MET B 243 -36.19 -6.31 -0.50
CA MET B 243 -37.64 -6.43 -0.47
C MET B 243 -38.13 -5.05 -0.87
N VAL B 244 -38.65 -4.93 -2.08
CA VAL B 244 -39.08 -3.65 -2.65
C VAL B 244 -40.62 -3.55 -2.74
N LYS B 245 -41.17 -2.41 -2.27
CA LYS B 245 -42.60 -2.13 -2.34
C LYS B 245 -42.86 -1.33 -3.63
N ASN B 246 -43.73 -1.87 -4.50
CA ASN B 246 -44.14 -1.28 -5.79
C ASN B 246 -42.95 -0.93 -6.67
N VAL B 247 -42.17 -1.97 -7.03
CA VAL B 247 -41.00 -1.84 -7.89
C VAL B 247 -41.43 -1.48 -9.32
N GLN B 248 -40.75 -0.50 -9.92
CA GLN B 248 -41.01 -0.08 -11.29
C GLN B 248 -39.82 -0.54 -12.13
N ILE B 249 -39.93 -1.74 -12.69
CA ILE B 249 -38.86 -2.33 -13.49
C ILE B 249 -38.82 -1.70 -14.88
N LYS B 250 -37.60 -1.43 -15.37
CA LYS B 250 -37.33 -0.84 -16.68
C LYS B 250 -36.32 -1.73 -17.44
N PRO B 251 -36.28 -1.72 -18.79
CA PRO B 251 -35.28 -2.54 -19.50
C PRO B 251 -33.86 -1.98 -19.29
N SER B 252 -32.84 -2.86 -19.37
CA SER B 252 -31.46 -2.45 -19.18
C SER B 252 -30.48 -3.16 -20.11
N PHE B 253 -29.18 -2.94 -19.90
CA PHE B 253 -28.14 -3.55 -20.71
C PHE B 253 -27.12 -4.22 -19.84
N ILE B 254 -26.56 -5.33 -20.34
CA ILE B 254 -25.55 -6.11 -19.64
C ILE B 254 -24.41 -6.48 -20.58
N GLU B 255 -23.17 -6.40 -20.09
CA GLU B 255 -21.97 -6.78 -20.82
C GLU B 255 -21.63 -8.18 -20.36
N LYS B 256 -21.60 -9.15 -21.28
CA LYS B 256 -21.30 -10.54 -20.97
C LYS B 256 -19.92 -10.92 -21.55
N PRO B 257 -18.96 -11.31 -20.69
CA PRO B 257 -17.62 -11.68 -21.21
C PRO B 257 -17.57 -13.04 -21.91
N ARG B 258 -16.79 -13.09 -23.00
CA ARG B 258 -16.60 -14.25 -23.86
C ARG B 258 -15.11 -14.44 -24.09
N ARG B 259 -14.63 -15.65 -23.89
CA ARG B 259 -13.22 -15.99 -23.96
C ARG B 259 -12.90 -16.97 -25.09
N VAL B 260 -11.79 -16.72 -25.79
CA VAL B 260 -11.26 -17.57 -26.86
C VAL B 260 -9.78 -17.81 -26.57
N ILE B 261 -9.37 -19.08 -26.53
CA ILE B 261 -7.99 -19.50 -26.28
C ILE B 261 -7.44 -20.10 -27.59
N GLY B 262 -6.37 -19.49 -28.11
CA GLY B 262 -5.72 -19.95 -29.33
C GLY B 262 -5.00 -21.29 -29.18
N GLN B 263 -4.58 -21.87 -30.31
CA GLN B 263 -3.85 -23.14 -30.34
C GLN B 263 -2.47 -22.99 -29.73
N ILE B 264 -1.92 -24.09 -29.17
CA ILE B 264 -0.62 -24.09 -28.54
C ILE B 264 0.45 -23.56 -29.51
N ASN B 265 1.13 -22.49 -29.08
CA ASN B 265 2.21 -21.77 -29.74
C ASN B 265 1.79 -21.01 -31.01
N GLN B 266 0.48 -20.91 -31.29
CA GLN B 266 -0.01 -20.13 -32.42
C GLN B 266 -0.13 -18.64 -32.06
N PRO B 267 0.45 -17.71 -32.84
CA PRO B 267 0.37 -16.29 -32.47
C PRO B 267 -0.93 -15.60 -32.92
N THR B 268 -2.02 -16.37 -33.12
CA THR B 268 -3.33 -15.84 -33.56
C THR B 268 -4.50 -16.47 -32.79
N ALA B 269 -5.62 -15.75 -32.71
CA ALA B 269 -6.90 -16.15 -32.13
C ALA B 269 -7.98 -15.27 -32.73
N THR B 270 -9.18 -15.82 -32.91
CA THR B 270 -10.31 -15.11 -33.51
C THR B 270 -11.56 -15.26 -32.67
N VAL B 271 -12.30 -14.17 -32.52
CA VAL B 271 -13.60 -14.14 -31.83
C VAL B 271 -14.59 -13.91 -32.95
N THR B 272 -15.46 -14.90 -33.19
CA THR B 272 -16.48 -14.82 -34.25
C THR B 272 -17.73 -14.15 -33.72
N GLU B 273 -18.65 -13.78 -34.61
CA GLU B 273 -19.95 -13.17 -34.29
C GLU B 273 -19.85 -11.99 -33.31
N VAL B 274 -18.97 -11.04 -33.61
CA VAL B 274 -18.80 -9.82 -32.83
C VAL B 274 -19.72 -8.79 -33.49
N HIS B 275 -20.80 -8.40 -32.80
CA HIS B 275 -21.78 -7.47 -33.34
C HIS B 275 -21.85 -6.14 -32.58
N ALA B 276 -21.72 -6.20 -31.24
CA ALA B 276 -21.76 -5.04 -30.36
C ALA B 276 -20.89 -5.32 -29.15
N ALA B 277 -19.59 -4.98 -29.25
CA ALA B 277 -18.64 -5.21 -28.18
C ALA B 277 -18.21 -3.90 -27.48
N THR B 278 -18.16 -3.93 -26.14
CA THR B 278 -17.77 -2.77 -25.31
C THR B 278 -16.25 -2.73 -25.06
N SER B 279 -15.58 -3.90 -25.12
CA SER B 279 -14.13 -4.01 -24.92
C SER B 279 -13.56 -5.33 -25.44
N LEU B 280 -12.23 -5.35 -25.58
CA LEU B 280 -11.45 -6.50 -26.02
C LEU B 280 -10.13 -6.55 -25.26
N SER B 281 -9.84 -7.68 -24.62
CA SER B 281 -8.60 -7.90 -23.87
C SER B 281 -7.78 -9.00 -24.50
N VAL B 282 -6.46 -8.82 -24.48
CA VAL B 282 -5.51 -9.76 -25.04
C VAL B 282 -4.40 -10.00 -24.03
N TYR B 283 -4.16 -11.28 -23.73
CA TYR B 283 -3.07 -11.72 -22.87
C TYR B 283 -2.58 -13.10 -23.27
N THR B 284 -1.52 -13.58 -22.60
CA THR B 284 -0.88 -14.86 -22.86
C THR B 284 -0.92 -15.75 -21.61
N LYS B 285 -1.06 -17.05 -21.81
CA LYS B 285 -1.01 -18.03 -20.73
C LYS B 285 0.03 -19.09 -21.06
N PRO B 286 0.83 -19.58 -20.09
CA PRO B 286 1.76 -20.67 -20.40
C PRO B 286 1.02 -21.99 -20.42
N TYR B 287 1.55 -22.98 -21.10
CA TYR B 287 0.97 -24.32 -21.15
C TYR B 287 2.06 -25.28 -20.68
N TYR B 288 1.78 -25.99 -19.57
CA TYR B 288 2.75 -26.90 -18.96
C TYR B 288 2.44 -28.40 -19.14
N GLY B 289 1.63 -28.74 -20.14
CA GLY B 289 1.25 -30.11 -20.47
C GLY B 289 2.42 -31.02 -20.80
N ASN B 290 3.51 -30.43 -21.37
CA ASN B 290 4.74 -31.13 -21.74
C ASN B 290 5.70 -31.33 -20.54
N THR B 291 5.24 -30.95 -19.31
CA THR B 291 6.03 -31.05 -18.06
C THR B 291 5.24 -31.81 -16.99
N ASP B 292 5.92 -32.13 -15.87
CA ASP B 292 5.29 -32.79 -14.72
C ASP B 292 4.76 -31.73 -13.72
N ASN B 293 4.80 -30.43 -14.12
CA ASN B 293 4.35 -29.25 -13.37
C ASN B 293 5.14 -29.05 -12.07
N LYS B 294 6.41 -29.48 -12.05
CA LYS B 294 7.30 -29.36 -10.90
C LYS B 294 8.26 -28.20 -11.10
N PHE B 295 8.49 -27.45 -10.02
CA PHE B 295 9.36 -26.28 -9.97
C PHE B 295 10.27 -26.44 -8.76
N ILE B 296 11.51 -25.90 -8.84
CA ILE B 296 12.50 -26.00 -7.76
C ILE B 296 12.04 -25.31 -6.48
N SER B 297 11.57 -24.07 -6.59
CA SER B 297 11.18 -23.24 -5.45
C SER B 297 9.84 -22.54 -5.59
N TYR B 298 9.35 -22.05 -4.46
CA TYR B 298 8.13 -21.27 -4.33
C TYR B 298 8.22 -20.41 -3.06
N PRO B 299 7.95 -19.08 -3.14
CA PRO B 299 8.14 -18.22 -1.97
C PRO B 299 7.08 -18.29 -0.87
N GLY B 300 5.91 -18.85 -1.19
CA GLY B 300 4.81 -18.95 -0.24
C GLY B 300 3.91 -17.73 -0.27
N TYR B 301 3.61 -17.18 0.92
CA TYR B 301 2.74 -16.01 1.08
C TYR B 301 3.37 -14.74 0.49
N SER B 302 4.69 -14.58 0.65
CA SER B 302 5.46 -13.44 0.13
C SER B 302 5.47 -13.57 -1.40
N GLN B 303 4.82 -12.65 -2.11
CA GLN B 303 4.63 -12.76 -3.56
C GLN B 303 5.34 -11.73 -4.43
N ASP B 304 6.28 -10.93 -3.89
CA ASP B 304 6.99 -9.98 -4.74
C ASP B 304 7.99 -10.70 -5.63
N GLU B 305 8.40 -10.07 -6.73
CA GLU B 305 9.38 -10.59 -7.67
C GLU B 305 10.66 -11.01 -6.93
N LYS B 306 11.12 -10.16 -5.98
CA LYS B 306 12.29 -10.39 -5.14
C LYS B 306 12.11 -11.62 -4.27
N ASP B 307 10.89 -11.88 -3.76
CA ASP B 307 10.58 -13.02 -2.92
C ASP B 307 10.73 -14.34 -3.68
N TYR B 308 10.29 -14.36 -4.95
CA TYR B 308 10.41 -15.50 -5.83
C TYR B 308 11.88 -15.81 -6.12
N ILE B 309 12.67 -14.75 -6.41
CA ILE B 309 14.10 -14.82 -6.68
C ILE B 309 14.87 -15.29 -5.46
N ASP B 310 14.59 -14.70 -4.28
CA ASP B 310 15.24 -15.05 -3.01
C ASP B 310 15.01 -16.49 -2.62
N ALA B 311 13.77 -17.00 -2.82
CA ALA B 311 13.39 -18.36 -2.49
C ALA B 311 14.17 -19.35 -3.37
N TYR B 312 14.37 -18.99 -4.66
CA TYR B 312 15.10 -19.78 -5.64
C TYR B 312 16.59 -19.84 -5.30
N VAL B 313 17.21 -18.67 -5.05
CA VAL B 313 18.62 -18.52 -4.68
C VAL B 313 18.92 -19.36 -3.44
N SER B 314 18.06 -19.27 -2.42
CA SER B 314 18.15 -20.00 -1.15
C SER B 314 18.12 -21.52 -1.36
N ARG B 315 17.29 -22.00 -2.30
CA ARG B 315 17.17 -23.43 -2.63
C ARG B 315 18.44 -23.97 -3.31
N LEU B 316 19.11 -23.12 -4.10
CA LEU B 316 20.34 -23.47 -4.84
C LEU B 316 21.61 -23.39 -4.00
N LEU B 317 21.72 -22.39 -3.09
CA LEU B 317 22.90 -22.11 -2.27
C LEU B 317 23.49 -23.30 -1.50
N ASP B 318 22.65 -24.23 -1.04
CA ASP B 318 23.12 -25.42 -0.29
C ASP B 318 23.96 -26.36 -1.16
N ASP B 319 23.64 -26.45 -2.47
CA ASP B 319 24.36 -27.29 -3.43
C ASP B 319 25.41 -26.49 -4.19
N LEU B 320 25.28 -25.16 -4.23
CA LEU B 320 26.19 -24.26 -4.96
C LEU B 320 27.54 -24.10 -4.27
N VAL B 321 27.54 -23.78 -2.97
CA VAL B 321 28.76 -23.61 -2.17
C VAL B 321 28.74 -24.69 -1.08
N ILE B 322 29.75 -25.58 -1.12
CA ILE B 322 29.87 -26.72 -0.20
C ILE B 322 31.19 -26.67 0.60
N VAL B 323 31.08 -26.80 1.93
CA VAL B 323 32.24 -26.90 2.83
C VAL B 323 32.35 -28.39 3.12
N SER B 324 33.39 -29.04 2.56
CA SER B 324 33.56 -30.49 2.70
C SER B 324 35.01 -30.91 3.00
N ASP B 325 35.16 -32.09 3.63
CA ASP B 325 36.45 -32.73 3.89
C ASP B 325 36.68 -33.59 2.64
N GLY B 326 37.47 -33.05 1.71
CA GLY B 326 37.73 -33.70 0.43
C GLY B 326 36.63 -33.41 -0.57
N PRO B 327 36.72 -33.93 -1.83
CA PRO B 327 35.67 -33.64 -2.83
C PRO B 327 34.26 -34.01 -2.36
N PRO B 328 33.26 -33.08 -2.50
CA PRO B 328 31.89 -33.39 -2.04
C PRO B 328 31.26 -34.60 -2.70
N THR B 329 30.52 -35.39 -1.90
CA THR B 329 29.84 -36.61 -2.35
C THR B 329 28.33 -36.39 -2.43
N GLY B 330 27.64 -37.29 -3.14
CA GLY B 330 26.18 -37.26 -3.29
C GLY B 330 25.65 -36.48 -4.48
N TYR B 331 26.55 -36.08 -5.40
CA TYR B 331 26.19 -35.34 -6.61
C TYR B 331 26.42 -36.20 -7.86
N PRO B 332 25.71 -35.96 -9.00
CA PRO B 332 25.93 -36.81 -10.19
C PRO B 332 27.35 -36.73 -10.74
N GLU B 333 27.76 -37.71 -11.57
CA GLU B 333 29.09 -37.73 -12.16
C GLU B 333 29.32 -36.59 -13.14
N SER B 334 28.21 -36.09 -13.73
CA SER B 334 28.19 -34.96 -14.67
C SER B 334 28.45 -33.62 -13.97
N ALA B 335 28.35 -33.59 -12.62
CA ALA B 335 28.62 -32.39 -11.82
C ALA B 335 30.11 -32.09 -11.81
N GLU B 336 30.45 -30.80 -11.90
CA GLU B 336 31.81 -30.28 -11.88
C GLU B 336 31.97 -29.36 -10.69
N ILE B 337 32.25 -29.96 -9.52
CA ILE B 337 32.45 -29.26 -8.27
C ILE B 337 33.95 -29.02 -8.12
N VAL B 338 34.36 -27.75 -8.22
CA VAL B 338 35.74 -27.28 -8.20
C VAL B 338 36.08 -26.63 -6.85
N GLU B 339 37.28 -26.93 -6.31
CA GLU B 339 37.77 -26.35 -5.07
C GLU B 339 38.07 -24.87 -5.32
N VAL B 340 37.60 -24.00 -4.43
CA VAL B 340 37.79 -22.55 -4.51
C VAL B 340 39.27 -22.21 -4.20
N PRO B 341 39.97 -21.50 -5.13
CA PRO B 341 41.38 -21.13 -4.87
C PRO B 341 41.55 -20.08 -3.77
N GLU B 342 42.82 -19.81 -3.36
CA GLU B 342 43.19 -18.85 -2.32
C GLU B 342 42.68 -17.44 -2.56
N ASP B 343 42.60 -17.01 -3.84
CA ASP B 343 42.11 -15.68 -4.23
C ASP B 343 40.58 -15.56 -4.12
N GLY B 344 39.91 -16.71 -4.00
CA GLY B 344 38.46 -16.81 -3.89
C GLY B 344 37.73 -16.80 -5.23
N ILE B 345 38.46 -16.61 -6.34
CA ILE B 345 37.88 -16.55 -7.68
C ILE B 345 37.92 -17.89 -8.41
N VAL B 346 36.74 -18.37 -8.83
CA VAL B 346 36.55 -19.58 -9.63
C VAL B 346 36.03 -19.10 -10.99
N SER B 347 36.68 -19.54 -12.07
CA SER B 347 36.29 -19.14 -13.43
C SER B 347 35.53 -20.25 -14.12
N ILE B 348 34.31 -19.91 -14.61
CA ILE B 348 33.44 -20.79 -15.37
C ILE B 348 33.37 -20.06 -16.70
N GLN B 349 34.29 -20.42 -17.62
CA GLN B 349 34.49 -19.77 -18.92
C GLN B 349 34.81 -18.29 -18.66
N ASP B 350 34.01 -17.36 -19.22
CA ASP B 350 34.20 -15.91 -19.03
C ASP B 350 33.68 -15.39 -17.68
N ALA B 351 32.84 -16.19 -16.98
CA ALA B 351 32.24 -15.81 -15.70
C ALA B 351 33.12 -16.12 -14.49
N ASP B 352 33.40 -15.09 -13.69
CA ASP B 352 34.20 -15.21 -12.46
C ASP B 352 33.27 -15.17 -11.25
N VAL B 353 33.39 -16.17 -10.37
CA VAL B 353 32.60 -16.28 -9.15
C VAL B 353 33.54 -16.15 -7.96
N TYR B 354 33.29 -15.14 -7.11
CA TYR B 354 34.07 -14.87 -5.91
C TYR B 354 33.39 -15.56 -4.72
N VAL B 355 34.06 -16.56 -4.12
CA VAL B 355 33.53 -17.31 -2.99
C VAL B 355 34.46 -17.17 -1.78
N LYS B 356 33.94 -16.65 -0.66
CA LYS B 356 34.69 -16.46 0.59
C LYS B 356 33.85 -16.82 1.80
N ILE B 357 34.20 -17.93 2.45
CA ILE B 357 33.51 -18.43 3.63
C ILE B 357 34.44 -18.36 4.85
N ASP B 358 33.96 -17.72 5.93
CA ASP B 358 34.69 -17.60 7.18
C ASP B 358 34.49 -18.83 8.05
N ASN B 359 35.40 -19.05 9.02
CA ASN B 359 35.42 -20.13 10.02
C ASN B 359 35.35 -21.55 9.38
N VAL B 360 36.07 -21.75 8.27
CA VAL B 360 36.12 -23.05 7.61
C VAL B 360 37.12 -23.93 8.39
N PRO B 361 36.73 -25.16 8.84
CA PRO B 361 37.69 -26.01 9.59
C PRO B 361 38.93 -26.35 8.76
N ASP B 362 40.10 -26.48 9.43
CA ASP B 362 41.39 -26.77 8.79
C ASP B 362 41.41 -28.03 7.94
N ASN B 363 40.65 -29.07 8.35
CA ASN B 363 40.52 -30.34 7.63
C ASN B 363 39.56 -30.27 6.44
N MET B 364 38.84 -29.13 6.31
CA MET B 364 37.85 -28.90 5.26
C MET B 364 38.23 -27.81 4.27
N SER B 365 37.59 -27.82 3.10
CA SER B 365 37.80 -26.87 2.01
C SER B 365 36.48 -26.35 1.46
N VAL B 366 36.51 -25.21 0.75
CA VAL B 366 35.36 -24.58 0.11
C VAL B 366 35.32 -25.04 -1.35
N TYR B 367 34.16 -25.53 -1.79
CA TYR B 367 33.92 -26.03 -3.14
C TYR B 367 32.77 -25.27 -3.79
N LEU B 368 32.86 -25.07 -5.11
CA LEU B 368 31.83 -24.41 -5.91
C LEU B 368 31.32 -25.35 -6.98
N HIS B 369 30.00 -25.58 -7.01
CA HIS B 369 29.36 -26.40 -8.03
C HIS B 369 29.29 -25.48 -9.27
N THR B 370 30.10 -25.76 -10.29
CA THR B 370 30.22 -24.90 -11.47
C THR B 370 29.17 -25.17 -12.54
N ASN B 371 28.33 -26.22 -12.37
CA ASN B 371 27.28 -26.55 -13.33
C ASN B 371 26.02 -27.13 -12.66
N LEU B 372 25.49 -26.42 -11.63
CA LEU B 372 24.31 -26.84 -10.86
C LEU B 372 23.12 -27.21 -11.75
N LEU B 373 22.79 -26.32 -12.69
CA LEU B 373 21.77 -26.52 -13.70
C LEU B 373 22.36 -26.00 -15.01
N MET B 374 22.36 -26.86 -16.05
CA MET B 374 22.91 -26.48 -17.35
C MET B 374 22.05 -26.96 -18.50
N PHE B 375 21.95 -26.14 -19.53
CA PHE B 375 21.14 -26.44 -20.70
C PHE B 375 21.82 -26.01 -22.00
N GLY B 376 21.72 -26.90 -23.00
CA GLY B 376 22.28 -26.71 -24.33
C GLY B 376 21.69 -27.71 -25.30
N THR B 377 21.43 -27.27 -26.55
CA THR B 377 20.87 -28.09 -27.62
C THR B 377 21.94 -28.66 -28.55
N ARG B 378 23.11 -28.01 -28.60
CA ARG B 378 24.27 -28.41 -29.41
C ARG B 378 25.54 -28.30 -28.56
N LYS B 379 26.32 -29.41 -28.52
CA LYS B 379 27.55 -29.61 -27.73
C LYS B 379 28.55 -28.43 -27.72
N ASN B 380 28.74 -27.75 -28.86
CA ASN B 380 29.67 -26.62 -28.97
C ASN B 380 28.98 -25.25 -29.11
N SER B 381 27.65 -25.19 -28.85
CA SER B 381 26.87 -23.95 -28.91
C SER B 381 26.81 -23.26 -27.53
N PHE B 382 25.84 -22.32 -27.32
CA PHE B 382 25.66 -21.62 -26.05
C PHE B 382 25.21 -22.59 -24.97
N ILE B 383 25.66 -22.34 -23.74
CA ILE B 383 25.31 -23.15 -22.57
C ILE B 383 24.68 -22.23 -21.53
N TYR B 384 23.42 -22.51 -21.14
CA TYR B 384 22.75 -21.76 -20.09
C TYR B 384 23.09 -22.46 -18.79
N ASN B 385 23.91 -21.82 -17.97
CA ASN B 385 24.38 -22.38 -16.72
C ASN B 385 24.02 -21.47 -15.56
N ILE B 386 23.19 -21.96 -14.62
CA ILE B 386 22.72 -21.19 -13.47
C ILE B 386 23.86 -20.78 -12.53
N SER B 387 24.94 -21.58 -12.46
CA SER B 387 26.10 -21.28 -11.62
C SER B 387 26.83 -20.03 -12.10
N LYS B 388 26.75 -19.73 -13.41
CA LYS B 388 27.35 -18.55 -14.05
C LYS B 388 26.57 -17.27 -13.74
N LYS B 389 25.35 -17.42 -13.18
CA LYS B 389 24.47 -16.30 -12.83
C LYS B 389 24.79 -15.73 -11.44
N PHE B 390 25.86 -16.26 -10.79
CA PHE B 390 26.37 -15.83 -9.49
C PHE B 390 27.74 -15.17 -9.68
N SER B 391 27.99 -14.04 -9.00
CA SER B 391 29.27 -13.33 -9.10
C SER B 391 30.02 -13.27 -7.79
N ALA B 392 29.30 -13.25 -6.65
CA ALA B 392 29.90 -13.21 -5.31
C ALA B 392 29.03 -13.90 -4.26
N ILE B 393 29.67 -14.76 -3.46
CA ILE B 393 29.03 -15.51 -2.37
C ILE B 393 29.90 -15.41 -1.14
N THR B 394 29.34 -14.84 -0.06
CA THR B 394 30.03 -14.73 1.22
C THR B 394 29.18 -15.33 2.33
N GLY B 395 29.84 -15.81 3.37
CA GLY B 395 29.18 -16.41 4.51
C GLY B 395 30.14 -16.89 5.56
N THR B 396 29.59 -17.54 6.58
CA THR B 396 30.34 -18.08 7.70
C THR B 396 29.89 -19.51 7.96
N TYR B 397 30.86 -20.42 8.09
CA TYR B 397 30.57 -21.81 8.41
C TYR B 397 30.27 -21.91 9.90
N SER B 398 29.24 -22.70 10.26
CA SER B 398 28.83 -22.95 11.63
C SER B 398 29.30 -24.33 12.07
N ASP B 399 30.15 -24.38 13.10
CA ASP B 399 30.67 -25.64 13.64
C ASP B 399 29.56 -26.38 14.40
N ALA B 400 28.66 -25.63 15.06
CA ALA B 400 27.54 -26.15 15.83
C ALA B 400 26.48 -26.85 14.99
N THR B 401 26.11 -26.29 13.82
CA THR B 401 25.07 -26.87 12.95
C THR B 401 25.64 -27.55 11.70
N LYS B 402 26.98 -27.49 11.49
CA LYS B 402 27.71 -28.08 10.34
C LYS B 402 27.12 -27.59 9.01
N ARG B 403 26.84 -26.29 8.94
CA ARG B 403 26.24 -25.62 7.78
C ARG B 403 26.86 -24.26 7.54
N THR B 404 26.81 -23.80 6.28
CA THR B 404 27.28 -22.47 5.91
C THR B 404 26.09 -21.53 6.03
N ILE B 405 26.28 -20.41 6.74
CA ILE B 405 25.26 -19.37 6.90
C ILE B 405 25.69 -18.25 5.97
N PHE B 406 25.00 -18.13 4.82
CA PHE B 406 25.28 -17.16 3.79
C PHE B 406 24.92 -15.75 4.21
N ALA B 407 25.86 -14.80 4.01
CA ALA B 407 25.70 -13.40 4.39
C ALA B 407 25.19 -12.58 3.21
N HIS B 408 26.04 -12.31 2.21
CA HIS B 408 25.65 -11.55 1.03
C HIS B 408 25.88 -12.32 -0.26
N ILE B 409 24.90 -12.26 -1.17
CA ILE B 409 24.93 -12.92 -2.47
C ILE B 409 24.76 -11.88 -3.58
N SER B 410 25.72 -11.81 -4.49
CA SER B 410 25.65 -10.94 -5.66
C SER B 410 25.37 -11.86 -6.84
N HIS B 411 24.19 -11.70 -7.44
CA HIS B 411 23.74 -12.56 -8.53
C HIS B 411 22.88 -11.81 -9.55
N SER B 412 22.57 -12.48 -10.67
CA SER B 412 21.74 -11.96 -11.75
C SER B 412 20.55 -12.90 -12.04
N ILE B 413 20.09 -13.63 -11.00
CA ILE B 413 18.92 -14.52 -11.08
C ILE B 413 17.70 -13.65 -11.31
N ASN B 414 16.88 -14.02 -12.30
CA ASN B 414 15.66 -13.28 -12.64
C ASN B 414 14.41 -14.11 -12.36
N ILE B 415 13.22 -13.51 -12.57
CA ILE B 415 11.92 -14.14 -12.35
C ILE B 415 11.69 -15.35 -13.30
N ILE B 416 12.26 -15.29 -14.52
CA ILE B 416 12.16 -16.36 -15.52
C ILE B 416 12.78 -17.65 -14.99
N ASP B 417 13.99 -17.53 -14.39
CA ASP B 417 14.74 -18.63 -13.78
C ASP B 417 13.94 -19.40 -12.74
N THR B 418 13.17 -18.68 -11.92
CA THR B 418 12.31 -19.24 -10.87
C THR B 418 11.04 -19.87 -11.47
N SER B 419 10.74 -19.54 -12.73
CA SER B 419 9.54 -20.00 -13.44
C SER B 419 9.81 -21.15 -14.42
N ILE B 420 11.05 -21.66 -14.45
CA ILE B 420 11.42 -22.77 -15.33
C ILE B 420 10.96 -24.10 -14.70
N PRO B 421 10.09 -24.89 -15.39
CA PRO B 421 9.74 -26.21 -14.85
C PRO B 421 10.99 -27.12 -14.87
N VAL B 422 11.15 -27.92 -13.82
CA VAL B 422 12.27 -28.88 -13.65
C VAL B 422 12.43 -29.82 -14.87
N SER B 423 11.29 -30.22 -15.50
CA SER B 423 11.24 -31.09 -16.69
C SER B 423 12.08 -30.58 -17.85
N LEU B 424 12.17 -29.26 -18.04
CA LEU B 424 12.96 -28.67 -19.13
C LEU B 424 14.47 -28.85 -18.94
N TRP B 425 14.96 -28.84 -17.69
CA TRP B 425 16.39 -29.04 -17.39
C TRP B 425 16.82 -30.46 -17.75
N THR B 426 15.92 -31.44 -17.58
CA THR B 426 16.18 -32.86 -17.87
C THR B 426 15.46 -33.34 -19.14
N SER B 427 15.13 -32.41 -20.06
CA SER B 427 14.44 -32.74 -21.31
C SER B 427 15.38 -33.39 -22.33
N GLN B 428 14.79 -34.09 -23.33
CA GLN B 428 15.51 -34.79 -24.41
C GLN B 428 16.35 -33.86 -25.29
N ARG B 429 15.88 -32.59 -25.50
CA ARG B 429 16.57 -31.55 -26.29
C ARG B 429 17.95 -31.22 -25.69
N ASN B 430 18.09 -31.39 -24.36
CA ASN B 430 19.31 -31.10 -23.63
C ASN B 430 20.40 -32.15 -23.84
N VAL B 431 21.56 -31.70 -24.36
CA VAL B 431 22.72 -32.56 -24.61
C VAL B 431 23.44 -32.93 -23.31
N TYR B 432 23.29 -32.09 -22.27
CA TYR B 432 23.87 -32.29 -20.95
C TYR B 432 22.89 -33.02 -20.02
N ASN B 433 23.34 -33.43 -18.82
CA ASN B 433 22.49 -34.08 -17.81
C ASN B 433 21.39 -33.09 -17.42
N GLY B 434 21.80 -31.85 -17.11
CA GLY B 434 20.90 -30.76 -16.80
C GLY B 434 20.76 -30.45 -15.33
N ASP B 435 20.13 -31.34 -14.59
CA ASP B 435 19.90 -31.18 -13.16
C ASP B 435 20.99 -31.91 -12.37
N ASN B 436 22.03 -31.16 -11.95
CA ASN B 436 23.16 -31.72 -11.22
C ASN B 436 23.09 -31.42 -9.70
N ARG B 437 21.86 -31.21 -9.19
CA ARG B 437 21.59 -30.95 -7.77
C ARG B 437 21.64 -32.26 -6.98
N SER B 438 21.65 -32.16 -5.64
CA SER B 438 21.63 -33.31 -4.74
C SER B 438 20.22 -33.90 -4.74
N ALA B 439 20.08 -35.19 -4.35
CA ALA B 439 18.79 -35.89 -4.27
C ALA B 439 17.88 -35.22 -3.23
N GLU B 440 18.50 -34.62 -2.19
CA GLU B 440 17.85 -33.88 -1.11
C GLU B 440 17.11 -32.67 -1.68
N SER B 441 17.80 -31.86 -2.51
CA SER B 441 17.24 -30.69 -3.16
C SER B 441 16.10 -31.08 -4.12
N LYS B 442 16.32 -32.10 -4.97
CA LYS B 442 15.34 -32.59 -5.94
C LYS B 442 14.04 -33.07 -5.27
N ALA B 443 14.15 -33.65 -4.06
CA ALA B 443 13.03 -34.13 -3.26
C ALA B 443 12.15 -32.97 -2.76
N LYS B 444 12.76 -31.76 -2.58
CA LYS B 444 12.10 -30.54 -2.13
C LYS B 444 11.33 -29.78 -3.25
N ASP B 445 11.37 -30.29 -4.50
CA ASP B 445 10.68 -29.65 -5.63
C ASP B 445 9.17 -29.67 -5.43
N LEU B 446 8.47 -28.64 -5.93
CA LEU B 446 7.02 -28.51 -5.73
C LEU B 446 6.19 -28.53 -6.99
N PHE B 447 5.02 -29.17 -6.92
CA PHE B 447 4.03 -29.22 -7.99
C PHE B 447 3.20 -27.94 -7.89
N ILE B 448 3.20 -27.14 -8.97
CA ILE B 448 2.43 -25.89 -9.04
C ILE B 448 1.53 -25.99 -10.27
N ASN B 449 0.19 -26.01 -10.03
CA ASN B 449 -0.84 -26.15 -11.06
C ASN B 449 -1.85 -25.01 -11.08
N ASP B 450 -1.44 -23.81 -10.59
CA ASP B 450 -2.28 -22.62 -10.57
C ASP B 450 -2.92 -22.40 -11.95
N PRO B 451 -4.27 -22.29 -12.03
CA PRO B 451 -4.91 -22.16 -13.35
C PRO B 451 -4.91 -20.75 -13.94
N PHE B 452 -4.51 -19.72 -13.16
CA PHE B 452 -4.58 -18.34 -13.63
C PHE B 452 -3.22 -17.67 -13.88
N ILE B 453 -2.17 -18.47 -14.19
CA ILE B 453 -0.84 -17.94 -14.52
C ILE B 453 -0.91 -17.34 -15.92
N LYS B 454 -0.33 -16.15 -16.06
CA LYS B 454 -0.22 -15.42 -17.33
C LYS B 454 1.25 -15.22 -17.68
N GLY B 455 1.54 -15.06 -18.96
CA GLY B 455 2.88 -14.85 -19.49
C GLY B 455 3.71 -16.12 -19.47
N ILE B 456 5.03 -15.98 -19.25
CA ILE B 456 5.96 -17.11 -19.16
C ILE B 456 6.62 -17.20 -17.77
N ASP B 457 6.21 -16.31 -16.86
CA ASP B 457 6.73 -16.29 -15.50
C ASP B 457 5.60 -16.12 -14.49
N PHE B 458 5.86 -16.50 -13.22
CA PHE B 458 4.87 -16.45 -12.13
C PHE B 458 4.31 -15.06 -11.83
N LYS B 459 5.04 -13.99 -12.18
CA LYS B 459 4.60 -12.61 -11.94
C LYS B 459 4.01 -11.93 -13.19
N ASN B 460 4.09 -12.59 -14.37
CA ASN B 460 3.66 -12.05 -15.67
C ASN B 460 4.44 -10.75 -15.97
N LYS B 461 5.72 -10.71 -15.53
CA LYS B 461 6.65 -9.59 -15.66
C LYS B 461 7.14 -9.47 -17.10
N THR B 462 7.61 -10.58 -17.69
CA THR B 462 8.12 -10.59 -19.06
C THR B 462 7.01 -10.38 -20.05
N ASP B 463 7.19 -9.35 -20.89
CA ASP B 463 6.24 -9.03 -21.93
C ASP B 463 6.78 -9.70 -23.18
N ILE B 464 6.18 -10.84 -23.56
CA ILE B 464 6.57 -11.67 -24.70
C ILE B 464 5.84 -11.27 -25.99
N ILE B 465 5.00 -10.22 -25.93
CA ILE B 465 4.32 -9.68 -27.11
C ILE B 465 5.14 -8.46 -27.56
N SER B 466 5.75 -8.53 -28.75
CA SER B 466 6.53 -7.42 -29.30
C SER B 466 5.63 -6.47 -30.06
N ARG B 467 4.62 -7.03 -30.74
CA ARG B 467 3.65 -6.29 -31.53
C ARG B 467 2.27 -6.94 -31.45
N LEU B 468 1.24 -6.12 -31.37
CA LEU B 468 -0.15 -6.55 -31.34
C LEU B 468 -0.88 -5.91 -32.49
N GLU B 469 -1.70 -6.71 -33.18
CA GLU B 469 -2.55 -6.27 -34.29
C GLU B 469 -3.94 -6.85 -34.10
N VAL B 470 -4.95 -5.98 -34.16
CA VAL B 470 -6.35 -6.36 -34.01
C VAL B 470 -7.08 -5.97 -35.30
N ARG B 471 -7.79 -6.93 -35.89
CA ARG B 471 -8.57 -6.72 -37.11
C ARG B 471 -10.06 -6.98 -36.88
N PHE B 472 -10.90 -6.08 -37.39
CA PHE B 472 -12.35 -6.22 -37.36
C PHE B 472 -12.69 -6.52 -38.82
N GLY B 473 -12.88 -7.81 -39.10
CA GLY B 473 -13.05 -8.29 -40.46
C GLY B 473 -11.70 -8.29 -41.16
N ASN B 474 -11.56 -7.55 -42.27
CA ASN B 474 -10.28 -7.47 -42.99
C ASN B 474 -9.51 -6.20 -42.62
N ASP B 475 -10.21 -5.23 -42.03
CA ASP B 475 -9.64 -3.94 -41.63
C ASP B 475 -8.90 -3.98 -40.30
N VAL B 476 -7.76 -3.28 -40.24
CA VAL B 476 -6.96 -3.14 -39.04
C VAL B 476 -7.69 -2.14 -38.14
N LEU B 477 -8.17 -2.62 -37.01
CA LEU B 477 -8.89 -1.80 -36.05
C LEU B 477 -7.89 -1.08 -35.14
N TYR B 478 -6.86 -1.81 -34.69
CA TYR B 478 -5.85 -1.28 -33.80
C TYR B 478 -4.54 -2.06 -33.92
N SER B 479 -3.41 -1.38 -33.73
CA SER B 479 -2.09 -1.99 -33.71
C SER B 479 -1.18 -1.17 -32.78
N GLU B 480 -0.31 -1.88 -32.06
CA GLU B 480 0.65 -1.25 -31.15
C GLU B 480 1.90 -2.10 -31.06
N ASN B 481 3.01 -1.50 -30.65
CA ASN B 481 4.23 -2.26 -30.42
C ASN B 481 4.30 -2.51 -28.91
N GLY B 482 4.60 -1.47 -28.14
CA GLY B 482 4.62 -1.53 -26.68
C GLY B 482 3.22 -1.64 -26.12
N PRO B 483 3.07 -2.04 -24.83
CA PRO B 483 1.71 -2.22 -24.27
C PRO B 483 0.99 -0.95 -23.80
N ILE B 484 0.82 0.05 -24.70
CA ILE B 484 0.12 1.29 -24.36
C ILE B 484 -1.36 1.01 -23.98
N SER B 485 -1.97 -0.05 -24.55
CA SER B 485 -3.34 -0.44 -24.21
C SER B 485 -3.39 -1.01 -22.78
N ARG B 486 -2.31 -1.68 -22.30
CA ARG B 486 -2.22 -2.17 -20.92
C ARG B 486 -2.09 -0.97 -19.96
N ILE B 487 -1.29 0.04 -20.38
CA ILE B 487 -1.05 1.27 -19.63
C ILE B 487 -2.38 2.01 -19.42
N TYR B 488 -3.19 2.13 -20.50
CA TYR B 488 -4.51 2.79 -20.42
C TYR B 488 -5.46 1.99 -19.54
N ASN B 489 -5.44 0.65 -19.67
CA ASN B 489 -6.26 -0.22 -18.86
C ASN B 489 -5.93 -0.02 -17.38
N GLU B 490 -4.63 -0.04 -17.04
CA GLU B 490 -4.12 0.16 -15.67
C GLU B 490 -4.49 1.52 -15.09
N LEU B 491 -4.35 2.61 -15.88
CA LEU B 491 -4.73 3.96 -15.44
C LEU B 491 -6.23 4.13 -15.23
N LEU B 492 -7.04 3.74 -16.24
CA LEU B 492 -8.50 3.92 -16.23
C LEU B 492 -9.23 3.04 -15.22
N THR B 493 -8.74 1.83 -14.94
CA THR B 493 -9.38 0.91 -13.99
C THR B 493 -8.71 0.95 -12.62
N LYS B 494 -7.62 1.74 -12.48
CA LYS B 494 -6.81 1.89 -11.27
C LYS B 494 -6.38 0.51 -10.75
N SER B 495 -5.63 -0.19 -11.61
CA SER B 495 -5.09 -1.54 -11.39
C SER B 495 -3.60 -1.55 -11.70
N ASN B 496 -2.83 -2.39 -11.02
CA ASN B 496 -1.38 -2.51 -11.29
C ASN B 496 -1.08 -3.79 -12.05
N ASN B 497 -2.11 -4.62 -12.29
CA ASN B 497 -1.97 -5.88 -13.01
C ASN B 497 -3.01 -5.94 -14.13
N GLY B 498 -2.96 -4.98 -15.04
CA GLY B 498 -3.90 -4.94 -16.16
C GLY B 498 -3.47 -5.80 -17.33
N THR B 499 -4.27 -5.76 -18.40
CA THR B 499 -3.99 -6.49 -19.65
C THR B 499 -4.14 -5.50 -20.80
N ARG B 500 -3.53 -5.82 -21.96
CA ARG B 500 -3.68 -5.05 -23.19
C ARG B 500 -5.18 -5.08 -23.51
N THR B 501 -5.89 -3.98 -23.22
CA THR B 501 -7.35 -3.84 -23.39
C THR B 501 -7.70 -2.65 -24.28
N LEU B 502 -8.64 -2.87 -25.21
CA LEU B 502 -9.22 -1.85 -26.06
C LEU B 502 -10.60 -1.61 -25.52
N THR B 503 -10.84 -0.39 -25.03
CA THR B 503 -12.12 0.01 -24.45
C THR B 503 -12.89 0.84 -25.49
N PHE B 504 -14.12 0.42 -25.80
CA PHE B 504 -14.96 1.13 -26.76
C PHE B 504 -16.01 1.97 -26.03
N ASN B 505 -16.26 1.66 -24.76
CA ASN B 505 -17.25 2.37 -23.96
C ASN B 505 -16.66 3.28 -22.88
N PHE B 506 -16.78 4.60 -23.08
CA PHE B 506 -16.35 5.61 -22.09
C PHE B 506 -17.57 6.32 -21.51
N THR B 507 -18.77 5.78 -21.80
CA THR B 507 -20.05 6.31 -21.33
C THR B 507 -20.34 5.77 -19.91
N PRO B 508 -20.84 6.59 -18.96
CA PRO B 508 -21.15 6.04 -17.62
C PRO B 508 -22.10 4.86 -17.69
N LYS B 509 -21.77 3.79 -16.96
CA LYS B 509 -22.56 2.57 -16.93
C LYS B 509 -23.92 2.77 -16.24
N ILE B 510 -24.90 1.89 -16.55
CA ILE B 510 -26.26 1.82 -15.99
C ILE B 510 -27.17 2.97 -16.45
N PHE B 511 -26.72 4.22 -16.29
CA PHE B 511 -27.50 5.41 -16.65
C PHE B 511 -27.55 5.67 -18.15
N PHE B 512 -26.61 5.08 -18.90
CA PHE B 512 -26.54 5.22 -20.35
C PHE B 512 -26.42 3.87 -21.01
N ARG B 513 -26.88 3.77 -22.26
CA ARG B 513 -26.75 2.57 -23.08
C ARG B 513 -25.24 2.52 -23.49
N PRO B 514 -24.51 1.43 -23.19
CA PRO B 514 -23.08 1.39 -23.54
C PRO B 514 -22.75 1.57 -25.02
N THR B 515 -21.67 2.32 -25.28
CA THR B 515 -21.12 2.56 -26.62
C THR B 515 -20.39 1.28 -27.04
N THR B 516 -20.57 0.84 -28.29
CA THR B 516 -19.98 -0.40 -28.79
C THR B 516 -19.37 -0.26 -30.16
N ILE B 517 -18.45 -1.18 -30.50
CA ILE B 517 -17.91 -1.33 -31.84
C ILE B 517 -19.03 -2.13 -32.56
N THR B 518 -19.51 -1.63 -33.71
CA THR B 518 -20.65 -2.30 -34.34
C THR B 518 -20.30 -3.01 -35.66
N ALA B 519 -20.86 -4.21 -35.83
CA ALA B 519 -20.67 -5.07 -37.00
C ALA B 519 -21.29 -4.55 -38.30
N ASN B 520 -20.78 -5.06 -39.43
CA ASN B 520 -21.23 -4.85 -40.81
C ASN B 520 -21.06 -6.21 -41.48
N VAL B 521 -22.07 -7.08 -41.32
CA VAL B 521 -22.11 -8.47 -41.81
C VAL B 521 -21.87 -8.56 -43.34
N SER B 522 -22.48 -7.65 -44.13
CA SER B 522 -22.32 -7.61 -45.59
C SER B 522 -20.86 -7.39 -46.01
N ARG B 523 -20.13 -6.51 -45.27
CA ARG B 523 -18.72 -6.18 -45.51
C ARG B 523 -17.75 -7.17 -44.84
N GLY B 524 -18.29 -8.15 -44.13
CA GLY B 524 -17.53 -9.18 -43.42
C GLY B 524 -16.96 -8.77 -42.07
N LYS B 525 -17.26 -7.53 -41.61
CA LYS B 525 -16.80 -6.99 -40.32
C LYS B 525 -17.72 -7.47 -39.19
N ASP B 526 -17.59 -8.74 -38.79
CA ASP B 526 -18.39 -9.35 -37.72
C ASP B 526 -17.55 -10.31 -36.88
N LYS B 527 -16.22 -10.12 -36.88
CA LYS B 527 -15.27 -10.94 -36.16
C LYS B 527 -14.04 -10.14 -35.78
N LEU B 528 -13.44 -10.48 -34.63
CA LEU B 528 -12.22 -9.83 -34.18
C LEU B 528 -11.06 -10.79 -34.23
N SER B 529 -10.09 -10.51 -35.09
CA SER B 529 -8.89 -11.33 -35.29
C SER B 529 -7.69 -10.68 -34.63
N VAL B 530 -7.03 -11.44 -33.76
CA VAL B 530 -5.87 -10.95 -33.03
C VAL B 530 -4.62 -11.67 -33.55
N ARG B 531 -3.58 -10.89 -33.86
CA ARG B 531 -2.31 -11.41 -34.31
C ARG B 531 -1.22 -10.76 -33.47
N VAL B 532 -0.34 -11.58 -32.90
CA VAL B 532 0.78 -11.09 -32.11
C VAL B 532 2.08 -11.48 -32.75
N VAL B 533 3.13 -10.71 -32.45
CA VAL B 533 4.49 -11.05 -32.86
C VAL B 533 5.16 -11.33 -31.53
N TYR B 534 5.53 -12.59 -31.29
CA TYR B 534 6.18 -13.00 -30.06
C TYR B 534 7.65 -12.63 -30.05
N SER B 535 8.19 -12.36 -28.87
CA SER B 535 9.60 -12.05 -28.71
C SER B 535 10.42 -13.33 -28.98
N THR B 536 11.60 -13.19 -29.58
CA THR B 536 12.44 -14.33 -29.92
C THR B 536 13.44 -14.61 -28.81
N MET B 537 13.42 -15.85 -28.32
CA MET B 537 14.30 -16.32 -27.26
C MET B 537 15.27 -17.38 -27.78
N GLY B 538 16.40 -17.52 -27.10
CA GLY B 538 17.45 -18.47 -27.47
C GLY B 538 17.05 -19.91 -27.27
N VAL B 539 17.36 -20.77 -28.26
CA VAL B 539 17.09 -22.22 -28.22
C VAL B 539 17.84 -22.92 -27.06
N ASN B 540 18.95 -22.31 -26.59
CA ASN B 540 19.77 -22.83 -25.50
C ASN B 540 19.34 -22.30 -24.12
N HIS B 541 18.25 -21.50 -24.09
CA HIS B 541 17.63 -20.95 -22.89
C HIS B 541 16.40 -21.82 -22.57
N PRO B 542 16.31 -22.45 -21.37
CA PRO B 542 15.19 -23.37 -21.10
C PRO B 542 13.77 -22.81 -21.29
N ILE B 543 13.54 -21.52 -20.99
CA ILE B 543 12.20 -20.90 -21.07
C ILE B 543 11.60 -20.90 -22.50
N TYR B 544 12.47 -21.04 -23.51
CA TYR B 544 12.12 -21.11 -24.93
C TYR B 544 11.12 -22.27 -25.18
N TYR B 545 11.24 -23.35 -24.38
CA TYR B 545 10.44 -24.57 -24.51
C TYR B 545 9.12 -24.51 -23.73
N VAL B 546 8.83 -23.37 -23.05
CA VAL B 546 7.56 -23.17 -22.36
C VAL B 546 6.58 -22.81 -23.46
N GLN B 547 5.55 -23.65 -23.62
CA GLN B 547 4.52 -23.47 -24.63
C GLN B 547 3.59 -22.34 -24.21
N LYS B 548 3.12 -21.56 -25.19
CA LYS B 548 2.27 -20.39 -24.93
C LYS B 548 0.93 -20.54 -25.60
N GLN B 549 -0.11 -19.91 -25.01
CA GLN B 549 -1.45 -19.83 -25.59
C GLN B 549 -1.89 -18.38 -25.56
N LEU B 550 -2.42 -17.89 -26.68
CA LEU B 550 -2.93 -16.52 -26.79
C LEU B 550 -4.38 -16.53 -26.32
N VAL B 551 -4.73 -15.60 -25.42
CA VAL B 551 -6.08 -15.50 -24.85
C VAL B 551 -6.72 -14.18 -25.28
N VAL B 552 -7.93 -14.27 -25.82
CA VAL B 552 -8.68 -13.10 -26.29
C VAL B 552 -10.05 -13.10 -25.61
N VAL B 553 -10.34 -11.99 -24.91
CA VAL B 553 -11.59 -11.80 -24.17
C VAL B 553 -12.37 -10.66 -24.82
N CYS B 554 -13.63 -10.93 -25.12
CA CYS B 554 -14.53 -9.98 -25.75
C CYS B 554 -15.78 -9.77 -24.87
N ASN B 555 -16.18 -8.51 -24.64
CA ASN B 555 -17.38 -8.20 -23.87
C ASN B 555 -18.49 -7.82 -24.82
N ASP B 556 -19.48 -8.72 -24.98
CA ASP B 556 -20.62 -8.48 -25.87
C ASP B 556 -21.76 -7.81 -25.13
N LEU B 557 -22.43 -6.86 -25.79
CA LEU B 557 -23.58 -6.17 -25.21
C LEU B 557 -24.86 -6.96 -25.44
N TYR B 558 -25.65 -7.10 -24.38
CA TYR B 558 -26.95 -7.79 -24.37
C TYR B 558 -28.01 -6.86 -23.79
N LYS B 559 -29.26 -7.01 -24.23
CA LYS B 559 -30.38 -6.24 -23.69
C LYS B 559 -31.10 -7.10 -22.66
N VAL B 560 -31.35 -6.55 -21.48
CA VAL B 560 -32.07 -7.24 -20.42
C VAL B 560 -33.50 -6.74 -20.48
N SER B 561 -34.43 -7.66 -20.77
CA SER B 561 -35.85 -7.37 -20.83
C SER B 561 -36.61 -8.25 -19.85
N TYR B 562 -37.82 -7.82 -19.49
CA TYR B 562 -38.67 -8.51 -18.55
C TYR B 562 -39.97 -8.81 -19.27
N ASP B 563 -40.07 -10.04 -19.79
CA ASP B 563 -41.21 -10.49 -20.56
C ASP B 563 -42.42 -10.80 -19.67
N GLN B 564 -43.52 -10.07 -19.91
CA GLN B 564 -44.80 -10.23 -19.21
C GLN B 564 -45.86 -10.51 -20.28
N GLY B 565 -46.64 -11.55 -20.06
CA GLY B 565 -47.69 -11.95 -20.99
C GLY B 565 -48.57 -13.08 -20.49
N VAL B 566 -49.73 -13.24 -21.13
CA VAL B 566 -50.74 -14.25 -20.83
C VAL B 566 -50.46 -15.48 -21.69
N SER B 567 -50.42 -16.65 -21.07
CA SER B 567 -50.23 -17.91 -21.81
C SER B 567 -51.30 -18.94 -21.40
N ILE B 568 -51.75 -19.76 -22.36
CA ILE B 568 -52.74 -20.81 -22.08
C ILE B 568 -52.17 -22.19 -22.35
N THR B 569 -52.51 -23.16 -21.50
CA THR B 569 -52.03 -24.53 -21.63
C THR B 569 -53.21 -25.49 -21.61
N LYS B 570 -53.28 -26.42 -22.59
CA LYS B 570 -54.32 -27.45 -22.62
C LYS B 570 -54.06 -28.46 -21.48
N ILE B 571 -55.09 -28.74 -20.65
CA ILE B 571 -54.96 -29.67 -19.52
C ILE B 571 -54.83 -31.10 -20.08
N MET B 572 -53.73 -31.79 -19.72
CA MET B 572 -53.41 -33.14 -20.19
C MET B 572 -52.76 -33.98 -19.09
N PRO C 15 5.28 -6.30 -44.13
CA PRO C 15 6.23 -5.43 -43.41
C PRO C 15 5.56 -4.25 -42.70
N THR C 16 4.78 -3.43 -43.44
CA THR C 16 4.02 -2.30 -42.89
C THR C 16 2.58 -2.72 -42.59
N THR C 17 1.88 -1.91 -41.78
CA THR C 17 0.50 -2.15 -41.37
C THR C 17 -0.33 -0.87 -41.49
N GLU C 18 -1.58 -1.04 -41.93
CA GLU C 18 -2.60 0.00 -42.11
C GLU C 18 -2.83 0.72 -40.77
N ASN C 19 -2.65 2.06 -40.77
CA ASN C 19 -2.85 2.91 -39.61
C ASN C 19 -4.07 3.81 -39.84
N LEU C 20 -5.26 3.23 -39.64
CA LEU C 20 -6.53 3.93 -39.81
C LEU C 20 -7.29 4.02 -38.49
N TYR C 21 -7.96 5.15 -38.28
CA TYR C 21 -8.70 5.41 -37.05
C TYR C 21 -10.20 5.12 -37.20
N PHE C 22 -10.81 4.61 -36.10
CA PHE C 22 -12.24 4.30 -35.91
C PHE C 22 -12.81 3.36 -36.99
N GLN C 23 -12.12 2.22 -37.24
CA GLN C 23 -12.53 1.22 -38.23
C GLN C 23 -13.63 0.27 -37.73
N GLY C 24 -14.35 0.68 -36.68
CA GLY C 24 -15.45 -0.07 -36.09
C GLY C 24 -16.71 0.73 -35.84
N ALA C 25 -16.83 1.92 -36.49
CA ALA C 25 -17.97 2.83 -36.38
C ALA C 25 -19.06 2.52 -37.41
N LYS C 42 -33.43 10.91 -30.06
CA LYS C 42 -33.12 11.84 -28.99
C LYS C 42 -31.90 11.33 -28.19
N ARG C 43 -30.78 12.07 -28.26
CA ARG C 43 -29.53 11.69 -27.60
C ARG C 43 -29.12 12.63 -26.50
N SER C 44 -28.67 12.09 -25.36
CA SER C 44 -28.15 12.87 -24.23
C SER C 44 -26.70 13.24 -24.53
N ASN C 45 -26.36 14.52 -24.36
CA ASN C 45 -25.02 15.04 -24.63
C ASN C 45 -24.02 14.54 -23.59
N VAL C 46 -23.03 13.75 -24.03
CA VAL C 46 -21.98 13.22 -23.15
C VAL C 46 -20.63 13.91 -23.42
N PHE C 47 -20.62 14.88 -24.35
CA PHE C 47 -19.40 15.62 -24.68
C PHE C 47 -19.48 17.08 -24.22
N ALA C 48 -20.60 17.48 -23.61
CA ALA C 48 -20.80 18.85 -23.12
C ALA C 48 -21.89 18.91 -22.06
N VAL C 49 -21.77 19.91 -21.18
CA VAL C 49 -22.70 20.20 -20.11
C VAL C 49 -22.87 21.71 -19.97
N ASP C 50 -24.04 22.13 -19.48
CA ASP C 50 -24.33 23.52 -19.21
C ASP C 50 -23.68 23.85 -17.86
N SER C 51 -22.65 24.70 -17.86
CA SER C 51 -21.92 25.11 -16.65
C SER C 51 -22.83 25.99 -15.78
N GLN C 52 -23.48 25.36 -14.79
CA GLN C 52 -24.38 26.02 -13.84
C GLN C 52 -23.61 27.04 -12.99
N ILE C 53 -24.24 28.19 -12.71
CA ILE C 53 -23.63 29.21 -11.87
C ILE C 53 -24.00 28.83 -10.43
N PRO C 54 -23.01 28.60 -9.54
CA PRO C 54 -23.37 28.20 -8.16
C PRO C 54 -23.72 29.39 -7.28
N THR C 55 -24.19 29.09 -6.05
CA THR C 55 -24.44 30.07 -4.99
C THR C 55 -23.12 30.82 -4.79
N LEU C 56 -23.19 32.15 -4.63
CA LEU C 56 -21.98 32.94 -4.42
C LEU C 56 -21.49 32.75 -2.99
N TYR C 57 -20.26 32.27 -2.85
CA TYR C 57 -19.65 32.02 -1.56
C TYR C 57 -18.14 32.22 -1.59
N MET C 58 -17.55 32.22 -0.39
CA MET C 58 -16.12 32.36 -0.19
C MET C 58 -15.70 31.48 0.99
N PRO C 59 -14.81 30.49 0.77
CA PRO C 59 -14.35 29.67 1.90
C PRO C 59 -13.19 30.31 2.67
N GLN C 60 -12.99 29.88 3.92
CA GLN C 60 -11.91 30.37 4.77
C GLN C 60 -11.52 29.30 5.77
N TYR C 61 -10.20 29.06 5.94
CA TYR C 61 -9.72 28.13 6.95
C TYR C 61 -9.62 28.95 8.24
N ILE C 62 -10.43 28.61 9.23
CA ILE C 62 -10.48 29.32 10.50
C ILE C 62 -9.98 28.43 11.62
N SER C 63 -9.05 28.95 12.45
CA SER C 63 -8.45 28.26 13.59
C SER C 63 -8.80 29.02 14.88
N LEU C 64 -9.24 28.28 15.90
CA LEU C 64 -9.63 28.85 17.18
C LEU C 64 -8.99 28.16 18.36
N SER C 65 -8.66 28.95 19.39
CA SER C 65 -8.16 28.45 20.66
C SER C 65 -9.40 28.20 21.52
N GLY C 66 -9.31 27.21 22.40
CA GLY C 66 -10.43 26.85 23.24
C GLY C 66 -10.34 27.33 24.67
N VAL C 67 -11.25 26.82 25.49
CA VAL C 67 -11.33 27.10 26.92
C VAL C 67 -11.23 25.74 27.60
N MET C 68 -10.19 25.54 28.41
CA MET C 68 -9.95 24.28 29.11
C MET C 68 -10.62 24.27 30.48
N THR C 69 -11.24 23.14 30.83
CA THR C 69 -11.94 22.93 32.09
C THR C 69 -11.73 21.47 32.55
N ASN C 70 -11.70 21.23 33.87
CA ASN C 70 -11.52 19.90 34.46
C ASN C 70 -12.74 19.56 35.34
N ASP C 71 -13.95 19.54 34.73
CA ASP C 71 -15.20 19.24 35.43
C ASP C 71 -15.65 17.80 35.16
N ASN C 75 -12.31 15.22 37.21
CA ASN C 75 -11.36 16.21 36.71
C ASN C 75 -10.85 15.87 35.29
N GLN C 76 -11.80 15.47 34.42
CA GLN C 76 -11.55 15.12 33.03
C GLN C 76 -11.42 16.41 32.19
N ALA C 77 -10.36 16.49 31.35
CA ALA C 77 -10.10 17.66 30.51
C ALA C 77 -11.16 17.85 29.41
N ILE C 78 -11.72 19.07 29.32
CA ILE C 78 -12.74 19.45 28.36
C ILE C 78 -12.34 20.76 27.70
N ALA C 79 -12.33 20.78 26.35
CA ALA C 79 -12.04 21.95 25.54
C ALA C 79 -13.33 22.41 24.87
N SER C 80 -13.64 23.72 24.98
CA SER C 80 -14.84 24.30 24.38
C SER C 80 -14.44 25.35 23.35
N PHE C 81 -15.06 25.27 22.16
CA PHE C 81 -14.79 26.18 21.05
C PHE C 81 -16.09 26.81 20.59
N GLU C 82 -16.19 28.14 20.73
CA GLU C 82 -17.38 28.89 20.35
C GLU C 82 -17.19 29.52 18.97
N ILE C 83 -18.13 29.24 18.06
CA ILE C 83 -18.17 29.77 16.68
C ILE C 83 -19.42 30.66 16.56
N ARG C 84 -19.22 31.99 16.52
CA ARG C 84 -20.31 32.96 16.41
C ARG C 84 -19.85 34.09 15.50
N ASP C 85 -20.38 34.11 14.26
CA ASP C 85 -20.02 35.13 13.26
C ASP C 85 -21.14 35.40 12.29
N GLN C 86 -21.31 36.70 11.94
CA GLN C 86 -22.30 37.19 10.98
C GLN C 86 -21.89 36.83 9.55
N TYR C 87 -20.58 36.58 9.33
CA TYR C 87 -20.03 36.22 8.03
C TYR C 87 -19.86 34.70 7.82
N ILE C 88 -19.74 33.90 8.91
CA ILE C 88 -19.64 32.42 8.76
C ILE C 88 -21.07 31.90 8.64
N THR C 89 -21.49 31.59 7.39
CA THR C 89 -22.85 31.10 7.09
C THR C 89 -22.95 29.59 7.27
N ALA C 90 -21.88 28.86 6.91
CA ALA C 90 -21.80 27.41 7.00
C ALA C 90 -20.37 26.95 7.29
N LEU C 91 -20.22 25.72 7.78
CA LEU C 91 -18.92 25.14 8.08
C LEU C 91 -18.92 23.63 7.91
N ASN C 92 -17.72 23.04 7.79
CA ASN C 92 -17.45 21.61 7.74
C ASN C 92 -15.93 21.36 7.89
N HIS C 93 -15.50 20.10 7.75
CA HIS C 93 -14.12 19.64 7.84
C HIS C 93 -13.40 20.13 9.10
N LEU C 94 -13.85 19.63 10.24
CA LEU C 94 -13.28 19.96 11.54
C LEU C 94 -11.97 19.19 11.73
N VAL C 95 -10.92 19.90 12.16
CA VAL C 95 -9.60 19.35 12.43
C VAL C 95 -9.14 19.89 13.79
N LEU C 96 -8.83 18.99 14.72
CA LEU C 96 -8.32 19.39 16.04
C LEU C 96 -6.82 19.18 16.09
N SER C 97 -6.06 20.22 16.46
CA SER C 97 -4.61 20.22 16.63
C SER C 97 -4.30 19.96 18.09
N LEU C 98 -3.24 19.20 18.34
CA LEU C 98 -2.78 18.94 19.70
C LEU C 98 -1.28 19.09 19.76
N GLU C 99 -0.83 19.96 20.67
CA GLU C 99 0.58 20.22 20.90
C GLU C 99 1.08 19.22 21.96
N LEU C 100 1.83 18.21 21.52
CA LEU C 100 2.40 17.22 22.44
C LEU C 100 3.70 17.81 23.01
N PRO C 101 3.86 17.83 24.35
CA PRO C 101 5.03 18.48 24.93
C PRO C 101 6.31 17.68 24.83
N GLU C 102 7.43 18.30 25.23
CA GLU C 102 8.71 17.63 25.32
C GLU C 102 8.63 16.69 26.52
N VAL C 103 9.11 15.46 26.35
CA VAL C 103 9.10 14.48 27.43
C VAL C 103 10.55 14.27 27.83
N LYS C 104 10.87 14.57 29.10
CA LYS C 104 12.20 14.46 29.67
C LYS C 104 12.23 13.51 30.86
N GLY C 105 13.41 12.96 31.12
CA GLY C 105 13.61 12.09 32.27
C GLY C 105 14.14 10.72 31.93
N MET C 106 14.02 9.81 32.89
CA MET C 106 14.49 8.43 32.75
C MET C 106 13.34 7.46 32.50
N GLY C 107 13.67 6.30 31.92
CA GLY C 107 12.72 5.25 31.63
C GLY C 107 12.30 5.14 30.18
N ARG C 108 11.46 4.14 29.89
CA ARG C 108 10.95 3.86 28.55
C ARG C 108 9.58 4.48 28.35
N PHE C 109 9.41 5.21 27.23
CA PHE C 109 8.15 5.92 26.92
C PHE C 109 7.92 6.03 25.41
N GLY C 110 6.66 5.86 25.04
CA GLY C 110 6.18 5.98 23.67
C GLY C 110 4.71 6.33 23.65
N TYR C 111 4.22 6.85 22.52
CA TYR C 111 2.80 7.16 22.34
C TYR C 111 2.15 6.02 21.58
N VAL C 112 0.87 5.79 21.83
CA VAL C 112 0.09 4.77 21.12
C VAL C 112 -0.02 5.17 19.63
N PRO C 113 -0.13 4.25 18.65
CA PRO C 113 -0.29 4.69 17.25
C PRO C 113 -1.58 5.49 17.13
N TYR C 114 -1.59 6.52 16.24
CA TYR C 114 -2.75 7.40 16.02
C TYR C 114 -3.16 8.09 17.31
N VAL C 115 -2.14 8.56 18.06
CA VAL C 115 -2.22 9.21 19.38
C VAL C 115 -3.38 10.23 19.46
N GLY C 116 -3.50 11.08 18.43
CA GLY C 116 -4.53 12.10 18.34
C GLY C 116 -5.95 11.58 18.48
N TYR C 117 -6.27 10.47 17.80
CA TYR C 117 -7.59 9.86 17.90
C TYR C 117 -7.83 9.25 19.29
N LYS C 118 -6.80 8.60 19.86
CA LYS C 118 -6.86 7.95 21.17
C LYS C 118 -7.04 8.93 22.35
N CYS C 119 -6.68 10.22 22.13
N CYS C 119 -6.68 10.21 22.17
CA CYS C 119 -6.81 11.35 23.06
CA CYS C 119 -6.87 11.18 23.25
C CYS C 119 -8.28 11.68 23.28
C CYS C 119 -8.33 11.67 23.32
N ILE C 120 -9.11 11.46 22.25
CA ILE C 120 -10.53 11.83 22.20
C ILE C 120 -11.43 10.86 22.93
N ASN C 121 -12.17 11.36 23.92
CA ASN C 121 -13.15 10.59 24.66
C ASN C 121 -14.52 10.79 24.02
N HIS C 122 -14.87 12.05 23.72
CA HIS C 122 -16.15 12.44 23.16
C HIS C 122 -16.05 13.79 22.45
N VAL C 123 -16.78 13.95 21.34
CA VAL C 123 -16.89 15.20 20.58
C VAL C 123 -18.39 15.52 20.50
N SER C 124 -18.73 16.78 20.81
CA SER C 124 -20.10 17.28 20.79
C SER C 124 -20.15 18.58 20.00
N ILE C 125 -21.16 18.70 19.13
CA ILE C 125 -21.42 19.91 18.35
C ILE C 125 -22.83 20.32 18.75
N SER C 126 -22.98 21.51 19.35
CA SER C 126 -24.27 21.99 19.83
C SER C 126 -24.55 23.46 19.48
N SER C 127 -25.85 23.82 19.51
CA SER C 127 -26.34 25.18 19.26
C SER C 127 -27.14 25.63 20.49
N CYS C 128 -27.97 26.67 20.32
CA CYS C 128 -28.83 27.22 21.37
C CYS C 128 -29.94 26.21 21.73
N ASN C 129 -30.35 25.37 20.75
CA ASN C 129 -31.40 24.36 20.88
C ASN C 129 -30.90 22.98 21.36
N GLY C 130 -29.60 22.88 21.65
CA GLY C 130 -28.98 21.64 22.12
C GLY C 130 -28.03 21.00 21.13
N VAL C 131 -27.66 19.72 21.40
CA VAL C 131 -26.74 18.92 20.59
C VAL C 131 -27.28 18.72 19.18
N ILE C 132 -26.47 19.09 18.16
CA ILE C 132 -26.74 18.94 16.73
C ILE C 132 -26.25 17.56 16.29
N TRP C 133 -25.05 17.17 16.75
CA TRP C 133 -24.37 15.92 16.45
C TRP C 133 -23.29 15.67 17.50
N GLU C 134 -23.12 14.41 17.88
CA GLU C 134 -22.11 13.99 18.86
C GLU C 134 -21.63 12.57 18.56
N ILE C 135 -20.44 12.24 19.07
CA ILE C 135 -19.81 10.94 18.87
C ILE C 135 -18.85 10.58 20.01
N GLU C 136 -18.72 9.27 20.29
CA GLU C 136 -17.76 8.75 21.24
C GLU C 136 -16.44 8.65 20.47
N GLY C 137 -15.32 8.89 21.17
CA GLY C 137 -13.98 8.84 20.59
C GLY C 137 -13.65 7.61 19.76
N GLU C 138 -14.05 6.41 20.25
CA GLU C 138 -13.82 5.16 19.53
C GLU C 138 -14.59 5.11 18.22
N GLU C 139 -15.81 5.66 18.20
CA GLU C 139 -16.63 5.66 16.98
C GLU C 139 -16.07 6.61 15.92
N LEU C 140 -15.52 7.76 16.34
CA LEU C 140 -14.86 8.72 15.46
C LEU C 140 -13.67 8.01 14.80
N TYR C 141 -12.84 7.32 15.60
CA TYR C 141 -11.68 6.55 15.17
C TYR C 141 -12.09 5.42 14.21
N ASN C 142 -13.17 4.70 14.54
CA ASN C 142 -13.74 3.63 13.70
C ASN C 142 -14.19 4.19 12.34
N ASN C 143 -14.75 5.40 12.33
CA ASN C 143 -15.19 6.08 11.12
C ASN C 143 -14.03 6.56 10.23
N CYS C 144 -12.84 6.77 10.80
CA CYS C 144 -11.67 7.27 10.08
C CYS C 144 -10.60 6.20 9.84
N ILE C 145 -10.81 4.97 10.35
CA ILE C 145 -9.85 3.85 10.27
C ILE C 145 -9.47 3.46 8.82
N ASN C 146 -10.32 3.77 7.84
CA ASN C 146 -10.08 3.48 6.43
C ASN C 146 -9.40 4.66 5.71
N ASN C 147 -9.21 5.79 6.43
CA ASN C 147 -8.57 7.00 5.91
C ASN C 147 -7.12 7.07 6.41
N THR C 148 -6.19 6.61 5.57
CA THR C 148 -4.75 6.54 5.83
C THR C 148 -4.15 7.91 6.15
N ILE C 149 -4.52 8.95 5.38
CA ILE C 149 -4.04 10.33 5.53
C ILE C 149 -4.44 10.88 6.92
N ALA C 150 -5.72 10.75 7.31
CA ALA C 150 -6.22 11.20 8.60
C ALA C 150 -5.50 10.48 9.75
N LEU C 151 -5.28 9.16 9.60
CA LEU C 151 -4.56 8.37 10.60
C LEU C 151 -3.10 8.82 10.74
N LYS C 152 -2.42 9.12 9.60
CA LYS C 152 -1.03 9.59 9.62
C LYS C 152 -0.92 10.95 10.33
N HIS C 153 -1.84 11.89 10.03
CA HIS C 153 -1.87 13.23 10.64
C HIS C 153 -2.05 13.18 12.15
N SER C 154 -2.81 12.19 12.66
CA SER C 154 -3.11 12.05 14.10
C SER C 154 -1.91 11.64 14.95
N GLY C 155 -0.83 11.19 14.30
CA GLY C 155 0.36 10.79 15.01
C GLY C 155 0.72 9.33 14.81
N TYR C 156 1.38 9.05 13.70
CA TYR C 156 1.84 7.71 13.37
C TYR C 156 3.20 7.83 12.71
N SER C 157 4.26 7.71 13.52
CA SER C 157 5.66 7.85 13.11
C SER C 157 6.56 7.13 14.09
N SER C 158 7.80 6.82 13.67
CA SER C 158 8.80 6.19 14.55
C SER C 158 9.15 7.15 15.69
N GLU C 159 9.20 8.46 15.39
CA GLU C 159 9.47 9.53 16.36
C GLU C 159 8.49 9.48 17.54
N LEU C 160 7.19 9.25 17.26
CA LEU C 160 6.16 9.20 18.30
C LEU C 160 5.88 7.82 18.89
N ASN C 161 5.81 6.79 18.05
CA ASN C 161 5.33 5.46 18.44
C ASN C 161 6.39 4.46 18.84
N ASP C 162 7.67 4.67 18.51
CA ASP C 162 8.70 3.76 18.99
C ASP C 162 8.90 4.01 20.48
N ILE C 163 9.25 2.98 21.23
CA ILE C 163 9.45 3.16 22.67
C ILE C 163 10.84 3.69 22.89
N SER C 164 10.93 5.00 23.22
CA SER C 164 12.19 5.69 23.45
C SER C 164 12.64 5.52 24.90
N ILE C 165 13.97 5.60 25.12
CA ILE C 165 14.55 5.45 26.45
C ILE C 165 15.29 6.73 26.87
N GLY C 166 15.04 7.14 28.12
CA GLY C 166 15.70 8.25 28.78
C GLY C 166 16.73 7.69 29.74
N LEU C 167 18.00 8.10 29.59
CA LEU C 167 19.10 7.60 30.41
C LEU C 167 19.43 8.46 31.64
N THR C 168 19.20 9.78 31.56
CA THR C 168 19.46 10.73 32.65
C THR C 168 18.19 11.53 32.98
N PRO C 169 18.05 12.15 34.18
CA PRO C 169 16.81 12.91 34.47
C PRO C 169 16.56 14.14 33.59
N ASN C 170 17.57 14.56 32.80
CA ASN C 170 17.50 15.71 31.90
C ASN C 170 17.52 15.30 30.41
N ASP C 171 17.59 13.98 30.15
CA ASP C 171 17.60 13.41 28.80
C ASP C 171 16.21 13.58 28.16
N THR C 172 16.17 13.95 26.87
CA THR C 172 14.92 14.10 26.14
C THR C 172 14.49 12.75 25.58
N ILE C 173 13.32 12.26 26.01
CA ILE C 173 12.73 10.99 25.55
C ILE C 173 12.00 11.27 24.23
N LYS C 174 11.09 12.29 24.23
CA LYS C 174 10.33 12.72 23.06
C LYS C 174 10.42 14.22 22.87
N GLU C 175 10.65 14.66 21.63
CA GLU C 175 10.72 16.06 21.25
C GLU C 175 9.30 16.61 21.14
N PRO C 176 9.05 17.94 21.29
CA PRO C 176 7.68 18.45 21.12
C PRO C 176 7.19 18.21 19.69
N SER C 177 5.89 17.98 19.54
CA SER C 177 5.29 17.64 18.24
C SER C 177 3.85 18.13 18.16
N THR C 178 3.33 18.31 16.94
CA THR C 178 1.94 18.71 16.72
C THR C 178 1.25 17.62 15.91
N VAL C 179 0.10 17.16 16.43
CA VAL C 179 -0.72 16.13 15.77
C VAL C 179 -2.05 16.74 15.35
N TYR C 180 -2.66 16.21 14.27
CA TYR C 180 -3.91 16.73 13.71
C TYR C 180 -4.94 15.64 13.62
N VAL C 181 -6.10 15.86 14.22
CA VAL C 181 -7.20 14.90 14.26
C VAL C 181 -8.35 15.39 13.40
N TYR C 182 -8.64 14.65 12.34
CA TYR C 182 -9.76 14.98 11.46
C TYR C 182 -11.04 14.48 12.12
N ILE C 183 -11.86 15.43 12.61
CA ILE C 183 -13.13 15.14 13.25
C ILE C 183 -14.16 14.96 12.12
N LYS C 184 -14.24 13.75 11.56
CA LYS C 184 -15.17 13.42 10.48
C LYS C 184 -16.60 13.59 11.00
N THR C 185 -17.40 14.37 10.27
CA THR C 185 -18.80 14.65 10.61
C THR C 185 -19.68 14.39 9.39
N PRO C 186 -21.02 14.24 9.53
CA PRO C 186 -21.87 14.06 8.34
C PRO C 186 -21.90 15.26 7.40
N PHE C 187 -21.35 16.40 7.85
CA PHE C 187 -21.30 17.65 7.06
C PHE C 187 -20.25 17.65 5.96
N ASP C 188 -19.38 16.63 5.93
CA ASP C 188 -18.27 16.50 4.97
C ASP C 188 -18.60 15.66 3.74
N VAL C 189 -19.62 14.78 3.84
CA VAL C 189 -20.07 13.83 2.79
C VAL C 189 -20.11 14.47 1.39
N GLU C 190 -20.90 15.54 1.22
CA GLU C 190 -21.07 16.19 -0.08
C GLU C 190 -20.64 17.65 -0.07
N ASP C 191 -19.51 17.92 0.63
CA ASP C 191 -18.86 19.22 0.75
C ASP C 191 -19.83 20.33 1.17
N THR C 192 -20.05 21.34 0.30
CA THR C 192 -20.92 22.48 0.60
C THR C 192 -22.39 22.10 0.77
N PHE C 193 -22.86 21.09 0.01
CA PHE C 193 -24.25 20.59 0.04
C PHE C 193 -24.65 20.03 1.40
N SER C 194 -23.71 19.34 2.06
CA SER C 194 -23.90 18.68 3.36
C SER C 194 -23.48 19.55 4.56
N SER C 195 -22.72 20.65 4.33
CA SER C 195 -22.17 21.55 5.35
C SER C 195 -23.16 21.98 6.44
N LEU C 196 -22.65 22.25 7.66
CA LEU C 196 -23.49 22.69 8.78
C LEU C 196 -23.83 24.17 8.59
N LYS C 197 -25.12 24.50 8.49
CA LYS C 197 -25.55 25.89 8.33
C LYS C 197 -25.84 26.54 9.69
N LEU C 198 -25.32 27.75 9.92
CA LEU C 198 -25.51 28.53 11.16
C LEU C 198 -26.62 29.58 10.93
N SER C 199 -27.87 29.29 11.37
CA SER C 199 -29.01 30.21 11.21
C SER C 199 -28.99 31.30 12.29
N ASP C 200 -28.01 32.23 12.20
CA ASP C 200 -27.77 33.32 13.16
C ASP C 200 -27.57 32.79 14.61
N SER C 201 -27.30 31.47 14.70
CA SER C 201 -27.08 30.70 15.93
C SER C 201 -25.59 30.53 16.24
N LYS C 202 -25.26 30.47 17.54
CA LYS C 202 -23.90 30.26 18.00
C LYS C 202 -23.67 28.76 18.14
N ILE C 203 -22.59 28.25 17.52
CA ILE C 203 -22.20 26.84 17.55
C ILE C 203 -21.08 26.64 18.56
N THR C 204 -21.18 25.57 19.35
CA THR C 204 -20.17 25.21 20.33
C THR C 204 -19.68 23.81 20.06
N VAL C 205 -18.36 23.66 19.90
CA VAL C 205 -17.71 22.37 19.70
C VAL C 205 -17.03 22.04 21.03
N THR C 206 -17.48 20.96 21.67
CA THR C 206 -16.94 20.49 22.94
C THR C 206 -16.19 19.18 22.76
N VAL C 207 -14.90 19.17 23.13
CA VAL C 207 -14.05 17.98 23.05
C VAL C 207 -13.67 17.53 24.45
N THR C 208 -14.06 16.30 24.81
CA THR C 208 -13.73 15.68 26.09
C THR C 208 -12.51 14.78 25.83
N PHE C 209 -11.47 14.90 26.67
CA PHE C 209 -10.24 14.14 26.52
C PHE C 209 -10.13 12.96 27.47
N ASN C 210 -9.46 11.90 27.01
CA ASN C 210 -9.19 10.71 27.79
C ASN C 210 -8.02 11.02 28.70
N PRO C 211 -7.83 10.35 29.87
CA PRO C 211 -6.62 10.62 30.68
C PRO C 211 -5.37 10.28 29.88
N VAL C 212 -4.26 11.03 30.08
CA VAL C 212 -3.02 10.84 29.32
C VAL C 212 -2.47 9.38 29.44
N SER C 213 -2.87 8.64 30.49
CA SER C 213 -2.50 7.24 30.73
C SER C 213 -2.86 6.33 29.55
N ASP C 214 -4.01 6.62 28.90
CA ASP C 214 -4.55 5.89 27.76
C ASP C 214 -3.71 6.00 26.48
N ILE C 215 -3.07 7.16 26.27
CA ILE C 215 -2.31 7.44 25.03
C ILE C 215 -0.81 7.15 25.14
N VAL C 216 -0.36 6.70 26.32
CA VAL C 216 1.06 6.48 26.60
C VAL C 216 1.38 5.00 26.95
N ILE C 217 2.52 4.52 26.40
CA ILE C 217 3.11 3.20 26.66
C ILE C 217 4.43 3.49 27.41
N ARG C 218 4.53 2.97 28.65
CA ARG C 218 5.68 3.23 29.53
CA ARG C 218 5.66 3.24 29.55
C ARG C 218 6.06 2.04 30.42
N ASP C 219 7.32 2.04 30.91
CA ASP C 219 7.81 1.03 31.84
C ASP C 219 7.68 1.61 33.26
N SER C 220 7.96 0.81 34.31
CA SER C 220 7.90 1.27 35.71
C SER C 220 8.93 2.36 36.04
N SER C 221 10.12 2.33 35.37
CA SER C 221 11.20 3.31 35.54
C SER C 221 10.75 4.73 35.21
N PHE C 222 9.88 4.90 34.20
CA PHE C 222 9.35 6.19 33.79
C PHE C 222 8.50 6.79 34.92
N ASP C 223 8.75 8.07 35.27
CA ASP C 223 8.00 8.75 36.33
C ASP C 223 6.67 9.25 35.79
N PHE C 224 5.68 8.35 35.73
CA PHE C 224 4.34 8.68 35.23
C PHE C 224 3.59 9.61 36.16
N GLU C 225 3.75 9.44 37.49
CA GLU C 225 3.09 10.26 38.51
C GLU C 225 3.33 11.76 38.25
N THR C 226 4.58 12.16 37.97
CA THR C 226 4.96 13.54 37.66
C THR C 226 4.44 13.95 36.28
N PHE C 227 4.63 13.08 35.25
CA PHE C 227 4.17 13.31 33.88
C PHE C 227 2.66 13.58 33.84
N ASN C 228 1.86 12.78 34.56
CA ASN C 228 0.41 12.94 34.65
C ASN C 228 0.01 14.27 35.28
N LYS C 229 0.77 14.76 36.28
CA LYS C 229 0.53 16.02 36.98
C LYS C 229 0.91 17.22 36.09
N GLU C 230 2.01 17.10 35.35
CA GLU C 230 2.55 18.15 34.48
C GLU C 230 1.94 18.21 33.07
N PHE C 231 1.34 17.10 32.59
CA PHE C 231 0.73 17.06 31.25
C PHE C 231 -0.55 17.85 31.16
N VAL C 232 -0.65 18.66 30.11
CA VAL C 232 -1.84 19.46 29.79
C VAL C 232 -2.16 19.30 28.31
N TYR C 233 -3.44 19.10 28.01
CA TYR C 233 -3.90 19.00 26.62
C TYR C 233 -3.96 20.43 26.07
N VAL C 234 -3.20 20.69 25.00
CA VAL C 234 -3.17 22.02 24.36
C VAL C 234 -3.83 21.92 22.97
N PRO C 235 -5.17 22.12 22.89
CA PRO C 235 -5.86 21.96 21.61
C PRO C 235 -6.16 23.26 20.86
N GLU C 236 -6.42 23.11 19.55
CA GLU C 236 -6.81 24.20 18.65
C GLU C 236 -7.74 23.59 17.61
N LEU C 237 -8.90 24.21 17.39
CA LEU C 237 -9.86 23.72 16.41
C LEU C 237 -9.80 24.52 15.12
N SER C 238 -9.69 23.82 14.00
CA SER C 238 -9.74 24.41 12.67
C SER C 238 -10.95 23.85 11.95
N PHE C 239 -11.49 24.62 11.01
CA PHE C 239 -12.66 24.24 10.19
C PHE C 239 -12.66 25.07 8.91
N ILE C 240 -13.37 24.58 7.89
CA ILE C 240 -13.53 25.32 6.65
C ILE C 240 -14.86 26.07 6.80
N GLY C 241 -14.78 27.38 6.93
CA GLY C 241 -15.94 28.26 7.05
C GLY C 241 -16.34 28.78 5.68
N TYR C 242 -17.63 29.03 5.47
CA TYR C 242 -18.15 29.52 4.20
C TYR C 242 -18.96 30.79 4.39
N MET C 243 -18.54 31.88 3.72
CA MET C 243 -19.23 33.17 3.72
C MET C 243 -20.13 33.14 2.49
N VAL C 244 -21.44 32.89 2.71
CA VAL C 244 -22.44 32.70 1.64
C VAL C 244 -23.34 33.94 1.44
N LYS C 245 -23.50 34.38 0.17
CA LYS C 245 -24.38 35.49 -0.18
C LYS C 245 -25.75 34.90 -0.56
N ASN C 246 -26.81 35.35 0.14
CA ASN C 246 -28.21 34.95 -0.04
C ASN C 246 -28.40 33.43 -0.04
N VAL C 247 -28.04 32.81 1.10
CA VAL C 247 -28.14 31.38 1.31
C VAL C 247 -29.61 30.95 1.32
N GLN C 248 -29.92 29.86 0.62
CA GLN C 248 -31.27 29.30 0.57
C GLN C 248 -31.20 27.98 1.32
N ILE C 249 -31.46 28.04 2.63
CA ILE C 249 -31.41 26.87 3.50
C ILE C 249 -32.67 26.03 3.32
N LYS C 250 -32.50 24.70 3.28
CA LYS C 250 -33.55 23.70 3.14
C LYS C 250 -33.42 22.68 4.27
N PRO C 251 -34.51 21.99 4.71
CA PRO C 251 -34.34 20.98 5.76
C PRO C 251 -33.54 19.76 5.26
N SER C 252 -32.80 19.10 6.15
CA SER C 252 -31.98 17.96 5.78
C SER C 252 -32.09 16.80 6.78
N PHE C 253 -31.29 15.75 6.57
CA PHE C 253 -31.23 14.57 7.43
C PHE C 253 -29.84 14.32 7.92
N ILE C 254 -29.72 13.86 9.16
CA ILE C 254 -28.45 13.53 9.79
C ILE C 254 -28.53 12.18 10.51
N GLU C 255 -27.48 11.36 10.38
CA GLU C 255 -27.37 10.07 11.05
C GLU C 255 -26.50 10.33 12.29
N LYS C 256 -27.04 10.08 13.48
CA LYS C 256 -26.33 10.31 14.73
C LYS C 256 -26.00 8.95 15.37
N PRO C 257 -24.69 8.63 15.59
CA PRO C 257 -24.36 7.33 16.19
C PRO C 257 -24.63 7.28 17.70
N ARG C 258 -25.13 6.12 18.15
CA ARG C 258 -25.45 5.79 19.54
C ARG C 258 -24.75 4.49 19.88
N ARG C 259 -23.96 4.53 20.94
CA ARG C 259 -23.19 3.39 21.39
C ARG C 259 -23.76 2.84 22.68
N VAL C 260 -23.84 1.51 22.77
CA VAL C 260 -24.28 0.79 23.96
C VAL C 260 -23.23 -0.29 24.24
N ILE C 261 -22.71 -0.32 25.48
CA ILE C 261 -21.71 -1.29 25.92
C ILE C 261 -22.35 -2.21 26.94
N GLY C 262 -22.28 -3.50 26.68
CA GLY C 262 -22.80 -4.53 27.58
C GLY C 262 -21.97 -4.68 28.83
N GLN C 263 -22.46 -5.47 29.78
CA GLN C 263 -21.77 -5.74 31.04
C GLN C 263 -20.60 -6.68 30.77
N ILE C 264 -19.60 -6.70 31.67
CA ILE C 264 -18.43 -7.58 31.56
C ILE C 264 -18.88 -9.04 31.45
N ASN C 265 -18.43 -9.71 30.38
CA ASN C 265 -18.70 -11.12 30.07
C ASN C 265 -20.22 -11.41 29.80
N GLN C 266 -20.98 -10.36 29.44
CA GLN C 266 -22.40 -10.48 29.10
C GLN C 266 -22.51 -10.55 27.56
N PRO C 267 -22.99 -11.68 27.00
CA PRO C 267 -23.06 -11.79 25.52
C PRO C 267 -24.30 -11.12 24.91
N THR C 268 -24.85 -10.11 25.58
CA THR C 268 -26.02 -9.36 25.11
C THR C 268 -25.84 -7.87 25.33
N ALA C 269 -26.60 -7.08 24.58
CA ALA C 269 -26.72 -5.63 24.66
C ALA C 269 -27.97 -5.21 23.90
N THR C 270 -28.63 -4.15 24.39
CA THR C 270 -29.87 -3.66 23.78
C THR C 270 -29.81 -2.17 23.55
N VAL C 271 -30.32 -1.75 22.38
CA VAL C 271 -30.46 -0.35 22.02
C VAL C 271 -31.96 -0.08 22.04
N THR C 272 -32.42 0.75 22.97
CA THR C 272 -33.84 1.07 23.12
C THR C 272 -34.24 2.21 22.20
N GLU C 273 -35.56 2.45 22.05
CA GLU C 273 -36.13 3.54 21.26
C GLU C 273 -35.52 3.66 19.84
N VAL C 274 -35.49 2.52 19.12
CA VAL C 274 -35.02 2.45 17.74
C VAL C 274 -36.27 2.65 16.89
N HIS C 275 -36.36 3.81 16.22
CA HIS C 275 -37.52 4.15 15.39
C HIS C 275 -37.18 4.23 13.91
N ALA C 276 -35.99 4.77 13.59
CA ALA C 276 -35.50 4.92 12.23
C ALA C 276 -33.97 4.82 12.23
N ALA C 277 -33.45 3.60 12.05
CA ALA C 277 -32.01 3.36 12.05
C ALA C 277 -31.49 3.01 10.65
N THR C 278 -30.35 3.60 10.27
CA THR C 278 -29.71 3.38 8.96
C THR C 278 -28.73 2.20 8.98
N SER C 279 -28.17 1.88 10.16
CA SER C 279 -27.21 0.78 10.33
C SER C 279 -27.04 0.37 11.78
N LEU C 280 -26.47 -0.83 11.97
CA LEU C 280 -26.16 -1.41 13.26
C LEU C 280 -24.85 -2.17 13.19
N SER C 281 -23.89 -1.79 14.04
CA SER C 281 -22.56 -2.41 14.11
C SER C 281 -22.37 -3.12 15.45
N VAL C 282 -21.71 -4.29 15.41
CA VAL C 282 -21.47 -5.12 16.58
C VAL C 282 -20.00 -5.54 16.62
N TYR C 283 -19.35 -5.38 17.78
CA TYR C 283 -17.96 -5.81 18.02
C TYR C 283 -17.68 -6.04 19.51
N THR C 284 -16.54 -6.66 19.80
CA THR C 284 -16.05 -6.97 21.14
C THR C 284 -14.85 -6.09 21.49
N LYS C 285 -14.72 -5.81 22.80
CA LYS C 285 -13.59 -5.08 23.37
C LYS C 285 -13.09 -5.90 24.56
N PRO C 286 -11.75 -6.00 24.77
CA PRO C 286 -11.28 -6.69 25.98
C PRO C 286 -11.40 -5.74 27.18
N TYR C 287 -11.47 -6.30 28.38
CA TYR C 287 -11.51 -5.52 29.60
C TYR C 287 -10.35 -5.99 30.45
N TYR C 288 -9.44 -5.06 30.79
CA TYR C 288 -8.22 -5.37 31.53
C TYR C 288 -8.21 -4.86 32.99
N GLY C 289 -9.39 -4.60 33.55
CA GLY C 289 -9.55 -4.13 34.93
C GLY C 289 -9.02 -5.09 35.99
N ASN C 290 -9.03 -6.39 35.68
CA ASN C 290 -8.53 -7.48 36.54
C ASN C 290 -6.99 -7.65 36.43
N THR C 291 -6.31 -6.74 35.69
CA THR C 291 -4.86 -6.75 35.46
C THR C 291 -4.24 -5.40 35.83
N ASP C 292 -2.90 -5.34 35.85
CA ASP C 292 -2.17 -4.11 36.10
C ASP C 292 -1.86 -3.39 34.76
N ASN C 293 -2.44 -3.90 33.65
CA ASN C 293 -2.32 -3.41 32.27
C ASN C 293 -0.87 -3.48 31.75
N LYS C 294 -0.09 -4.43 32.25
CA LYS C 294 1.29 -4.66 31.86
C LYS C 294 1.38 -5.81 30.90
N PHE C 295 2.22 -5.64 29.87
CA PHE C 295 2.49 -6.61 28.81
C PHE C 295 4.01 -6.75 28.69
N ILE C 296 4.49 -7.94 28.31
CA ILE C 296 5.91 -8.23 28.17
C ILE C 296 6.58 -7.35 27.11
N SER C 297 5.98 -7.29 25.91
CA SER C 297 6.54 -6.60 24.76
C SER C 297 5.56 -5.71 24.01
N TYR C 298 6.12 -4.84 23.16
CA TYR C 298 5.41 -3.93 22.27
C TYR C 298 6.33 -3.58 21.09
N PRO C 299 5.85 -3.69 19.83
CA PRO C 299 6.73 -3.47 18.68
C PRO C 299 7.07 -2.01 18.33
N GLY C 300 6.28 -1.07 18.86
CA GLY C 300 6.48 0.34 18.59
C GLY C 300 5.72 0.81 17.36
N TYR C 301 6.41 1.53 16.46
CA TYR C 301 5.85 2.06 15.22
C TYR C 301 5.44 0.96 14.25
N SER C 302 6.25 -0.09 14.15
CA SER C 302 6.03 -1.26 13.29
C SER C 302 4.81 -2.01 13.87
N GLN C 303 3.69 -2.01 13.13
CA GLN C 303 2.43 -2.54 13.62
C GLN C 303 1.90 -3.82 12.96
N ASP C 304 2.70 -4.51 12.13
CA ASP C 304 2.20 -5.75 11.53
C ASP C 304 2.16 -6.85 12.57
N GLU C 305 1.35 -7.90 12.32
CA GLU C 305 1.22 -9.07 13.18
C GLU C 305 2.61 -9.66 13.46
N LYS C 306 3.45 -9.77 12.42
CA LYS C 306 4.82 -10.29 12.50
C LYS C 306 5.70 -9.42 13.41
N ASP C 307 5.49 -8.08 13.40
CA ASP C 307 6.24 -7.15 14.23
C ASP C 307 5.97 -7.35 15.71
N TYR C 308 4.69 -7.61 16.05
CA TYR C 308 4.25 -7.90 17.41
C TYR C 308 4.89 -9.21 17.90
N ILE C 309 4.87 -10.25 17.05
CA ILE C 309 5.44 -11.57 17.32
C ILE C 309 6.96 -11.49 17.49
N ASP C 310 7.65 -10.80 16.56
CA ASP C 310 9.11 -10.63 16.60
C ASP C 310 9.59 -9.90 17.83
N ALA C 311 8.85 -8.86 18.26
CA ALA C 311 9.17 -8.07 19.45
C ALA C 311 9.07 -8.93 20.71
N TYR C 312 8.05 -9.82 20.75
CA TYR C 312 7.80 -10.74 21.85
C TYR C 312 8.88 -11.81 21.95
N VAL C 313 9.20 -12.46 20.81
CA VAL C 313 10.23 -13.50 20.69
C VAL C 313 11.57 -12.94 21.18
N SER C 314 11.93 -11.73 20.71
CA SER C 314 13.15 -11.01 21.06
C SER C 314 13.26 -10.73 22.57
N ARG C 315 12.14 -10.40 23.22
CA ARG C 315 12.08 -10.15 24.65
C ARG C 315 12.29 -11.42 25.50
N LEU C 316 11.85 -12.58 24.97
CA LEU C 316 11.97 -13.88 25.63
C LEU C 316 13.34 -14.54 25.43
N LEU C 317 13.96 -14.39 24.24
CA LEU C 317 15.22 -15.03 23.84
C LEU C 317 16.40 -14.85 24.82
N ASP C 318 16.50 -13.71 25.51
CA ASP C 318 17.57 -13.46 26.47
C ASP C 318 17.50 -14.39 27.69
N ASP C 319 16.28 -14.77 28.12
CA ASP C 319 16.05 -15.68 29.24
C ASP C 319 15.85 -17.12 28.78
N LEU C 320 15.49 -17.32 27.50
CA LEU C 320 15.23 -18.64 26.93
C LEU C 320 16.50 -19.45 26.71
N VAL C 321 17.50 -18.85 26.03
CA VAL C 321 18.79 -19.49 25.76
C VAL C 321 19.87 -18.70 26.48
N ILE C 322 20.56 -19.34 27.43
CA ILE C 322 21.59 -18.71 28.27
C ILE C 322 22.94 -19.41 28.11
N VAL C 323 24.00 -18.62 27.85
CA VAL C 323 25.38 -19.09 27.79
C VAL C 323 25.96 -18.71 29.16
N SER C 324 26.20 -19.71 30.02
CA SER C 324 26.68 -19.46 31.38
C SER C 324 27.80 -20.41 31.82
N ASP C 325 28.60 -19.95 32.81
CA ASP C 325 29.64 -20.74 33.44
C ASP C 325 28.93 -21.40 34.63
N GLY C 326 28.51 -22.64 34.44
CA GLY C 326 27.74 -23.38 35.41
C GLY C 326 26.26 -23.04 35.35
N PRO C 327 25.39 -23.66 36.21
CA PRO C 327 23.96 -23.36 36.13
C PRO C 327 23.62 -21.87 36.24
N PRO C 328 22.79 -21.31 35.32
CA PRO C 328 22.47 -19.87 35.36
C PRO C 328 21.80 -19.42 36.66
N THR C 329 22.20 -18.23 37.14
CA THR C 329 21.68 -17.62 38.37
C THR C 329 20.75 -16.45 38.04
N GLY C 330 19.97 -16.02 39.03
CA GLY C 330 19.04 -14.89 38.91
C GLY C 330 17.63 -15.26 38.46
N TYR C 331 17.31 -16.56 38.41
CA TYR C 331 15.99 -17.04 38.01
C TYR C 331 15.27 -17.67 39.21
N PRO C 332 13.91 -17.66 39.24
CA PRO C 332 13.19 -18.25 40.39
C PRO C 332 13.48 -19.75 40.59
N GLU C 333 13.22 -20.28 41.81
CA GLU C 333 13.44 -21.71 42.10
C GLU C 333 12.53 -22.60 41.26
N SER C 334 11.34 -22.10 40.90
CA SER C 334 10.36 -22.76 40.05
C SER C 334 10.88 -22.94 38.60
N ALA C 335 11.88 -22.13 38.18
CA ALA C 335 12.48 -22.20 36.84
C ALA C 335 13.22 -23.52 36.62
N GLU C 336 13.05 -24.10 35.43
CA GLU C 336 13.67 -25.37 35.07
C GLU C 336 14.63 -25.17 33.89
N ILE C 337 15.83 -24.68 34.21
CA ILE C 337 16.87 -24.41 33.22
C ILE C 337 17.75 -25.65 33.09
N VAL C 338 17.69 -26.27 31.91
CA VAL C 338 18.36 -27.51 31.55
C VAL C 338 19.53 -27.26 30.59
N GLU C 339 20.69 -27.92 30.84
CA GLU C 339 21.85 -27.83 29.97
C GLU C 339 21.55 -28.55 28.66
N VAL C 340 21.86 -27.89 27.54
CA VAL C 340 21.63 -28.42 26.20
C VAL C 340 22.61 -29.58 25.91
N PRO C 341 22.12 -30.78 25.55
CA PRO C 341 23.03 -31.91 25.25
C PRO C 341 23.83 -31.72 23.96
N GLU C 342 24.80 -32.64 23.70
CA GLU C 342 25.68 -32.67 22.52
C GLU C 342 24.95 -32.64 21.18
N ASP C 343 23.81 -33.33 21.05
CA ASP C 343 23.04 -33.34 19.80
C ASP C 343 22.24 -32.04 19.58
N GLY C 344 22.14 -31.23 20.63
CA GLY C 344 21.43 -29.95 20.63
C GLY C 344 19.97 -30.01 20.99
N ILE C 345 19.39 -31.24 21.07
CA ILE C 345 17.96 -31.44 21.34
C ILE C 345 17.64 -31.54 22.84
N VAL C 346 16.74 -30.66 23.30
CA VAL C 346 16.21 -30.63 24.67
C VAL C 346 14.72 -31.00 24.55
N SER C 347 14.28 -31.99 25.34
CA SER C 347 12.90 -32.44 25.31
C SER C 347 12.11 -31.89 26.48
N ILE C 348 10.99 -31.22 26.19
CA ILE C 348 10.06 -30.68 27.18
C ILE C 348 8.79 -31.46 26.86
N GLN C 349 8.63 -32.62 27.54
CA GLN C 349 7.57 -33.60 27.31
C GLN C 349 7.67 -34.08 25.84
N ASP C 350 6.62 -33.93 25.05
CA ASP C 350 6.58 -34.32 23.64
C ASP C 350 7.32 -33.33 22.71
N ALA C 351 7.54 -32.08 23.18
CA ALA C 351 8.19 -31.02 22.40
C ALA C 351 9.71 -31.06 22.43
N ASP C 352 10.33 -31.13 21.24
CA ASP C 352 11.79 -31.12 21.08
C ASP C 352 12.26 -29.75 20.62
N VAL C 353 13.23 -29.18 21.33
CA VAL C 353 13.81 -27.87 21.04
C VAL C 353 15.28 -28.07 20.66
N TYR C 354 15.64 -27.66 19.44
CA TYR C 354 16.99 -27.75 18.91
C TYR C 354 17.71 -26.43 19.19
N VAL C 355 18.75 -26.47 20.04
CA VAL C 355 19.52 -25.27 20.41
C VAL C 355 20.98 -25.47 20.03
N LYS C 356 21.51 -24.57 19.18
CA LYS C 356 22.91 -24.62 18.71
C LYS C 356 23.51 -23.22 18.63
N ILE C 357 24.43 -22.93 19.54
CA ILE C 357 25.12 -21.64 19.62
C ILE C 357 26.60 -21.82 19.28
N ASP C 358 27.09 -21.03 18.32
CA ASP C 358 28.49 -21.02 17.90
C ASP C 358 29.33 -20.13 18.82
N ASN C 359 30.66 -20.36 18.83
CA ASN C 359 31.68 -19.62 19.59
C ASN C 359 31.40 -19.56 21.12
N VAL C 360 30.93 -20.68 21.68
CA VAL C 360 30.68 -20.76 23.12
C VAL C 360 32.03 -20.99 23.83
N PRO C 361 32.42 -20.15 24.85
CA PRO C 361 33.70 -20.37 25.53
C PRO C 361 33.78 -21.75 26.21
N ASP C 362 34.98 -22.34 26.23
CA ASP C 362 35.26 -23.66 26.79
C ASP C 362 34.81 -23.83 28.25
N ASN C 363 34.91 -22.76 29.06
CA ASN C 363 34.50 -22.74 30.48
C ASN C 363 32.98 -22.56 30.65
N MET C 364 32.26 -22.29 29.54
CA MET C 364 30.82 -22.07 29.53
C MET C 364 30.03 -23.15 28.79
N SER C 365 28.71 -23.20 29.08
CA SER C 365 27.77 -24.14 28.48
C SER C 365 26.49 -23.43 28.03
N VAL C 366 25.72 -24.09 27.13
CA VAL C 366 24.45 -23.59 26.62
C VAL C 366 23.32 -24.20 27.47
N TYR C 367 22.41 -23.34 27.96
CA TYR C 367 21.28 -23.72 28.80
C TYR C 367 19.96 -23.27 28.14
N LEU C 368 18.89 -24.06 28.34
CA LEU C 368 17.56 -23.75 27.84
C LEU C 368 16.57 -23.65 28.99
N HIS C 369 15.86 -22.51 29.08
CA HIS C 369 14.83 -22.29 30.09
C HIS C 369 13.59 -23.04 29.57
N THR C 370 13.26 -24.19 30.19
CA THR C 370 12.19 -25.07 29.72
C THR C 370 10.79 -24.70 30.18
N ASN C 371 10.63 -23.65 31.01
CA ASN C 371 9.31 -23.21 31.48
C ASN C 371 9.29 -21.71 31.75
N LEU C 372 9.73 -20.90 30.76
CA LEU C 372 9.82 -19.44 30.86
C LEU C 372 8.51 -18.80 31.34
N LEU C 373 7.38 -19.24 30.76
CA LEU C 373 6.02 -18.84 31.13
C LEU C 373 5.19 -20.10 31.04
N MET C 374 4.47 -20.44 32.11
CA MET C 374 3.65 -21.66 32.15
C MET C 374 2.37 -21.45 32.92
N PHE C 375 1.27 -22.00 32.37
CA PHE C 375 -0.07 -21.87 32.96
C PHE C 375 -0.78 -23.23 33.02
N GLY C 376 -1.36 -23.52 34.19
CA GLY C 376 -2.11 -24.74 34.46
C GLY C 376 -3.09 -24.54 35.60
N THR C 377 -4.36 -25.01 35.43
CA THR C 377 -5.39 -24.87 36.46
C THR C 377 -5.34 -25.98 37.52
N ARG C 378 -4.69 -27.11 37.22
CA ARG C 378 -4.52 -28.24 38.14
C ARG C 378 -3.06 -28.68 38.02
N LYS C 379 -2.52 -29.34 39.07
CA LYS C 379 -1.14 -29.82 39.05
C LYS C 379 -0.90 -30.90 37.98
N ASN C 380 -1.96 -31.59 37.52
CA ASN C 380 -1.79 -32.59 36.46
C ASN C 380 -2.77 -32.39 35.28
N SER C 381 -3.03 -31.13 34.92
CA SER C 381 -3.85 -30.72 33.79
C SER C 381 -2.95 -30.46 32.56
N PHE C 382 -3.53 -29.96 31.46
CA PHE C 382 -2.76 -29.52 30.30
C PHE C 382 -2.06 -28.22 30.74
N ILE C 383 -0.77 -28.08 30.41
CA ILE C 383 0.04 -26.91 30.75
C ILE C 383 0.39 -26.13 29.50
N TYR C 384 0.04 -24.84 29.46
CA TYR C 384 0.41 -23.96 28.37
C TYR C 384 1.80 -23.41 28.73
N ASN C 385 2.84 -23.87 28.02
CA ASN C 385 4.23 -23.49 28.26
C ASN C 385 4.80 -22.81 27.02
N ILE C 386 5.20 -21.53 27.15
CA ILE C 386 5.75 -20.72 26.06
C ILE C 386 7.06 -21.30 25.50
N SER C 387 7.87 -21.97 26.35
CA SER C 387 9.14 -22.59 25.94
C SER C 387 8.90 -23.72 24.94
N LYS C 388 7.72 -24.38 25.01
CA LYS C 388 7.32 -25.47 24.11
C LYS C 388 6.92 -24.95 22.73
N LYS C 389 6.72 -23.62 22.59
CA LYS C 389 6.34 -22.95 21.33
C LYS C 389 7.57 -22.65 20.46
N PHE C 390 8.76 -23.11 20.89
CA PHE C 390 10.02 -22.98 20.16
C PHE C 390 10.48 -24.36 19.71
N SER C 391 10.97 -24.47 18.47
CA SER C 391 11.45 -25.74 17.93
C SER C 391 12.94 -25.71 17.58
N ALA C 392 13.46 -24.54 17.16
CA ALA C 392 14.87 -24.36 16.80
C ALA C 392 15.37 -22.95 17.09
N ILE C 393 16.54 -22.87 17.74
CA ILE C 393 17.20 -21.63 18.12
C ILE C 393 18.68 -21.72 17.78
N THR C 394 19.14 -20.87 16.85
CA THR C 394 20.54 -20.81 16.45
C THR C 394 21.09 -19.41 16.64
N GLY C 395 22.38 -19.33 16.87
CA GLY C 395 23.06 -18.06 17.07
C GLY C 395 24.55 -18.22 17.30
N THR C 396 25.20 -17.09 17.58
CA THR C 396 26.64 -17.04 17.84
C THR C 396 26.87 -16.20 19.08
N TYR C 397 27.68 -16.73 20.01
CA TYR C 397 28.05 -16.01 21.22
C TYR C 397 29.13 -14.98 20.85
N SER C 398 29.02 -13.77 21.41
CA SER C 398 29.97 -12.68 21.20
C SER C 398 30.86 -12.54 22.43
N ASP C 399 32.18 -12.73 22.25
CA ASP C 399 33.15 -12.60 23.34
C ASP C 399 33.30 -11.12 23.73
N ALA C 400 33.20 -10.22 22.73
CA ALA C 400 33.34 -8.77 22.90
C ALA C 400 32.21 -8.14 23.72
N THR C 401 30.94 -8.55 23.49
CA THR C 401 29.79 -7.98 24.21
C THR C 401 29.21 -8.93 25.28
N LYS C 402 29.76 -10.16 25.41
CA LYS C 402 29.33 -11.20 26.37
C LYS C 402 27.82 -11.48 26.24
N ARG C 403 27.34 -11.61 24.99
CA ARG C 403 25.95 -11.83 24.64
C ARG C 403 25.81 -12.79 23.49
N THR C 404 24.66 -13.49 23.41
CA THR C 404 24.35 -14.38 22.29
C THR C 404 23.61 -13.54 21.24
N ILE C 405 24.08 -13.59 19.99
CA ILE C 405 23.45 -12.91 18.87
C ILE C 405 22.70 -13.99 18.11
N PHE C 406 21.37 -14.03 18.25
CA PHE C 406 20.50 -15.01 17.64
C PHE C 406 20.38 -14.81 16.14
N ALA C 407 20.54 -15.90 15.38
CA ALA C 407 20.49 -15.90 13.92
C ALA C 407 19.08 -16.25 13.44
N HIS C 408 18.69 -17.54 13.51
CA HIS C 408 17.37 -17.98 13.07
CA HIS C 408 17.35 -17.95 13.08
C HIS C 408 16.60 -18.67 14.19
N ILE C 409 15.30 -18.34 14.32
CA ILE C 409 14.38 -18.88 15.32
C ILE C 409 13.19 -19.53 14.61
N SER C 410 12.97 -20.81 14.88
CA SER C 410 11.81 -21.54 14.36
C SER C 410 10.87 -21.69 15.56
N HIS C 411 9.69 -21.06 15.48
CA HIS C 411 8.72 -21.05 16.57
C HIS C 411 7.25 -21.03 16.07
N SER C 412 6.30 -21.16 17.01
CA SER C 412 4.87 -21.12 16.74
C SER C 412 4.15 -20.05 17.58
N ILE C 413 4.89 -18.98 17.95
CA ILE C 413 4.35 -17.85 18.71
C ILE C 413 3.33 -17.14 17.83
N ASN C 414 2.16 -16.84 18.39
CA ASN C 414 1.08 -16.16 17.69
C ASN C 414 0.79 -14.77 18.30
N ILE C 415 -0.14 -14.02 17.69
CA ILE C 415 -0.54 -12.69 18.12
C ILE C 415 -1.20 -12.68 19.52
N ILE C 416 -1.91 -13.77 19.88
CA ILE C 416 -2.58 -13.94 21.17
C ILE C 416 -1.54 -13.92 22.30
N ASP C 417 -0.41 -14.66 22.12
CA ASP C 417 0.72 -14.75 23.05
C ASP C 417 1.27 -13.38 23.42
N THR C 418 1.39 -12.48 22.42
CA THR C 418 1.91 -11.11 22.58
C THR C 418 0.86 -10.20 23.25
N SER C 419 -0.41 -10.64 23.27
CA SER C 419 -1.53 -9.89 23.83
C SER C 419 -1.96 -10.34 25.23
N ILE C 420 -1.23 -11.30 25.82
CA ILE C 420 -1.53 -11.78 27.17
C ILE C 420 -0.99 -10.78 28.19
N PRO C 421 -1.86 -10.18 29.05
CA PRO C 421 -1.35 -9.33 30.13
C PRO C 421 -0.54 -10.19 31.12
N VAL C 422 0.61 -9.66 31.60
CA VAL C 422 1.53 -10.33 32.54
C VAL C 422 0.80 -10.87 33.79
N SER C 423 -0.22 -10.12 34.27
CA SER C 423 -1.05 -10.50 35.43
C SER C 423 -1.75 -11.85 35.24
N LEU C 424 -2.18 -12.16 34.00
CA LEU C 424 -2.85 -13.42 33.68
C LEU C 424 -1.91 -14.63 33.77
N TRP C 425 -0.60 -14.42 33.60
CA TRP C 425 0.38 -15.50 33.74
C TRP C 425 0.56 -15.87 35.22
N THR C 426 0.25 -14.94 36.15
CA THR C 426 0.41 -15.16 37.59
C THR C 426 -0.91 -15.05 38.36
N SER C 427 -2.06 -15.24 37.67
CA SER C 427 -3.38 -15.19 38.32
C SER C 427 -3.58 -16.38 39.29
N GLN C 428 -4.56 -16.28 40.21
CA GLN C 428 -4.88 -17.31 41.20
C GLN C 428 -5.23 -18.67 40.61
N ARG C 429 -5.86 -18.69 39.42
CA ARG C 429 -6.24 -19.92 38.71
C ARG C 429 -5.00 -20.76 38.31
N ASN C 430 -3.81 -20.14 38.27
CA ASN C 430 -2.57 -20.83 37.94
C ASN C 430 -1.99 -21.47 39.20
N VAL C 431 -1.79 -22.81 39.17
CA VAL C 431 -1.22 -23.57 40.29
C VAL C 431 0.33 -23.45 40.31
N TYR C 432 0.92 -22.98 39.19
CA TYR C 432 2.35 -22.75 39.03
C TYR C 432 2.69 -21.29 39.30
N ASN C 433 4.00 -20.95 39.49
CA ASN C 433 4.45 -19.56 39.70
C ASN C 433 4.02 -18.71 38.49
N GLY C 434 4.23 -19.24 37.30
CA GLY C 434 3.78 -18.63 36.05
C GLY C 434 4.82 -17.87 35.27
N ASP C 435 5.42 -16.86 35.90
CA ASP C 435 6.42 -15.99 35.29
C ASP C 435 7.79 -16.35 35.86
N ASN C 436 8.54 -17.15 35.10
CA ASN C 436 9.87 -17.64 35.51
C ASN C 436 11.01 -16.87 34.84
N ARG C 437 10.73 -15.64 34.37
CA ARG C 437 11.70 -14.76 33.72
C ARG C 437 12.63 -14.12 34.77
N SER C 438 13.71 -13.49 34.30
CA SER C 438 14.65 -12.76 35.15
C SER C 438 14.00 -11.45 35.59
N ALA C 439 14.49 -10.86 36.69
CA ALA C 439 14.03 -9.57 37.23
C ALA C 439 14.27 -8.46 36.21
N GLU C 440 15.35 -8.59 35.40
CA GLU C 440 15.76 -7.68 34.32
C GLU C 440 14.66 -7.61 33.26
N SER C 441 14.18 -8.80 32.78
CA SER C 441 13.12 -8.90 31.79
C SER C 441 11.81 -8.32 32.32
N LYS C 442 11.42 -8.71 33.55
CA LYS C 442 10.20 -8.24 34.22
C LYS C 442 10.15 -6.71 34.37
N ALA C 443 11.32 -6.08 34.58
CA ALA C 443 11.48 -4.62 34.71
C ALA C 443 11.22 -3.91 33.37
N LYS C 444 11.45 -4.61 32.24
CA LYS C 444 11.24 -4.10 30.88
C LYS C 444 9.76 -4.18 30.41
N ASP C 445 8.85 -4.73 31.24
CA ASP C 445 7.43 -4.84 30.90
C ASP C 445 6.80 -3.45 30.72
N LEU C 446 5.82 -3.35 29.79
CA LEU C 446 5.19 -2.07 29.50
C LEU C 446 3.72 -1.98 29.82
N PHE C 447 3.30 -0.80 30.33
CA PHE C 447 1.91 -0.49 30.60
C PHE C 447 1.28 -0.04 29.29
N ILE C 448 0.23 -0.75 28.84
CA ILE C 448 -0.51 -0.43 27.62
C ILE C 448 -1.96 -0.24 28.02
N ASN C 449 -2.46 0.99 27.86
CA ASN C 449 -3.82 1.38 28.22
C ASN C 449 -4.63 1.95 27.07
N ASP C 450 -4.26 1.58 25.81
CA ASP C 450 -4.94 2.02 24.59
C ASP C 450 -6.47 1.83 24.76
N PRO C 451 -7.27 2.88 24.59
CA PRO C 451 -8.71 2.75 24.81
C PRO C 451 -9.52 2.14 23.66
N PHE C 452 -8.89 1.96 22.48
CA PHE C 452 -9.61 1.48 21.29
C PHE C 452 -9.23 0.05 20.85
N ILE C 453 -8.76 -0.80 21.78
CA ILE C 453 -8.44 -2.20 21.48
C ILE C 453 -9.76 -2.98 21.32
N LYS C 454 -9.83 -3.84 20.30
CA LYS C 454 -10.97 -4.70 19.99
C LYS C 454 -10.54 -6.17 19.99
N GLY C 455 -11.47 -7.07 20.27
CA GLY C 455 -11.24 -8.51 20.31
C GLY C 455 -10.43 -8.93 21.54
N ILE C 456 -9.55 -9.92 21.37
CA ILE C 456 -8.71 -10.41 22.48
C ILE C 456 -7.22 -10.25 22.19
N ASP C 457 -6.88 -9.64 21.05
CA ASP C 457 -5.50 -9.40 20.66
C ASP C 457 -5.30 -7.99 20.11
N PHE C 458 -4.06 -7.49 20.14
CA PHE C 458 -3.69 -6.14 19.68
C PHE C 458 -4.03 -5.84 18.22
N LYS C 459 -4.14 -6.88 17.36
CA LYS C 459 -4.47 -6.71 15.94
C LYS C 459 -5.93 -6.97 15.60
N ASN C 460 -6.74 -7.45 16.59
CA ASN C 460 -8.15 -7.85 16.41
C ASN C 460 -8.24 -8.97 15.32
N LYS C 461 -7.19 -9.82 15.27
CA LYS C 461 -7.03 -10.93 14.32
C LYS C 461 -8.00 -12.05 14.66
N THR C 462 -8.01 -12.50 15.93
CA THR C 462 -8.87 -13.57 16.38
C THR C 462 -10.33 -13.13 16.41
N ASP C 463 -11.19 -13.86 15.68
CA ASP C 463 -12.62 -13.62 15.69
C ASP C 463 -13.20 -14.54 16.78
N ILE C 464 -13.74 -13.94 17.84
CA ILE C 464 -14.23 -14.71 18.99
C ILE C 464 -15.76 -14.78 19.05
N ILE C 465 -16.45 -14.30 18.02
CA ILE C 465 -17.91 -14.41 17.91
C ILE C 465 -18.16 -15.60 16.98
N SER C 466 -18.89 -16.63 17.48
CA SER C 466 -19.25 -17.82 16.68
C SER C 466 -20.58 -17.63 16.00
N ARG C 467 -21.50 -16.92 16.69
CA ARG C 467 -22.86 -16.68 16.23
C ARG C 467 -23.34 -15.31 16.67
N LEU C 468 -24.08 -14.62 15.79
CA LEU C 468 -24.66 -13.31 16.04
C LEU C 468 -26.14 -13.36 15.73
N GLU C 469 -26.94 -12.88 16.67
CA GLU C 469 -28.39 -12.81 16.55
C GLU C 469 -28.83 -11.40 16.85
N VAL C 470 -29.58 -10.81 15.94
CA VAL C 470 -30.13 -9.46 16.08
C VAL C 470 -31.67 -9.57 16.07
N ARG C 471 -32.30 -8.97 17.08
CA ARG C 471 -33.75 -8.95 17.23
C ARG C 471 -34.28 -7.54 17.22
N PHE C 472 -35.37 -7.32 16.45
CA PHE C 472 -36.08 -6.05 16.43
C PHE C 472 -37.37 -6.38 17.15
N GLY C 473 -37.43 -6.00 18.43
CA GLY C 473 -38.52 -6.37 19.32
C GLY C 473 -38.30 -7.81 19.74
N ASN C 474 -39.30 -8.67 19.51
CA ASN C 474 -39.19 -10.09 19.84
C ASN C 474 -38.80 -10.92 18.62
N ASP C 475 -38.94 -10.34 17.41
CA ASP C 475 -38.64 -11.00 16.15
C ASP C 475 -37.16 -10.96 15.78
N VAL C 476 -36.67 -12.08 15.24
CA VAL C 476 -35.30 -12.20 14.77
C VAL C 476 -35.22 -11.45 13.45
N LEU C 477 -34.43 -10.38 13.43
CA LEU C 477 -34.23 -9.55 12.26
C LEU C 477 -33.14 -10.17 11.39
N TYR C 478 -32.05 -10.62 12.01
CA TYR C 478 -30.90 -11.21 11.34
C TYR C 478 -30.13 -12.14 12.27
N SER C 479 -29.56 -13.21 11.70
CA SER C 479 -28.69 -14.14 12.42
C SER C 479 -27.63 -14.72 11.48
N GLU C 480 -26.44 -15.03 12.03
CA GLU C 480 -25.34 -15.60 11.26
C GLU C 480 -24.45 -16.50 12.11
N ASN C 481 -23.90 -17.53 11.48
CA ASN C 481 -23.00 -18.53 12.09
C ASN C 481 -21.57 -18.37 11.58
N GLY C 482 -21.35 -17.31 10.81
CA GLY C 482 -20.08 -16.93 10.20
C GLY C 482 -20.05 -15.42 10.02
N PRO C 483 -18.86 -14.79 9.87
CA PRO C 483 -18.85 -13.31 9.81
C PRO C 483 -19.20 -12.69 8.46
N ILE C 484 -20.26 -13.20 7.82
CA ILE C 484 -20.67 -12.71 6.50
C ILE C 484 -21.04 -11.20 6.53
N SER C 485 -21.61 -10.69 7.65
CA SER C 485 -21.92 -9.26 7.78
C SER C 485 -20.63 -8.39 7.89
N ARG C 486 -19.52 -8.95 8.40
CA ARG C 486 -18.21 -8.26 8.46
C ARG C 486 -17.58 -8.28 7.06
N ILE C 487 -17.75 -9.41 6.31
CA ILE C 487 -17.28 -9.57 4.94
C ILE C 487 -17.93 -8.50 4.06
N TYR C 488 -19.27 -8.33 4.18
CA TYR C 488 -20.02 -7.32 3.42
C TYR C 488 -19.62 -5.92 3.82
N ASN C 489 -19.42 -5.68 5.12
CA ASN C 489 -18.98 -4.38 5.61
C ASN C 489 -17.63 -4.00 4.97
N GLU C 490 -16.65 -4.93 5.00
CA GLU C 490 -15.33 -4.75 4.40
C GLU C 490 -15.41 -4.55 2.88
N LEU C 491 -16.26 -5.31 2.17
CA LEU C 491 -16.46 -5.20 0.72
C LEU C 491 -17.09 -3.87 0.29
N LEU C 492 -18.18 -3.47 0.96
CA LEU C 492 -18.95 -2.27 0.64
C LEU C 492 -18.29 -0.98 1.07
N THR C 493 -17.48 -0.99 2.14
CA THR C 493 -16.79 0.21 2.62
C THR C 493 -15.35 0.28 2.13
N LYS C 494 -14.87 -0.80 1.45
CA LYS C 494 -13.50 -0.94 0.93
C LYS C 494 -12.48 -0.70 2.07
N SER C 495 -12.61 -1.52 3.12
CA SER C 495 -11.79 -1.45 4.32
C SER C 495 -11.36 -2.86 4.72
N ASN C 496 -10.21 -2.96 5.40
CA ASN C 496 -9.68 -4.24 5.88
C ASN C 496 -9.85 -4.39 7.38
N ASN C 497 -10.40 -3.34 8.04
CA ASN C 497 -10.63 -3.32 9.49
C ASN C 497 -12.07 -2.96 9.78
N GLY C 498 -12.97 -3.82 9.29
CA GLY C 498 -14.41 -3.70 9.42
C GLY C 498 -14.99 -4.49 10.58
N THR C 499 -16.29 -4.31 10.82
CA THR C 499 -17.05 -4.94 11.91
C THR C 499 -18.33 -5.60 11.37
N ARG C 500 -18.99 -6.42 12.21
CA ARG C 500 -20.25 -7.08 11.88
C ARG C 500 -21.29 -5.96 11.81
N THR C 501 -21.64 -5.57 10.58
CA THR C 501 -22.53 -4.45 10.33
C THR C 501 -23.72 -4.82 9.46
N LEU C 502 -24.91 -4.38 9.88
CA LEU C 502 -26.15 -4.53 9.14
C LEU C 502 -26.45 -3.14 8.61
N THR C 503 -26.43 -2.99 7.28
CA THR C 503 -26.70 -1.72 6.61
C THR C 503 -28.13 -1.76 6.08
N PHE C 504 -28.92 -0.75 6.45
CA PHE C 504 -30.30 -0.64 5.99
C PHE C 504 -30.43 0.36 4.87
N ASN C 505 -29.44 1.26 4.76
CA ASN C 505 -29.43 2.31 3.75
C ASN C 505 -28.43 2.08 2.61
N PHE C 506 -28.94 1.78 1.40
CA PHE C 506 -28.14 1.64 0.19
C PHE C 506 -28.43 2.80 -0.76
N THR C 507 -29.16 3.82 -0.27
CA THR C 507 -29.55 5.01 -1.03
C THR C 507 -28.43 6.05 -0.95
N PRO C 508 -28.08 6.76 -2.06
CA PRO C 508 -27.03 7.80 -1.97
C PRO C 508 -27.37 8.84 -0.91
N LYS C 509 -26.35 9.19 -0.10
CA LYS C 509 -26.49 10.16 0.98
C LYS C 509 -26.70 11.59 0.47
N ILE C 510 -27.31 12.46 1.31
CA ILE C 510 -27.57 13.88 1.11
C ILE C 510 -28.67 14.14 0.05
N PHE C 511 -28.54 13.56 -1.15
CA PHE C 511 -29.48 13.75 -2.26
C PHE C 511 -30.80 13.00 -2.09
N PHE C 512 -30.80 11.99 -1.22
CA PHE C 512 -31.98 11.21 -0.92
C PHE C 512 -32.19 11.11 0.59
N ARG C 513 -33.45 10.95 1.03
CA ARG C 513 -33.77 10.73 2.43
C ARG C 513 -33.31 9.29 2.74
N PRO C 514 -32.42 9.07 3.75
CA PRO C 514 -31.94 7.71 4.01
C PRO C 514 -33.01 6.66 4.30
N THR C 515 -32.83 5.45 3.76
CA THR C 515 -33.69 4.28 3.98
C THR C 515 -33.38 3.78 5.39
N THR C 516 -34.41 3.46 6.17
CA THR C 516 -34.23 3.03 7.55
C THR C 516 -35.09 1.82 7.91
N ILE C 517 -34.69 1.11 8.96
CA ILE C 517 -35.49 0.05 9.57
C ILE C 517 -36.50 0.85 10.41
N THR C 518 -37.81 0.62 10.23
CA THR C 518 -38.79 1.44 10.92
C THR C 518 -39.55 0.68 12.01
N ALA C 519 -39.74 1.37 13.15
CA ALA C 519 -40.42 0.86 14.33
C ALA C 519 -41.93 0.61 14.15
N ASN C 520 -42.48 -0.24 15.04
CA ASN C 520 -43.89 -0.59 15.19
C ASN C 520 -44.07 -0.71 16.70
N VAL C 521 -44.31 0.44 17.36
CA VAL C 521 -44.45 0.58 18.82
C VAL C 521 -45.55 -0.33 19.38
N SER C 522 -46.71 -0.42 18.68
CA SER C 522 -47.85 -1.27 19.09
C SER C 522 -47.48 -2.76 19.17
N ARG C 523 -46.64 -3.23 18.21
CA ARG C 523 -46.16 -4.61 18.14
C ARG C 523 -44.90 -4.86 18.98
N GLY C 524 -44.39 -3.80 19.64
CA GLY C 524 -43.21 -3.85 20.50
C GLY C 524 -41.87 -3.79 19.78
N LYS C 525 -41.91 -3.63 18.44
CA LYS C 525 -40.71 -3.53 17.58
C LYS C 525 -40.16 -2.10 17.58
N ASP C 526 -39.51 -1.69 18.68
CA ASP C 526 -38.92 -0.35 18.84
C ASP C 526 -37.57 -0.42 19.58
N LYS C 527 -36.91 -1.58 19.52
CA LYS C 527 -35.63 -1.81 20.17
C LYS C 527 -34.82 -2.86 19.42
N LEU C 528 -33.48 -2.72 19.43
CA LEU C 528 -32.61 -3.69 18.80
C LEU C 528 -31.81 -4.43 19.86
N SER C 529 -32.06 -5.74 19.96
CA SER C 529 -31.38 -6.62 20.91
C SER C 529 -30.35 -7.46 20.20
N VAL C 530 -29.13 -7.42 20.69
CA VAL C 530 -28.02 -8.18 20.12
C VAL C 530 -27.61 -9.27 21.06
N ARG C 531 -27.40 -10.45 20.49
CA ARG C 531 -26.97 -11.62 21.23
C ARG C 531 -25.84 -12.26 20.48
N VAL C 532 -24.74 -12.54 21.17
CA VAL C 532 -23.61 -13.25 20.57
C VAL C 532 -23.37 -14.57 21.32
N VAL C 533 -22.69 -15.53 20.66
CA VAL C 533 -22.25 -16.78 21.26
C VAL C 533 -20.76 -16.73 21.01
N TYR C 534 -19.99 -16.73 22.08
CA TYR C 534 -18.54 -16.64 21.98
C TYR C 534 -17.89 -17.96 21.65
N SER C 535 -16.77 -17.91 20.91
CA SER C 535 -15.96 -19.08 20.57
C SER C 535 -15.36 -19.66 21.85
N THR C 536 -15.23 -20.99 21.87
CA THR C 536 -14.71 -21.74 23.01
C THR C 536 -13.18 -21.85 23.00
N MET C 537 -12.61 -22.17 24.17
CA MET C 537 -11.17 -22.30 24.40
C MET C 537 -10.91 -23.16 25.60
N GLY C 538 -9.68 -23.68 25.68
CA GLY C 538 -9.22 -24.47 26.81
C GLY C 538 -8.98 -23.57 28.01
N VAL C 539 -9.30 -24.08 29.22
CA VAL C 539 -9.15 -23.35 30.48
C VAL C 539 -7.70 -23.12 30.86
N ASN C 540 -6.80 -23.85 30.24
CA ASN C 540 -5.37 -23.76 30.56
C ASN C 540 -4.61 -22.78 29.66
N HIS C 541 -5.34 -21.96 28.89
CA HIS C 541 -4.77 -20.93 28.05
C HIS C 541 -4.98 -19.59 28.78
N PRO C 542 -3.91 -18.84 29.12
CA PRO C 542 -4.11 -17.57 29.89
C PRO C 542 -5.10 -16.58 29.26
N ILE C 543 -5.19 -16.53 27.91
CA ILE C 543 -6.11 -15.62 27.20
C ILE C 543 -7.60 -15.95 27.47
N TYR C 544 -7.91 -17.18 27.93
CA TYR C 544 -9.26 -17.63 28.29
C TYR C 544 -9.86 -16.71 29.36
N TYR C 545 -9.00 -16.11 30.21
CA TYR C 545 -9.39 -15.25 31.33
C TYR C 545 -9.44 -13.76 30.98
N VAL C 546 -9.27 -13.41 29.68
CA VAL C 546 -9.43 -12.00 29.28
C VAL C 546 -10.93 -11.75 29.28
N GLN C 547 -11.35 -10.74 30.05
CA GLN C 547 -12.76 -10.38 30.17
C GLN C 547 -13.15 -9.64 28.88
N LYS C 548 -14.38 -9.85 28.41
CA LYS C 548 -14.88 -9.26 27.16
C LYS C 548 -16.13 -8.42 27.38
N GLN C 549 -16.29 -7.37 26.57
CA GLN C 549 -17.49 -6.54 26.57
C GLN C 549 -17.98 -6.40 25.14
N LEU C 550 -19.31 -6.54 24.97
CA LEU C 550 -19.98 -6.45 23.67
C LEU C 550 -20.38 -5.01 23.44
N VAL C 551 -20.04 -4.48 22.26
CA VAL C 551 -20.32 -3.10 21.87
C VAL C 551 -21.31 -3.13 20.71
N VAL C 552 -22.39 -2.35 20.84
CA VAL C 552 -23.42 -2.21 19.82
C VAL C 552 -23.58 -0.74 19.46
N VAL C 553 -23.40 -0.43 18.16
CA VAL C 553 -23.49 0.92 17.62
C VAL C 553 -24.69 1.00 16.68
N CYS C 554 -25.56 1.97 16.92
CA CYS C 554 -26.78 2.19 16.17
C CYS C 554 -26.77 3.60 15.59
N ASN C 555 -27.08 3.74 14.30
CA ASN C 555 -27.14 5.06 13.67
C ASN C 555 -28.60 5.45 13.51
N ASP C 556 -29.07 6.42 14.32
CA ASP C 556 -30.45 6.90 14.29
C ASP C 556 -30.58 8.06 13.33
N LEU C 557 -31.70 8.09 12.58
CA LEU C 557 -31.97 9.17 11.65
C LEU C 557 -32.66 10.33 12.36
N TYR C 558 -32.18 11.53 12.12
CA TYR C 558 -32.72 12.78 12.66
C TYR C 558 -32.99 13.76 11.50
N LYS C 559 -33.93 14.70 11.71
CA LYS C 559 -34.26 15.74 10.74
C LYS C 559 -33.61 17.04 11.21
N VAL C 560 -32.94 17.76 10.30
CA VAL C 560 -32.28 19.03 10.61
C VAL C 560 -33.19 20.16 10.12
N SER C 561 -33.68 21.00 11.05
CA SER C 561 -34.54 22.15 10.75
C SER C 561 -33.85 23.44 11.18
N TYR C 562 -34.26 24.58 10.57
CA TYR C 562 -33.60 25.86 10.81
C TYR C 562 -34.55 27.02 11.20
N ASP C 563 -35.76 26.68 11.74
CA ASP C 563 -36.80 27.64 12.17
C ASP C 563 -36.28 28.74 13.13
N GLN C 564 -35.83 28.37 14.35
CA GLN C 564 -35.27 29.31 15.33
C GLN C 564 -33.86 28.83 15.69
N GLY C 565 -32.96 28.97 14.72
CA GLY C 565 -31.59 28.49 14.83
C GLY C 565 -31.52 27.03 14.38
N VAL C 566 -30.37 26.37 14.56
CA VAL C 566 -30.20 24.96 14.18
C VAL C 566 -30.77 24.06 15.27
N SER C 567 -31.58 23.07 14.86
CA SER C 567 -32.15 22.06 15.76
C SER C 567 -32.30 20.72 15.08
N ILE C 568 -32.24 19.63 15.87
CA ILE C 568 -32.41 18.26 15.35
C ILE C 568 -33.62 17.60 16.02
N THR C 569 -34.39 16.83 15.23
CA THR C 569 -35.56 16.12 15.70
C THR C 569 -35.44 14.64 15.31
N LYS C 570 -35.61 13.74 16.29
CA LYS C 570 -35.55 12.30 16.07
C LYS C 570 -36.74 11.86 15.23
N ILE C 571 -36.48 11.12 14.14
CA ILE C 571 -37.51 10.57 13.25
C ILE C 571 -38.21 9.45 14.01
N MET C 572 -39.56 9.53 14.13
CA MET C 572 -40.38 8.56 14.85
C MET C 572 -41.70 8.28 14.13
C1 RFV D . -28.19 13.66 -8.90
C2 RFV D . -28.13 14.98 -9.37
C3 RFV D . -27.77 15.23 -10.69
C4 RFV D . -27.90 14.23 -11.63
C5 RFV D . -28.93 11.96 -12.23
C6 RFV D . -29.30 10.71 -11.79
C7 RFV D . -29.33 10.33 -10.45
C8 RFV D . -28.93 11.29 -9.46
C9 RFV D . -28.50 12.63 -9.88
C10 RFV D . -28.47 12.96 -11.30
C11 RFV D . -29.32 12.03 -13.68
C12 RFV D . -29.46 10.53 -14.06
C13 RFV D . -30.63 10.19 -14.93
C14 RFV D . -29.78 8.96 -10.03
C15 RFV D . -28.16 17.31 -8.42
C16 RFV D . -27.45 18.14 -7.39
C17 RFV D . -26.09 18.26 -7.33
C18 RFV D . -25.13 17.75 -8.26
C19 RFV D . -23.81 17.89 -8.15
C20 RFV D . -22.76 17.44 -9.15
C21 RFV D . -22.60 15.91 -9.25
C22 RFV D . -21.63 15.40 -10.34
C23 RFV D . -21.94 13.92 -10.81
C24 RFV D . -23.30 13.68 -11.57
C25 RFV D . -23.32 12.24 -12.21
C26 RFV D . -24.73 11.54 -12.26
C27 RFV D . -24.83 10.28 -13.16
C28 RFV D . -26.25 9.83 -13.43
C29 RFV D . -26.97 10.29 -14.43
C30 RFV D . -28.37 18.77 -6.38
C31 RFV D . -23.08 18.06 -10.51
C32 RFV D . -20.16 15.58 -9.94
C33 RFV D . -23.62 14.77 -12.60
C34 RFV D . -25.26 11.26 -10.85
C35 RFV D . -21.53 11.81 -13.75
C36 RFV D . -21.13 11.98 -15.18
C37 RFV D . -23.13 8.64 -13.45
N1 RFV D . -27.88 15.98 -8.38
O1 RFV D . -27.47 13.30 -7.79
O2 RFV D . -28.94 10.99 -8.12
O3 RFV D . -29.63 9.83 -12.79
O4 RFV D . -28.44 12.76 -14.53
O5 RFV D . -28.31 9.78 -14.59
O6 RFV D . -24.06 9.23 -12.56
O7 RFV D . -22.77 12.30 -13.54
O8 RFV D . -20.86 11.31 -12.91
O9 RFV D . -21.85 13.04 -9.70
O10 RFV D . -22.28 15.36 -7.98
O11 RFV D . -28.89 17.83 -9.27
O12 RFV D . -27.39 14.43 -12.88
C FMT E . 15.23 11.56 -4.98
O1 FMT E . 15.16 12.54 -4.28
O2 FMT E . 15.97 11.73 -6.11
C FMT F . 18.24 29.64 7.46
O1 FMT F . 19.04 29.44 6.53
O2 FMT F . 17.12 30.40 7.17
C FMT G . 23.29 5.96 -24.31
O1 FMT G . 23.83 7.03 -24.50
O2 FMT G . 23.87 5.18 -23.34
C FMT H . -4.81 19.40 -14.33
O1 FMT H . -3.75 18.78 -14.18
O2 FMT H . -5.87 18.95 -13.60
C FMT I . -8.72 1.54 -28.40
O1 FMT I . -8.71 1.94 -29.56
O2 FMT I . -9.84 1.86 -27.67
C FMT J . -9.09 29.82 2.28
O1 FMT J . -8.67 29.69 3.42
O2 FMT J . -8.92 28.72 1.48
C FMT K . 15.70 21.35 -6.85
O1 FMT K . 16.64 21.30 -7.64
O2 FMT K . 15.00 20.20 -6.73
C FMT L . 19.50 3.54 15.90
O1 FMT L . 19.60 3.99 17.03
O2 FMT L . 18.83 4.34 15.02
C FMT M . -25.19 14.29 -15.94
O1 FMT M . -26.04 15.12 -15.64
O2 FMT M . -25.50 13.50 -17.01
C FMT N . 22.71 19.64 10.00
O1 FMT N . 21.86 20.16 10.70
O2 FMT N . 23.15 20.40 8.95
C FMT O . -6.12 8.38 -14.49
O1 FMT O . -6.14 7.92 -13.35
O2 FMT O . -7.30 8.94 -14.91
C FMT P . 26.87 17.41 16.76
O1 FMT P . 27.93 16.94 16.39
O2 FMT P . 25.79 16.60 16.67
C1 EDO Q . -19.24 31.97 -8.99
O1 EDO Q . -18.71 30.89 -9.76
C2 EDO Q . -18.39 32.29 -7.73
O2 EDO Q . -17.13 32.91 -8.02
C1 EDO R . 38.33 22.75 2.67
O1 EDO R . 38.58 21.35 2.57
C2 EDO R . 37.57 23.06 3.98
O2 EDO R . 37.36 24.45 4.13
C1 EDO S . 22.23 8.31 19.74
O1 EDO S . 21.89 6.98 19.38
C2 EDO S . 23.57 8.75 19.10
O2 EDO S . 23.94 10.05 19.55
C FMT T . 40.05 -20.75 -11.34
O1 FMT T . 40.50 -19.71 -11.78
O2 FMT T . 39.27 -21.46 -12.21
C FMT U . -26.48 8.81 -8.36
O1 FMT U . -26.76 9.52 -7.40
O2 FMT U . -25.43 7.95 -8.17
C FMT V . 16.09 -18.05 -19.91
O1 FMT V . 16.35 -17.18 -19.10
O2 FMT V . 15.77 -19.28 -19.39
C FMT W . -1.33 -21.95 -16.69
O1 FMT W . -1.89 -21.10 -16.01
O2 FMT W . -1.89 -23.17 -16.65
C1 EDO X . -28.90 -7.51 6.67
O1 EDO X . -29.95 -8.28 7.25
C2 EDO X . -29.27 -6.02 6.65
O2 EDO X . -28.24 -5.31 5.98
C FMT Y . 2.22 -24.94 24.84
O1 FMT Y . 2.61 -25.73 25.68
O2 FMT Y . 1.59 -25.52 23.79
C FMT Z . -1.80 -0.84 20.98
O1 FMT Z . -1.55 0.34 21.15
O2 FMT Z . -2.46 -1.10 19.82
C FMT AA . -6.90 6.31 2.28
O1 FMT AA . -7.50 7.39 2.29
O2 FMT AA . -7.68 5.20 2.15
C FMT BA . -31.22 -14.98 9.33
O1 FMT BA . -30.66 -14.10 8.68
O2 FMT BA . -30.61 -16.21 9.33
C FMT CA . -3.41 12.73 -35.68
O1 FMT CA . -3.35 13.79 -36.27
O2 FMT CA . -3.33 11.61 -36.46
C FMT DA . -3.10 -18.58 24.84
O1 FMT DA . -3.74 -19.29 24.10
O2 FMT DA . -3.71 -18.25 26.01
C FMT EA . 6.38 -22.64 37.73
O1 FMT EA . 5.88 -21.58 37.44
O2 FMT EA . 6.01 -23.14 38.94
C1 EDO FA . 6.06 -28.22 31.97
O1 EDO FA . 5.31 -28.17 30.76
C2 EDO FA . 7.57 -28.20 31.63
O2 EDO FA . 8.35 -28.22 32.81
C1 EDO GA . -0.80 -17.75 41.67
O1 EDO GA . -0.03 -18.75 41.02
C2 EDO GA . -1.44 -18.31 42.96
O2 EDO GA . -2.25 -19.44 42.68
#